data_7HO8
# 
_entry.id   7HO8 
# 
_audit_conform.dict_name       mmcif_pdbx.dic 
_audit_conform.dict_version    5.399 
_audit_conform.dict_location   http://mmcif.pdb.org/dictionaries/ascii/mmcif_pdbx.dic 
# 
loop_
_database_2.database_id 
_database_2.database_code 
_database_2.pdbx_database_accession 
_database_2.pdbx_DOI 
PDB   7HO8         pdb_00007ho8 10.2210/pdb7ho8/pdb 
WWPDB D_1001407722 ?            ?                   
# 
_pdbx_audit_revision_history.ordinal             1 
_pdbx_audit_revision_history.data_content_type   'Structure model' 
_pdbx_audit_revision_history.major_revision      1 
_pdbx_audit_revision_history.minor_revision      0 
_pdbx_audit_revision_history.revision_date       2024-11-27 
# 
_pdbx_audit_revision_details.ordinal             1 
_pdbx_audit_revision_details.revision_ordinal    1 
_pdbx_audit_revision_details.data_content_type   'Structure model' 
_pdbx_audit_revision_details.provider            repository 
_pdbx_audit_revision_details.type                'Initial release' 
_pdbx_audit_revision_details.description         ? 
_pdbx_audit_revision_details.details             ? 
# 
_pdbx_database_status.entry_id                        7HO8 
_pdbx_database_status.status_code                     REL 
_pdbx_database_status.status_code_sf                  REL 
_pdbx_database_status.status_code_mr                  ? 
_pdbx_database_status.status_code_cs                  ? 
_pdbx_database_status.recvd_initial_deposition_date   2024-11-04 
_pdbx_database_status.status_code_nmr_data            ? 
_pdbx_database_status.deposit_site                    RCSB 
_pdbx_database_status.process_site                    RCSB 
_pdbx_database_status.SG_entry                        ? 
_pdbx_database_status.pdb_format_compatible           Y 
_pdbx_database_status.methods_development_category    ? 
# 
_pdbx_contact_author.id                 1 
_pdbx_contact_author.email              knapp@pharmchem.uni-frankfurt.de 
_pdbx_contact_author.name_first         Stefan 
_pdbx_contact_author.name_last          Knapp 
_pdbx_contact_author.role               'principal investigator/group leader' 
_pdbx_contact_author.identifier_ORCID   0000-0001-5995-6494 
_pdbx_contact_author.name_mi            ? 
# 
loop_
_audit_author.name 
_audit_author.pdbx_ordinal 
'Kim, Y.'                              1 
'Marples, P.'                          2 
'Fearon, D.'                           3 
'von Delft, F.'                        4 
'Knapp, S.'                            5 
'Kraemer, A.'                          6 
'Structural Genomics Consortium (SGC)' 7 
# 
_citation.id                        primary 
_citation.title                     'PanDDA analysis group deposition' 
_citation.journal_abbrev            'To Be Published' 
_citation.journal_volume            ? 
_citation.page_first                ? 
_citation.page_last                 ? 
_citation.year                      ? 
_citation.journal_id_ASTM           ? 
_citation.country                   ? 
_citation.journal_id_ISSN           ? 
_citation.journal_id_CSD            0353 
_citation.book_publisher            ? 
_citation.pdbx_database_id_PubMed   ? 
_citation.pdbx_database_id_DOI      ? 
# 
loop_
_citation_author.citation_id 
_citation_author.name 
_citation_author.identifier_ORCID 
_citation_author.ordinal 
primary 'Kim, Y.'                              ? 1 
primary 'Marples, P.'                          ? 2 
primary 'Fearon, D.'                           ? 3 
primary 'von Delft, F.'                        ? 4 
primary 'Knapp, S.'                            ? 5 
primary 'Kraemer, A.'                          ? 6 
primary 'Structural Genomics Consortium (SGC)' ? 7 
# 
loop_
_entity.id 
_entity.type 
_entity.src_method 
_entity.pdbx_description 
_entity.formula_weight 
_entity.pdbx_number_of_molecules 
_entity.pdbx_ec 
_entity.pdbx_mutation 
_entity.pdbx_fragment 
_entity.details 
1 polymer     man 'E3 ubiquitin-protein ligase TRIM21' 21596.361 1   2.3.2.27 ? ? ? 
2 non-polymer syn '(benzyloxy)acetic acid'             166.174   1   ?        ? ? ? 
3 non-polymer syn 1,2-ETHANEDIOL                       62.068    1   ?        ? ? ? 
4 non-polymer syn 'SULFATE ION'                        96.063    1   ?        ? ? ? 
5 water       nat water                                18.015    145 ?        ? ? ? 
# 
_entity_name_com.entity_id   1 
_entity_name_com.name        
;52 kDa Ro protein,52 kDa ribonucleoprotein autoantigen Ro/SS-A,Ro(SS-A),Sjoegren syndrome type A antigen,SS-A,Tripartite motif-containing protein 21
;
# 
_entity_poly.entity_id                      1 
_entity_poly.type                           'polypeptide(L)' 
_entity_poly.nstd_linkage                   no 
_entity_poly.nstd_monomer                   no 
_entity_poly.pdbx_seq_one_letter_code       
;MHHHHHHMVHITLDRNTANSWLIISKDRRQVRMGDTHQNVSDNKERFSNYPMVLGAQRFSSGKMYWEVDVTQKEAWDLGV
CRDSVQRKGQFSLSPENGFWTIWLWQDSYEAGTSPQTTLHIQVPPCQIGIFVDYEAGVVSFYNITDHGSLIYTFSECVFA
GPLRPFFNVGFNYSGGNAAPLKLCPLKM
;
_entity_poly.pdbx_seq_one_letter_code_can   
;MHHHHHHMVHITLDRNTANSWLIISKDRRQVRMGDTHQNVSDNKERFSNYPMVLGAQRFSSGKMYWEVDVTQKEAWDLGV
CRDSVQRKGQFSLSPENGFWTIWLWQDSYEAGTSPQTTLHIQVPPCQIGIFVDYEAGVVSFYNITDHGSLIYTFSECVFA
GPLRPFFNVGFNYSGGNAAPLKLCPLKM
;
_entity_poly.pdbx_strand_id                 B 
_entity_poly.pdbx_target_identifier         ? 
# 
loop_
_pdbx_entity_nonpoly.entity_id 
_pdbx_entity_nonpoly.name 
_pdbx_entity_nonpoly.comp_id 
2 '(benzyloxy)acetic acid' O1J 
3 1,2-ETHANEDIOL           EDO 
4 'SULFATE ION'            SO4 
5 water                    HOH 
# 
loop_
_entity_poly_seq.entity_id 
_entity_poly_seq.num 
_entity_poly_seq.mon_id 
_entity_poly_seq.hetero 
1 1   MET n 
1 2   HIS n 
1 3   HIS n 
1 4   HIS n 
1 5   HIS n 
1 6   HIS n 
1 7   HIS n 
1 8   MET n 
1 9   VAL n 
1 10  HIS n 
1 11  ILE n 
1 12  THR n 
1 13  LEU n 
1 14  ASP n 
1 15  ARG n 
1 16  ASN n 
1 17  THR n 
1 18  ALA n 
1 19  ASN n 
1 20  SER n 
1 21  TRP n 
1 22  LEU n 
1 23  ILE n 
1 24  ILE n 
1 25  SER n 
1 26  LYS n 
1 27  ASP n 
1 28  ARG n 
1 29  ARG n 
1 30  GLN n 
1 31  VAL n 
1 32  ARG n 
1 33  MET n 
1 34  GLY n 
1 35  ASP n 
1 36  THR n 
1 37  HIS n 
1 38  GLN n 
1 39  ASN n 
1 40  VAL n 
1 41  SER n 
1 42  ASP n 
1 43  ASN n 
1 44  LYS n 
1 45  GLU n 
1 46  ARG n 
1 47  PHE n 
1 48  SER n 
1 49  ASN n 
1 50  TYR n 
1 51  PRO n 
1 52  MET n 
1 53  VAL n 
1 54  LEU n 
1 55  GLY n 
1 56  ALA n 
1 57  GLN n 
1 58  ARG n 
1 59  PHE n 
1 60  SER n 
1 61  SER n 
1 62  GLY n 
1 63  LYS n 
1 64  MET n 
1 65  TYR n 
1 66  TRP n 
1 67  GLU n 
1 68  VAL n 
1 69  ASP n 
1 70  VAL n 
1 71  THR n 
1 72  GLN n 
1 73  LYS n 
1 74  GLU n 
1 75  ALA n 
1 76  TRP n 
1 77  ASP n 
1 78  LEU n 
1 79  GLY n 
1 80  VAL n 
1 81  CYS n 
1 82  ARG n 
1 83  ASP n 
1 84  SER n 
1 85  VAL n 
1 86  GLN n 
1 87  ARG n 
1 88  LYS n 
1 89  GLY n 
1 90  GLN n 
1 91  PHE n 
1 92  SER n 
1 93  LEU n 
1 94  SER n 
1 95  PRO n 
1 96  GLU n 
1 97  ASN n 
1 98  GLY n 
1 99  PHE n 
1 100 TRP n 
1 101 THR n 
1 102 ILE n 
1 103 TRP n 
1 104 LEU n 
1 105 TRP n 
1 106 GLN n 
1 107 ASP n 
1 108 SER n 
1 109 TYR n 
1 110 GLU n 
1 111 ALA n 
1 112 GLY n 
1 113 THR n 
1 114 SER n 
1 115 PRO n 
1 116 GLN n 
1 117 THR n 
1 118 THR n 
1 119 LEU n 
1 120 HIS n 
1 121 ILE n 
1 122 GLN n 
1 123 VAL n 
1 124 PRO n 
1 125 PRO n 
1 126 CYS n 
1 127 GLN n 
1 128 ILE n 
1 129 GLY n 
1 130 ILE n 
1 131 PHE n 
1 132 VAL n 
1 133 ASP n 
1 134 TYR n 
1 135 GLU n 
1 136 ALA n 
1 137 GLY n 
1 138 VAL n 
1 139 VAL n 
1 140 SER n 
1 141 PHE n 
1 142 TYR n 
1 143 ASN n 
1 144 ILE n 
1 145 THR n 
1 146 ASP n 
1 147 HIS n 
1 148 GLY n 
1 149 SER n 
1 150 LEU n 
1 151 ILE n 
1 152 TYR n 
1 153 THR n 
1 154 PHE n 
1 155 SER n 
1 156 GLU n 
1 157 CYS n 
1 158 VAL n 
1 159 PHE n 
1 160 ALA n 
1 161 GLY n 
1 162 PRO n 
1 163 LEU n 
1 164 ARG n 
1 165 PRO n 
1 166 PHE n 
1 167 PHE n 
1 168 ASN n 
1 169 VAL n 
1 170 GLY n 
1 171 PHE n 
1 172 ASN n 
1 173 TYR n 
1 174 SER n 
1 175 GLY n 
1 176 GLY n 
1 177 ASN n 
1 178 ALA n 
1 179 ALA n 
1 180 PRO n 
1 181 LEU n 
1 182 LYS n 
1 183 LEU n 
1 184 CYS n 
1 185 PRO n 
1 186 LEU n 
1 187 LYS n 
1 188 MET n 
# 
_entity_src_gen.entity_id                          1 
_entity_src_gen.pdbx_src_id                        1 
_entity_src_gen.pdbx_alt_source_flag               sample 
_entity_src_gen.pdbx_seq_type                      'Biological sequence' 
_entity_src_gen.pdbx_beg_seq_num                   1 
_entity_src_gen.pdbx_end_seq_num                   188 
_entity_src_gen.gene_src_common_name               'house mouse' 
_entity_src_gen.gene_src_genus                     ? 
_entity_src_gen.pdbx_gene_src_gene                 'Trim21, Ro52, Ssa1' 
_entity_src_gen.gene_src_species                   ? 
_entity_src_gen.gene_src_strain                    ? 
_entity_src_gen.gene_src_tissue                    ? 
_entity_src_gen.gene_src_tissue_fraction           ? 
_entity_src_gen.gene_src_details                   ? 
_entity_src_gen.pdbx_gene_src_fragment             ? 
_entity_src_gen.pdbx_gene_src_scientific_name      'Mus musculus' 
_entity_src_gen.pdbx_gene_src_ncbi_taxonomy_id     10090 
_entity_src_gen.pdbx_gene_src_variant              ? 
_entity_src_gen.pdbx_gene_src_cell_line            ? 
_entity_src_gen.pdbx_gene_src_atcc                 ? 
_entity_src_gen.pdbx_gene_src_organ                ? 
_entity_src_gen.pdbx_gene_src_organelle            ? 
_entity_src_gen.pdbx_gene_src_cell                 ? 
_entity_src_gen.pdbx_gene_src_cellular_location    ? 
_entity_src_gen.host_org_common_name               ? 
_entity_src_gen.pdbx_host_org_scientific_name      'Escherichia coli' 
_entity_src_gen.pdbx_host_org_ncbi_taxonomy_id     562 
_entity_src_gen.host_org_genus                     ? 
_entity_src_gen.pdbx_host_org_gene                 ? 
_entity_src_gen.pdbx_host_org_organ                ? 
_entity_src_gen.host_org_species                   ? 
_entity_src_gen.pdbx_host_org_tissue               ? 
_entity_src_gen.pdbx_host_org_tissue_fraction      ? 
_entity_src_gen.pdbx_host_org_strain               ? 
_entity_src_gen.pdbx_host_org_variant              ? 
_entity_src_gen.pdbx_host_org_cell_line            ? 
_entity_src_gen.pdbx_host_org_atcc                 ? 
_entity_src_gen.pdbx_host_org_culture_collection   ? 
_entity_src_gen.pdbx_host_org_cell                 ? 
_entity_src_gen.pdbx_host_org_organelle            ? 
_entity_src_gen.pdbx_host_org_cellular_location    ? 
_entity_src_gen.pdbx_host_org_vector_type          ? 
_entity_src_gen.pdbx_host_org_vector               ? 
_entity_src_gen.host_org_details                   ? 
_entity_src_gen.expression_system_id               ? 
_entity_src_gen.plasmid_name                       ? 
_entity_src_gen.plasmid_details                    ? 
_entity_src_gen.pdbx_description                   ? 
# 
loop_
_chem_comp.id 
_chem_comp.type 
_chem_comp.mon_nstd_flag 
_chem_comp.name 
_chem_comp.pdbx_synonyms 
_chem_comp.formula 
_chem_comp.formula_weight 
ALA 'L-peptide linking' y ALANINE                  ?                 'C3 H7 N O2'     89.093  
ARG 'L-peptide linking' y ARGININE                 ?                 'C6 H15 N4 O2 1' 175.209 
ASN 'L-peptide linking' y ASPARAGINE               ?                 'C4 H8 N2 O3'    132.118 
ASP 'L-peptide linking' y 'ASPARTIC ACID'          ?                 'C4 H7 N O4'     133.103 
CYS 'L-peptide linking' y CYSTEINE                 ?                 'C3 H7 N O2 S'   121.158 
EDO non-polymer         . 1,2-ETHANEDIOL           'ETHYLENE GLYCOL' 'C2 H6 O2'       62.068  
GLN 'L-peptide linking' y GLUTAMINE                ?                 'C5 H10 N2 O3'   146.144 
GLU 'L-peptide linking' y 'GLUTAMIC ACID'          ?                 'C5 H9 N O4'     147.129 
GLY 'peptide linking'   y GLYCINE                  ?                 'C2 H5 N O2'     75.067  
HIS 'L-peptide linking' y HISTIDINE                ?                 'C6 H10 N3 O2 1' 156.162 
HOH non-polymer         . WATER                    ?                 'H2 O'           18.015  
ILE 'L-peptide linking' y ISOLEUCINE               ?                 'C6 H13 N O2'    131.173 
LEU 'L-peptide linking' y LEUCINE                  ?                 'C6 H13 N O2'    131.173 
LYS 'L-peptide linking' y LYSINE                   ?                 'C6 H15 N2 O2 1' 147.195 
MET 'L-peptide linking' y METHIONINE               ?                 'C5 H11 N O2 S'  149.211 
O1J non-polymer         . '(benzyloxy)acetic acid' ?                 'C9 H10 O3'      166.174 
PHE 'L-peptide linking' y PHENYLALANINE            ?                 'C9 H11 N O2'    165.189 
PRO 'L-peptide linking' y PROLINE                  ?                 'C5 H9 N O2'     115.130 
SER 'L-peptide linking' y SERINE                   ?                 'C3 H7 N O3'     105.093 
SO4 non-polymer         . 'SULFATE ION'            ?                 'O4 S -2'        96.063  
THR 'L-peptide linking' y THREONINE                ?                 'C4 H9 N O3'     119.119 
TRP 'L-peptide linking' y TRYPTOPHAN               ?                 'C11 H12 N2 O2'  204.225 
TYR 'L-peptide linking' y TYROSINE                 ?                 'C9 H11 N O3'    181.189 
VAL 'L-peptide linking' y VALINE                   ?                 'C5 H11 N O2'    117.146 
# 
loop_
_pdbx_poly_seq_scheme.asym_id 
_pdbx_poly_seq_scheme.entity_id 
_pdbx_poly_seq_scheme.seq_id 
_pdbx_poly_seq_scheme.mon_id 
_pdbx_poly_seq_scheme.ndb_seq_num 
_pdbx_poly_seq_scheme.pdb_seq_num 
_pdbx_poly_seq_scheme.auth_seq_num 
_pdbx_poly_seq_scheme.pdb_mon_id 
_pdbx_poly_seq_scheme.auth_mon_id 
_pdbx_poly_seq_scheme.pdb_strand_id 
_pdbx_poly_seq_scheme.pdb_ins_code 
_pdbx_poly_seq_scheme.hetero 
A 1 1   MET 1   7   ?   ?   ?   B . n 
A 1 2   HIS 2   8   8   HIS HIS B . n 
A 1 3   HIS 3   9   9   HIS HIS B . n 
A 1 4   HIS 4   10  10  HIS HIS B . n 
A 1 5   HIS 5   11  11  HIS HIS B . n 
A 1 6   HIS 6   12  12  HIS HIS B . n 
A 1 7   HIS 7   13  13  HIS HIS B . n 
A 1 8   MET 8   14  14  MET MET B . n 
A 1 9   VAL 9   15  15  VAL VAL B . n 
A 1 10  HIS 10  16  16  HIS HIS B . n 
A 1 11  ILE 11  17  17  ILE ILE B . n 
A 1 12  THR 12  18  18  THR THR B . n 
A 1 13  LEU 13  19  19  LEU LEU B . n 
A 1 14  ASP 14  20  20  ASP ASP B . n 
A 1 15  ARG 15  21  21  ARG ARG B . n 
A 1 16  ASN 16  22  22  ASN ASN B . n 
A 1 17  THR 17  23  23  THR THR B . n 
A 1 18  ALA 18  24  24  ALA ALA B . n 
A 1 19  ASN 19  25  25  ASN ASN B . n 
A 1 20  SER 20  26  26  SER SER B . n 
A 1 21  TRP 21  27  27  TRP TRP B . n 
A 1 22  LEU 22  28  28  LEU LEU B . n 
A 1 23  ILE 23  29  29  ILE ILE B . n 
A 1 24  ILE 24  30  30  ILE ILE B . n 
A 1 25  SER 25  31  31  SER SER B . n 
A 1 26  LYS 26  32  32  LYS LYS B . n 
A 1 27  ASP 27  33  33  ASP ASP B . n 
A 1 28  ARG 28  34  34  ARG ARG B . n 
A 1 29  ARG 29  35  35  ARG ARG B . n 
A 1 30  GLN 30  36  36  GLN GLN B . n 
A 1 31  VAL 31  37  37  VAL VAL B . n 
A 1 32  ARG 32  38  38  ARG ARG B . n 
A 1 33  MET 33  39  39  MET MET B . n 
A 1 34  GLY 34  40  40  GLY GLY B . n 
A 1 35  ASP 35  41  41  ASP ASP B . n 
A 1 36  THR 36  42  42  THR THR B . n 
A 1 37  HIS 37  43  43  HIS HIS B . n 
A 1 38  GLN 38  44  44  GLN GLN B . n 
A 1 39  ASN 39  45  45  ASN ASN B . n 
A 1 40  VAL 40  46  46  VAL VAL B . n 
A 1 41  SER 41  47  47  SER SER B . n 
A 1 42  ASP 42  48  48  ASP ASP B . n 
A 1 43  ASN 43  49  49  ASN ASN B . n 
A 1 44  LYS 44  50  50  LYS LYS B . n 
A 1 45  GLU 45  51  51  GLU GLU B . n 
A 1 46  ARG 46  52  52  ARG ARG B . n 
A 1 47  PHE 47  53  53  PHE PHE B . n 
A 1 48  SER 48  54  54  SER SER B . n 
A 1 49  ASN 49  55  55  ASN ASN B . n 
A 1 50  TYR 50  56  56  TYR TYR B . n 
A 1 51  PRO 51  57  57  PRO PRO B . n 
A 1 52  MET 52  58  58  MET MET B . n 
A 1 53  VAL 53  59  59  VAL VAL B . n 
A 1 54  LEU 54  60  60  LEU LEU B . n 
A 1 55  GLY 55  61  61  GLY GLY B . n 
A 1 56  ALA 56  62  62  ALA ALA B . n 
A 1 57  GLN 57  63  63  GLN GLN B . n 
A 1 58  ARG 58  64  64  ARG ARG B . n 
A 1 59  PHE 59  65  65  PHE PHE B . n 
A 1 60  SER 60  66  66  SER SER B . n 
A 1 61  SER 61  67  67  SER SER B . n 
A 1 62  GLY 62  68  68  GLY GLY B . n 
A 1 63  LYS 63  69  69  LYS LYS B . n 
A 1 64  MET 64  70  70  MET MET B . n 
A 1 65  TYR 65  71  71  TYR TYR B . n 
A 1 66  TRP 66  72  72  TRP TRP B . n 
A 1 67  GLU 67  73  73  GLU GLU B . n 
A 1 68  VAL 68  74  74  VAL VAL B . n 
A 1 69  ASP 69  75  75  ASP ASP B . n 
A 1 70  VAL 70  76  76  VAL VAL B . n 
A 1 71  THR 71  77  77  THR THR B . n 
A 1 72  GLN 72  78  78  GLN GLN B . n 
A 1 73  LYS 73  79  79  LYS LYS B . n 
A 1 74  GLU 74  80  80  GLU GLU B . n 
A 1 75  ALA 75  81  81  ALA ALA B . n 
A 1 76  TRP 76  82  82  TRP TRP B . n 
A 1 77  ASP 77  83  83  ASP ASP B . n 
A 1 78  LEU 78  84  84  LEU LEU B . n 
A 1 79  GLY 79  85  85  GLY GLY B . n 
A 1 80  VAL 80  86  86  VAL VAL B . n 
A 1 81  CYS 81  87  87  CYS CYS B . n 
A 1 82  ARG 82  88  88  ARG ARG B . n 
A 1 83  ASP 83  89  89  ASP ASP B . n 
A 1 84  SER 84  90  90  SER SER B . n 
A 1 85  VAL 85  91  91  VAL VAL B . n 
A 1 86  GLN 86  92  92  GLN GLN B . n 
A 1 87  ARG 87  93  93  ARG ARG B . n 
A 1 88  LYS 88  94  94  LYS LYS B . n 
A 1 89  GLY 89  95  95  GLY GLY B . n 
A 1 90  GLN 90  96  96  GLN GLN B . n 
A 1 91  PHE 91  97  97  PHE PHE B . n 
A 1 92  SER 92  98  98  SER SER B . n 
A 1 93  LEU 93  99  99  LEU LEU B . n 
A 1 94  SER 94  100 100 SER SER B . n 
A 1 95  PRO 95  101 101 PRO PRO B . n 
A 1 96  GLU 96  102 102 GLU GLU B . n 
A 1 97  ASN 97  103 103 ASN ASN B . n 
A 1 98  GLY 98  104 104 GLY GLY B . n 
A 1 99  PHE 99  105 105 PHE PHE B . n 
A 1 100 TRP 100 106 106 TRP TRP B . n 
A 1 101 THR 101 107 107 THR THR B . n 
A 1 102 ILE 102 108 108 ILE ILE B . n 
A 1 103 TRP 103 109 109 TRP TRP B . n 
A 1 104 LEU 104 110 110 LEU LEU B . n 
A 1 105 TRP 105 111 111 TRP TRP B . n 
A 1 106 GLN 106 112 112 GLN GLN B . n 
A 1 107 ASP 107 113 113 ASP ASP B . n 
A 1 108 SER 108 114 114 SER SER B . n 
A 1 109 TYR 109 115 115 TYR TYR B . n 
A 1 110 GLU 110 116 116 GLU GLU B . n 
A 1 111 ALA 111 117 117 ALA ALA B . n 
A 1 112 GLY 112 118 118 GLY GLY B . n 
A 1 113 THR 113 119 119 THR THR B . n 
A 1 114 SER 114 120 120 SER SER B . n 
A 1 115 PRO 115 121 121 PRO PRO B . n 
A 1 116 GLN 116 122 122 GLN GLN B . n 
A 1 117 THR 117 123 123 THR THR B . n 
A 1 118 THR 118 124 124 THR THR B . n 
A 1 119 LEU 119 125 125 LEU LEU B . n 
A 1 120 HIS 120 126 126 HIS HIS B . n 
A 1 121 ILE 121 127 127 ILE ILE B . n 
A 1 122 GLN 122 128 128 GLN GLN B . n 
A 1 123 VAL 123 129 129 VAL VAL B . n 
A 1 124 PRO 124 130 130 PRO PRO B . n 
A 1 125 PRO 125 131 131 PRO PRO B . n 
A 1 126 CYS 126 132 132 CYS CYS B . n 
A 1 127 GLN 127 133 133 GLN GLN B . n 
A 1 128 ILE 128 134 134 ILE ILE B . n 
A 1 129 GLY 129 135 135 GLY GLY B . n 
A 1 130 ILE 130 136 136 ILE ILE B . n 
A 1 131 PHE 131 137 137 PHE PHE B . n 
A 1 132 VAL 132 138 138 VAL VAL B . n 
A 1 133 ASP 133 139 139 ASP ASP B . n 
A 1 134 TYR 134 140 140 TYR TYR B . n 
A 1 135 GLU 135 141 141 GLU GLU B . n 
A 1 136 ALA 136 142 142 ALA ALA B . n 
A 1 137 GLY 137 143 143 GLY GLY B . n 
A 1 138 VAL 138 144 144 VAL VAL B . n 
A 1 139 VAL 139 145 145 VAL VAL B . n 
A 1 140 SER 140 146 146 SER SER B . n 
A 1 141 PHE 141 147 147 PHE PHE B . n 
A 1 142 TYR 142 148 148 TYR TYR B . n 
A 1 143 ASN 143 149 149 ASN ASN B . n 
A 1 144 ILE 144 150 150 ILE ILE B . n 
A 1 145 THR 145 151 151 THR THR B . n 
A 1 146 ASP 146 152 152 ASP ASP B . n 
A 1 147 HIS 147 153 153 HIS HIS B . n 
A 1 148 GLY 148 154 154 GLY GLY B . n 
A 1 149 SER 149 155 155 SER SER B . n 
A 1 150 LEU 150 156 156 LEU LEU B . n 
A 1 151 ILE 151 157 157 ILE ILE B . n 
A 1 152 TYR 152 158 158 TYR TYR B . n 
A 1 153 THR 153 159 159 THR THR B . n 
A 1 154 PHE 154 160 160 PHE PHE B . n 
A 1 155 SER 155 161 161 SER SER B . n 
A 1 156 GLU 156 162 162 GLU GLU B . n 
A 1 157 CYS 157 163 163 CYS CYS B . n 
A 1 158 VAL 158 164 164 VAL VAL B . n 
A 1 159 PHE 159 165 165 PHE PHE B . n 
A 1 160 ALA 160 166 166 ALA ALA B . n 
A 1 161 GLY 161 167 167 GLY GLY B . n 
A 1 162 PRO 162 168 168 PRO PRO B . n 
A 1 163 LEU 163 169 169 LEU LEU B . n 
A 1 164 ARG 164 170 170 ARG ARG B . n 
A 1 165 PRO 165 171 171 PRO PRO B . n 
A 1 166 PHE 166 172 172 PHE PHE B . n 
A 1 167 PHE 167 173 173 PHE PHE B . n 
A 1 168 ASN 168 174 174 ASN ASN B . n 
A 1 169 VAL 169 175 175 VAL VAL B . n 
A 1 170 GLY 170 176 176 GLY GLY B . n 
A 1 171 PHE 171 177 177 PHE PHE B . n 
A 1 172 ASN 172 178 178 ASN ASN B . n 
A 1 173 TYR 173 179 179 TYR TYR B . n 
A 1 174 SER 174 180 180 SER SER B . n 
A 1 175 GLY 175 181 181 GLY GLY B . n 
A 1 176 GLY 176 182 182 GLY GLY B . n 
A 1 177 ASN 177 183 183 ASN ASN B . n 
A 1 178 ALA 178 184 184 ALA ALA B . n 
A 1 179 ALA 179 185 185 ALA ALA B . n 
A 1 180 PRO 180 186 186 PRO PRO B . n 
A 1 181 LEU 181 187 187 LEU LEU B . n 
A 1 182 LYS 182 188 188 LYS LYS B . n 
A 1 183 LEU 183 189 189 LEU LEU B . n 
A 1 184 CYS 184 190 190 CYS CYS B . n 
A 1 185 PRO 185 191 191 PRO PRO B . n 
A 1 186 LEU 186 192 192 LEU LEU B . n 
A 1 187 LYS 187 193 ?   ?   ?   B . n 
A 1 188 MET 188 194 ?   ?   ?   B . n 
# 
_pdbx_entity_instance_feature.ordinal        1 
_pdbx_entity_instance_feature.comp_id        O1J 
_pdbx_entity_instance_feature.asym_id        ? 
_pdbx_entity_instance_feature.seq_num        ? 
_pdbx_entity_instance_feature.auth_comp_id   O1J 
_pdbx_entity_instance_feature.auth_asym_id   ? 
_pdbx_entity_instance_feature.auth_seq_num   ? 
_pdbx_entity_instance_feature.feature_type   'SUBJECT OF INVESTIGATION' 
_pdbx_entity_instance_feature.details        ? 
# 
loop_
_pdbx_nonpoly_scheme.asym_id 
_pdbx_nonpoly_scheme.entity_id 
_pdbx_nonpoly_scheme.mon_id 
_pdbx_nonpoly_scheme.ndb_seq_num 
_pdbx_nonpoly_scheme.pdb_seq_num 
_pdbx_nonpoly_scheme.auth_seq_num 
_pdbx_nonpoly_scheme.pdb_mon_id 
_pdbx_nonpoly_scheme.auth_mon_id 
_pdbx_nonpoly_scheme.pdb_strand_id 
_pdbx_nonpoly_scheme.pdb_ins_code 
B 2 O1J 1   201 302 O1J LIG B . 
C 3 EDO 1   202 305 EDO EDO B . 
D 4 SO4 1   203 1   SO4 SO4 B . 
E 5 HOH 1   301 11  HOH HOH B . 
E 5 HOH 2   302 4   HOH HOH B . 
E 5 HOH 3   303 12  HOH HOH B . 
E 5 HOH 4   304 2   HOH HOH B . 
E 5 HOH 5   305 1   HOH HOH B . 
E 5 HOH 6   306 29  HOH HOH B . 
E 5 HOH 7   307 5   HOH HOH B . 
E 5 HOH 8   308 40  HOH HOH B . 
E 5 HOH 9   309 21  HOH HOH B . 
E 5 HOH 10  310 26  HOH HOH B . 
E 5 HOH 11  311 25  HOH HOH B . 
E 5 HOH 12  312 281 HOH HOH B . 
E 5 HOH 13  313 95  HOH HOH B . 
E 5 HOH 14  314 63  HOH HOH B . 
E 5 HOH 15  315 72  HOH HOH B . 
E 5 HOH 16  316 90  HOH HOH B . 
E 5 HOH 17  317 34  HOH HOH B . 
E 5 HOH 18  318 27  HOH HOH B . 
E 5 HOH 19  319 16  HOH HOH B . 
E 5 HOH 20  320 10  HOH HOH B . 
E 5 HOH 21  321 11  HOH HOH B . 
E 5 HOH 22  322 102 HOH HOH B . 
E 5 HOH 23  323 184 HOH HOH B . 
E 5 HOH 24  324 62  HOH HOH B . 
E 5 HOH 25  325 51  HOH HOH B . 
E 5 HOH 26  326 70  HOH HOH B . 
E 5 HOH 27  327 39  HOH HOH B . 
E 5 HOH 28  328 31  HOH HOH B . 
E 5 HOH 29  329 20  HOH HOH B . 
E 5 HOH 30  330 36  HOH HOH B . 
E 5 HOH 31  331 16  HOH HOH B . 
E 5 HOH 32  332 89  HOH HOH B . 
E 5 HOH 33  333 86  HOH HOH B . 
E 5 HOH 34  334 33  HOH HOH B . 
E 5 HOH 35  335 2   HOH HOH B . 
E 5 HOH 36  336 19  HOH HOH B . 
E 5 HOH 37  337 80  HOH HOH B . 
E 5 HOH 38  338 32  HOH HOH B . 
E 5 HOH 39  339 55  HOH HOH B . 
E 5 HOH 40  340 18  HOH HOH B . 
E 5 HOH 41  341 26  HOH HOH B . 
E 5 HOH 42  342 129 HOH HOH B . 
E 5 HOH 43  343 99  HOH HOH B . 
E 5 HOH 44  344 126 HOH HOH B . 
E 5 HOH 45  345 27  HOH HOH B . 
E 5 HOH 46  346 68  HOH HOH B . 
E 5 HOH 47  347 22  HOH HOH B . 
E 5 HOH 48  348 93  HOH HOH B . 
E 5 HOH 49  349 58  HOH HOH B . 
E 5 HOH 50  350 7   HOH HOH B . 
E 5 HOH 51  351 267 HOH HOH B . 
E 5 HOH 52  352 100 HOH HOH B . 
E 5 HOH 53  353 85  HOH HOH B . 
E 5 HOH 54  354 10  HOH HOH B . 
E 5 HOH 55  355 81  HOH HOH B . 
E 5 HOH 56  356 29  HOH HOH B . 
E 5 HOH 57  357 28  HOH HOH B . 
E 5 HOH 58  358 4   HOH HOH B . 
E 5 HOH 59  359 3   HOH HOH B . 
E 5 HOH 60  360 43  HOH HOH B . 
E 5 HOH 61  361 76  HOH HOH B . 
E 5 HOH 62  362 157 HOH HOH B . 
E 5 HOH 63  363 82  HOH HOH B . 
E 5 HOH 64  364 50  HOH HOH B . 
E 5 HOH 65  365 15  HOH HOH B . 
E 5 HOH 66  366 66  HOH HOH B . 
E 5 HOH 67  367 14  HOH HOH B . 
E 5 HOH 68  368 73  HOH HOH B . 
E 5 HOH 69  369 116 HOH HOH B . 
E 5 HOH 70  370 172 HOH HOH B . 
E 5 HOH 71  371 47  HOH HOH B . 
E 5 HOH 72  372 1   HOH HOH B . 
E 5 HOH 73  373 13  HOH HOH B . 
E 5 HOH 74  374 61  HOH HOH B . 
E 5 HOH 75  375 71  HOH HOH B . 
E 5 HOH 76  376 211 HOH HOH B . 
E 5 HOH 77  377 6   HOH HOH B . 
E 5 HOH 78  378 304 HOH HOH B . 
E 5 HOH 79  379 24  HOH HOH B . 
E 5 HOH 80  380 8   HOH HOH B . 
E 5 HOH 81  381 59  HOH HOH B . 
E 5 HOH 82  382 303 HOH HOH B . 
E 5 HOH 83  383 17  HOH HOH B . 
E 5 HOH 84  384 32  HOH HOH B . 
E 5 HOH 85  385 12  HOH HOH B . 
E 5 HOH 86  386 3   HOH HOH B . 
E 5 HOH 87  387 46  HOH HOH B . 
E 5 HOH 88  388 197 HOH HOH B . 
E 5 HOH 89  389 9   HOH HOH B . 
E 5 HOH 90  390 64  HOH HOH B . 
E 5 HOH 91  391 125 HOH HOH B . 
E 5 HOH 92  392 137 HOH HOH B . 
E 5 HOH 93  393 97  HOH HOH B . 
E 5 HOH 94  394 25  HOH HOH B . 
E 5 HOH 95  395 56  HOH HOH B . 
E 5 HOH 96  396 42  HOH HOH B . 
E 5 HOH 97  397 156 HOH HOH B . 
E 5 HOH 98  398 48  HOH HOH B . 
E 5 HOH 99  399 23  HOH HOH B . 
E 5 HOH 100 400 33  HOH HOH B . 
E 5 HOH 101 401 30  HOH HOH B . 
E 5 HOH 102 402 60  HOH HOH B . 
E 5 HOH 103 403 20  HOH HOH B . 
E 5 HOH 104 404 264 HOH HOH B . 
E 5 HOH 105 405 8   HOH HOH B . 
E 5 HOH 106 406 45  HOH HOH B . 
E 5 HOH 107 407 22  HOH HOH B . 
E 5 HOH 108 408 140 HOH HOH B . 
E 5 HOH 109 409 112 HOH HOH B . 
E 5 HOH 110 410 57  HOH HOH B . 
E 5 HOH 111 411 49  HOH HOH B . 
E 5 HOH 112 412 54  HOH HOH B . 
E 5 HOH 113 413 7   HOH HOH B . 
E 5 HOH 114 414 15  HOH HOH B . 
E 5 HOH 115 415 38  HOH HOH B . 
E 5 HOH 116 416 154 HOH HOH B . 
E 5 HOH 117 417 257 HOH HOH B . 
E 5 HOH 118 418 53  HOH HOH B . 
E 5 HOH 119 419 120 HOH HOH B . 
E 5 HOH 120 420 69  HOH HOH B . 
E 5 HOH 121 421 5   HOH HOH B . 
E 5 HOH 122 422 18  HOH HOH B . 
E 5 HOH 123 423 41  HOH HOH B . 
E 5 HOH 124 424 44  HOH HOH B . 
E 5 HOH 125 425 19  HOH HOH B . 
E 5 HOH 126 426 103 HOH HOH B . 
E 5 HOH 127 427 133 HOH HOH B . 
E 5 HOH 128 428 263 HOH HOH B . 
E 5 HOH 129 429 30  HOH HOH B . 
E 5 HOH 130 430 114 HOH HOH B . 
E 5 HOH 131 431 115 HOH HOH B . 
E 5 HOH 132 432 107 HOH HOH B . 
E 5 HOH 133 433 266 HOH HOH B . 
E 5 HOH 134 434 13  HOH HOH B . 
E 5 HOH 135 435 23  HOH HOH B . 
E 5 HOH 136 436 21  HOH HOH B . 
E 5 HOH 137 437 98  HOH HOH B . 
E 5 HOH 138 438 104 HOH HOH B . 
E 5 HOH 139 439 166 HOH HOH B . 
E 5 HOH 140 440 205 HOH HOH B . 
E 5 HOH 141 441 127 HOH HOH B . 
E 5 HOH 142 442 14  HOH HOH B . 
E 5 HOH 143 443 131 HOH HOH B . 
E 5 HOH 144 444 270 HOH HOH B . 
E 5 HOH 145 445 259 HOH HOH B . 
# 
loop_
_pdbx_unobs_or_zero_occ_atoms.id 
_pdbx_unobs_or_zero_occ_atoms.PDB_model_num 
_pdbx_unobs_or_zero_occ_atoms.polymer_flag 
_pdbx_unobs_or_zero_occ_atoms.occupancy_flag 
_pdbx_unobs_or_zero_occ_atoms.auth_asym_id 
_pdbx_unobs_or_zero_occ_atoms.auth_comp_id 
_pdbx_unobs_or_zero_occ_atoms.auth_seq_id 
_pdbx_unobs_or_zero_occ_atoms.PDB_ins_code 
_pdbx_unobs_or_zero_occ_atoms.auth_atom_id 
_pdbx_unobs_or_zero_occ_atoms.label_alt_id 
_pdbx_unobs_or_zero_occ_atoms.label_asym_id 
_pdbx_unobs_or_zero_occ_atoms.label_comp_id 
_pdbx_unobs_or_zero_occ_atoms.label_seq_id 
_pdbx_unobs_or_zero_occ_atoms.label_atom_id 
1 1 Y 1 B LEU 192 ? CG  ? A LEU 186 CG  
2 1 Y 1 B LEU 192 ? CD1 ? A LEU 186 CD1 
3 1 Y 1 B LEU 192 ? CD2 ? A LEU 186 CD2 
# 
loop_
_software.pdbx_ordinal 
_software.name 
_software.version 
_software.date 
_software.type 
_software.contact_author 
_software.contact_author_email 
_software.classification 
_software.location 
_software.language 
_software.citation_id 
1 REFMAC      5.8.0267 ?               program 'Garib N. Murshudov' garib@ysbl.york.ac.uk    refinement        
http://www.ccp4.ac.uk/dist/html/refmac5.html        Fortran_77 ? 
2 Aimless     0.7.15   02/11/23        program 'Phil Evans'         ?                        'data scaling'    
http://www.mrc-lmb.cam.ac.uk/harry/pre/aimless.html ?          ? 
3 PDB_EXTRACT 3.23     'SEP. 23, 2016' package PDB                  deposit@deposit.rcsb.org 'data extraction' 
http://sw-tools.pdb.org/apps/PDB_EXTRACT/           C++        ? 
4 XDS         .        ?               program ?                    ?                        'data reduction'  ? ?          ? 
5 REFMAC      .        ?               program ?                    ?                        phasing           ? ?          ? 
# 
_cell.entry_id           7HO8 
_cell.length_a           95.627 
_cell.length_b           95.627 
_cell.length_c           45.747 
_cell.angle_alpha        90.000 
_cell.angle_beta         90.000 
_cell.angle_gamma        90.000 
_cell.Z_PDB              8 
_cell.pdbx_unique_axis   ? 
# 
_symmetry.entry_id                         7HO8 
_symmetry.Int_Tables_number                79 
_symmetry.space_group_name_H-M             'I 4' 
_symmetry.pdbx_full_space_group_name_H-M   ? 
_symmetry.cell_setting                     ? 
# 
_exptl.crystals_number   1 
_exptl.entry_id          7HO8 
_exptl.method            'X-RAY DIFFRACTION' 
# 
_exptl_crystal.id                    1 
_exptl_crystal.pdbx_mosaicity        0.140 
_exptl_crystal.pdbx_mosaicity_esd    ? 
_exptl_crystal.density_Matthews      2.42 
_exptl_crystal.density_diffrn        ? 
_exptl_crystal.density_meas          ? 
_exptl_crystal.density_meas_temp     ? 
_exptl_crystal.density_percent_sol   49.20 
_exptl_crystal.size_max              ? 
_exptl_crystal.size_mid              ? 
_exptl_crystal.size_min              ? 
_exptl_crystal.size_rad              ? 
_exptl_crystal.description           ? 
# 
_exptl_crystal_grow.crystal_id      1 
_exptl_crystal_grow.method          'VAPOR DIFFUSION, SITTING DROP' 
_exptl_crystal_grow.pH              8 
_exptl_crystal_grow.temp            293 
_exptl_crystal_grow.pdbx_details    '4 % PEG 400, 2 M AmmSO4, 0.1 M HEPES pH 8' 
_exptl_crystal_grow.temp_details    ? 
_exptl_crystal_grow.pdbx_pH_range   ? 
# 
_diffrn.id                     1 
_diffrn.ambient_temp           100 
_diffrn.crystal_id             1 
_diffrn.ambient_temp_details   ? 
# 
_diffrn_detector.detector               PIXEL 
_diffrn_detector.type                   'DECTRIS EIGER2 XE 9M' 
_diffrn_detector.pdbx_collection_date   2024-07-04 
_diffrn_detector.diffrn_id              1 
_diffrn_detector.details                ? 
# 
_diffrn_radiation.diffrn_id                        1 
_diffrn_radiation.wavelength_id                    1 
_diffrn_radiation.pdbx_diffrn_protocol             'SINGLE WAVELENGTH' 
_diffrn_radiation.pdbx_monochromatic_or_laue_m_l   ? 
_diffrn_radiation.monochromator                    ? 
_diffrn_radiation.pdbx_scattering_type             x-ray 
# 
_diffrn_radiation_wavelength.id           1 
_diffrn_radiation_wavelength.wavelength   0.92134 
_diffrn_radiation_wavelength.wt           1.0 
# 
_diffrn_source.diffrn_id                   1 
_diffrn_source.source                      SYNCHROTRON 
_diffrn_source.type                        'DIAMOND BEAMLINE I04-1' 
_diffrn_source.pdbx_wavelength_list        0.92134 
_diffrn_source.pdbx_synchrotron_site       Diamond 
_diffrn_source.pdbx_synchrotron_beamline   I04-1 
_diffrn_source.pdbx_wavelength             ? 
# 
_reflns.entry_id                     7HO8 
_reflns.pdbx_diffrn_id               1 
_reflns.pdbx_ordinal                 1 
_reflns.observed_criterion_sigma_I   ? 
_reflns.observed_criterion_sigma_F   ? 
_reflns.d_resolution_low             47.810 
_reflns.d_resolution_high            1.390 
_reflns.number_obs                   40439 
_reflns.number_all                   ? 
_reflns.percent_possible_obs         96.700 
_reflns.pdbx_Rmerge_I_obs            0.133 
_reflns.pdbx_Rsym_value              ? 
_reflns.pdbx_netI_over_sigmaI        15.100 
_reflns.B_iso_Wilson_estimate        ? 
_reflns.pdbx_redundancy              9.600 
_reflns.pdbx_Rrim_I_all              0.140 
_reflns.pdbx_Rpim_I_all              0.044 
_reflns.pdbx_CC_half                 0.998 
_reflns.pdbx_netI_over_av_sigmaI     ? 
_reflns.pdbx_number_measured_all     387308 
_reflns.pdbx_scaling_rejects         853 
_reflns.pdbx_chi_squared             ? 
_reflns.Rmerge_F_all                 ? 
_reflns.Rmerge_F_obs                 ? 
_reflns.observed_criterion_F_max     ? 
_reflns.observed_criterion_F_min     ? 
_reflns.observed_criterion_I_max     ? 
_reflns.observed_criterion_I_min     ? 
_reflns.pdbx_d_res_high_opt          ? 
_reflns.pdbx_d_res_low_opt           ? 
_reflns.details                      ? 
# 
loop_
_reflns_shell.pdbx_diffrn_id 
_reflns_shell.pdbx_ordinal 
_reflns_shell.d_res_high 
_reflns_shell.d_res_low 
_reflns_shell.number_measured_obs 
_reflns_shell.number_measured_all 
_reflns_shell.number_unique_obs 
_reflns_shell.pdbx_rejects 
_reflns_shell.Rmerge_I_obs 
_reflns_shell.meanI_over_sigI_obs 
_reflns_shell.pdbx_Rsym_value 
_reflns_shell.pdbx_chi_squared 
_reflns_shell.pdbx_redundancy 
_reflns_shell.percent_possible_obs 
_reflns_shell.pdbx_netI_over_sigmaI_obs 
_reflns_shell.number_possible 
_reflns_shell.number_unique_all 
_reflns_shell.Rmerge_F_all 
_reflns_shell.Rmerge_F_obs 
_reflns_shell.Rmerge_I_all 
_reflns_shell.meanI_over_sigI_all 
_reflns_shell.percent_possible_all 
_reflns_shell.pdbx_Rrim_I_all 
_reflns_shell.pdbx_Rpim_I_all 
_reflns_shell.pdbx_CC_half 
1 1 1.390 1.460  ? 39166 5308 ? 2.283 ? ? ? 7.400 ? 2.200  ? ? ? ? ? ? 88.100 2.442 0.849 0.423 
1 2 4.390 47.810 ? 13366 1388 ? 0.036 ? ? ? 9.600 ? 45.800 ? ? ? ? ? ? 99.900 0.038 0.012 0.999 
# 
_refine.entry_id                                 7HO8 
_refine.pdbx_refine_id                           'X-RAY DIFFRACTION' 
_refine.ls_d_res_high                            1.3900 
_refine.ls_d_res_low                             47.8600 
_refine.pdbx_ls_sigma_F                          0.000 
_refine.pdbx_data_cutoff_high_absF               ? 
_refine.pdbx_data_cutoff_low_absF                ? 
_refine.ls_percent_reflns_obs                    96.1300 
_refine.ls_number_reflns_obs                     38323 
_refine.ls_number_reflns_all                     ? 
_refine.pdbx_ls_cross_valid_method               THROUGHOUT 
_refine.ls_matrix_type                           ? 
_refine.pdbx_R_Free_selection_details            RANDOM 
_refine.details                                  
'HYDROGENS HAVE BEEN ADDED IN THE RIDING POSITIONS U VALUES      : REFINED INDIVIDUALLY' 
_refine.ls_R_factor_all                          ? 
_refine.ls_R_factor_obs                          0.1773 
_refine.ls_R_factor_R_work                       0.1763 
_refine.ls_wR_factor_R_work                      ? 
_refine.ls_R_factor_R_free                       0.1966 
_refine.ls_wR_factor_R_free                      ? 
_refine.ls_percent_reflns_R_free                 4.9000 
_refine.ls_number_reflns_R_free                  1955 
_refine.ls_number_reflns_R_work                  ? 
_refine.ls_R_factor_R_free_error                 ? 
_refine.B_iso_mean                               13.6390 
_refine.solvent_model_param_bsol                 ? 
_refine.solvent_model_param_ksol                 ? 
_refine.pdbx_isotropic_thermal_model             ? 
_refine.aniso_B[1][1]                            0.2300 
_refine.aniso_B[2][2]                            0.2300 
_refine.aniso_B[3][3]                            -0.4500 
_refine.aniso_B[1][2]                            -0.0000 
_refine.aniso_B[1][3]                            -0.0000 
_refine.aniso_B[2][3]                            0.0000 
_refine.correlation_coeff_Fo_to_Fc               0.9640 
_refine.correlation_coeff_Fo_to_Fc_free          0.9560 
_refine.overall_SU_R_Cruickshank_DPI             ? 
_refine.pdbx_overall_SU_R_free_Cruickshank_DPI   ? 
_refine.pdbx_overall_SU_R_Blow_DPI               ? 
_refine.pdbx_overall_SU_R_free_Blow_DPI          ? 
_refine.overall_SU_R_free                        ? 
_refine.pdbx_overall_ESU_R                       0.0630 
_refine.pdbx_overall_ESU_R_Free                  0.0630 
_refine.overall_SU_ML                            0.0430 
_refine.overall_SU_B                             1.1290 
_refine.solvent_model_details                    MASK 
_refine.pdbx_solvent_vdw_probe_radii             1.2000 
_refine.pdbx_solvent_ion_probe_radii             0.8000 
_refine.pdbx_solvent_shrinkage_radii             0.8000 
_refine.ls_number_parameters                     ? 
_refine.ls_number_restraints                     ? 
_refine.pdbx_starting_model                      ? 
_refine.pdbx_method_to_determine_struct          'FOURIER SYNTHESIS' 
_refine.pdbx_stereochemistry_target_values       'MAXIMUM LIKELIHOOD' 
_refine.pdbx_stereochem_target_val_spec_case     ? 
_refine.overall_FOM_work_R_set                   ? 
_refine.B_iso_max                                64.710 
_refine.B_iso_min                                6.190 
_refine.pdbx_overall_phase_error                 ? 
_refine.occupancy_max                            ? 
_refine.occupancy_min                            ? 
_refine.pdbx_diffrn_id                           1 
_refine.pdbx_TLS_residual_ADP_flag               ? 
_refine.pdbx_ls_sigma_I                          ? 
_refine.pdbx_data_cutoff_high_rms_absF           ? 
_refine.ls_R_factor_R_free_error_details         ? 
# 
_refine_hist.cycle_id                         final 
_refine_hist.pdbx_refine_id                   'X-RAY DIFFRACTION' 
_refine_hist.d_res_high                       1.3900 
_refine_hist.d_res_low                        47.8600 
_refine_hist.pdbx_number_atoms_ligand         21 
_refine_hist.number_atoms_solvent             145 
_refine_hist.number_atoms_total               1659 
_refine_hist.pdbx_number_residues_total       185 
_refine_hist.pdbx_B_iso_mean_ligand           26.09 
_refine_hist.pdbx_B_iso_mean_solvent          23.99 
_refine_hist.pdbx_number_atoms_protein        1493 
_refine_hist.pdbx_number_atoms_nucleic_acid   0 
# 
loop_
_refine_ls_restr.pdbx_refine_id 
_refine_ls_restr.type 
_refine_ls_restr.number 
_refine_ls_restr.dev_ideal 
_refine_ls_restr.dev_ideal_target 
_refine_ls_restr.weight 
_refine_ls_restr.pdbx_restraint_function 
'X-RAY DIFFRACTION' r_bond_refined_d       1987 0.012  0.013  ? ? 
'X-RAY DIFFRACTION' r_bond_other_d         1603 0.001  0.015  ? ? 
'X-RAY DIFFRACTION' r_angle_refined_deg    2496 1.825  1.640  ? ? 
'X-RAY DIFFRACTION' r_angle_other_deg      3700 1.451  1.579  ? ? 
'X-RAY DIFFRACTION' r_dihedral_angle_1_deg 235  7.090  5.000  ? ? 
'X-RAY DIFFRACTION' r_dihedral_angle_2_deg 107  27.804 21.215 ? ? 
'X-RAY DIFFRACTION' r_dihedral_angle_3_deg 285  11.329 15.000 ? ? 
'X-RAY DIFFRACTION' r_dihedral_angle_4_deg 15   22.126 15.000 ? ? 
'X-RAY DIFFRACTION' r_chiral_restr         217  0.088  0.200  ? ? 
'X-RAY DIFFRACTION' r_gen_planes_refined   2222 0.011  0.020  ? ? 
'X-RAY DIFFRACTION' r_gen_planes_other     496  0.002  0.020  ? ? 
'X-RAY DIFFRACTION' r_mcbond_it            947  1.231  1.226  ? ? 
'X-RAY DIFFRACTION' r_mcbond_other         942  1.209  1.211  ? ? 
'X-RAY DIFFRACTION' r_mcangle_it           1129 1.943  1.822  ? ? 
# 
_refine_ls_shell.d_res_high                       1.3880 
_refine_ls_shell.d_res_low                        1.4240 
_refine_ls_shell.pdbx_total_number_of_bins_used   20 
_refine_ls_shell.percent_reflns_obs               81.8500 
_refine_ls_shell.number_reflns_R_work             2420 
_refine_ls_shell.R_factor_all                     ? 
_refine_ls_shell.R_factor_R_work                  0.2960 
_refine_ls_shell.R_factor_R_free                  0.2570 
_refine_ls_shell.percent_reflns_R_free            ? 
_refine_ls_shell.number_reflns_R_free             128 
_refine_ls_shell.R_factor_R_free_error            ? 
_refine_ls_shell.number_reflns_all                2548 
_refine_ls_shell.number_reflns_obs                ? 
_refine_ls_shell.pdbx_refine_id                   'X-RAY DIFFRACTION' 
# 
_struct.entry_id                  7HO8 
_struct.title                     'PanDDA analysis group deposition -- Crystal Structure of TRIM21 in complex with Z993967070' 
_struct.pdbx_model_details        ? 
_struct.pdbx_CASP_flag            ? 
_struct.pdbx_model_type_details   ? 
# 
_struct_keywords.entry_id        7HO8 
_struct_keywords.text            'SGC - Diamond I04-1 fragment screening, PanDDA, XChemExplorer, TRIM21, LIGASE' 
_struct_keywords.pdbx_keywords   LIGASE 
# 
loop_
_struct_asym.id 
_struct_asym.pdbx_blank_PDB_chainid_flag 
_struct_asym.pdbx_modified 
_struct_asym.entity_id 
_struct_asym.details 
A N N 1 ? 
B N N 2 ? 
C N N 3 ? 
D N N 4 ? 
E N N 5 ? 
# 
_struct_ref.id                         1 
_struct_ref.db_name                    UNP 
_struct_ref.db_code                    RO52_MOUSE 
_struct_ref.pdbx_db_accession          Q62191 
_struct_ref.pdbx_db_isoform            ? 
_struct_ref.entity_id                  1 
_struct_ref.pdbx_seq_one_letter_code   
;VHITLDRNTANSWLIISKDRRQVRMGDTHQNVSDNKERFSNYPMVLGAQRFSSGKMYWEVDVTQKEAWDLGVCRDSVQRK
GQFSLSPENGFWTIWLWQDSYEAGTSPQTTLHIQVPPCQIGIFVDYEAGVVSFYNITDHGSLIYTFSECVFAGPLRPFFN
VGFNYSGGNAAPLKLCPLKM
;
_struct_ref.pdbx_align_begin           291 
# 
_struct_ref_seq.align_id                      1 
_struct_ref_seq.ref_id                        1 
_struct_ref_seq.pdbx_PDB_id_code              7HO8 
_struct_ref_seq.pdbx_strand_id                B 
_struct_ref_seq.seq_align_beg                 9 
_struct_ref_seq.pdbx_seq_align_beg_ins_code   ? 
_struct_ref_seq.seq_align_end                 188 
_struct_ref_seq.pdbx_seq_align_end_ins_code   ? 
_struct_ref_seq.pdbx_db_accession             Q62191 
_struct_ref_seq.db_align_beg                  291 
_struct_ref_seq.pdbx_db_align_beg_ins_code    ? 
_struct_ref_seq.db_align_end                  470 
_struct_ref_seq.pdbx_db_align_end_ins_code    ? 
_struct_ref_seq.pdbx_auth_seq_align_beg       15 
_struct_ref_seq.pdbx_auth_seq_align_end       194 
# 
loop_
_struct_ref_seq_dif.align_id 
_struct_ref_seq_dif.pdbx_pdb_id_code 
_struct_ref_seq_dif.mon_id 
_struct_ref_seq_dif.pdbx_pdb_strand_id 
_struct_ref_seq_dif.seq_num 
_struct_ref_seq_dif.pdbx_pdb_ins_code 
_struct_ref_seq_dif.pdbx_seq_db_name 
_struct_ref_seq_dif.pdbx_seq_db_accession_code 
_struct_ref_seq_dif.db_mon_id 
_struct_ref_seq_dif.pdbx_seq_db_seq_num 
_struct_ref_seq_dif.details 
_struct_ref_seq_dif.pdbx_auth_seq_num 
_struct_ref_seq_dif.pdbx_ordinal 
1 7HO8 MET B 1 ? UNP Q62191 ? ? 'initiating methionine' 7  1 
1 7HO8 HIS B 2 ? UNP Q62191 ? ? 'expression tag'        8  2 
1 7HO8 HIS B 3 ? UNP Q62191 ? ? 'expression tag'        9  3 
1 7HO8 HIS B 4 ? UNP Q62191 ? ? 'expression tag'        10 4 
1 7HO8 HIS B 5 ? UNP Q62191 ? ? 'expression tag'        11 5 
1 7HO8 HIS B 6 ? UNP Q62191 ? ? 'expression tag'        12 6 
1 7HO8 HIS B 7 ? UNP Q62191 ? ? 'expression tag'        13 7 
1 7HO8 MET B 8 ? UNP Q62191 ? ? 'expression tag'        14 8 
# 
_pdbx_struct_assembly.id                   1 
_pdbx_struct_assembly.details              author_defined_assembly 
_pdbx_struct_assembly.method_details       ? 
_pdbx_struct_assembly.oligomeric_details   monomeric 
_pdbx_struct_assembly.oligomeric_count     1 
# 
_pdbx_struct_assembly_gen.assembly_id       1 
_pdbx_struct_assembly_gen.oper_expression   1 
_pdbx_struct_assembly_gen.asym_id_list      A,B,C,D,E 
# 
_pdbx_struct_oper_list.id                   1 
_pdbx_struct_oper_list.type                 'identity operation' 
_pdbx_struct_oper_list.name                 1_555 
_pdbx_struct_oper_list.symmetry_operation   x,y,z 
_pdbx_struct_oper_list.matrix[1][1]         1.0000000000 
_pdbx_struct_oper_list.matrix[1][2]         0.0000000000 
_pdbx_struct_oper_list.matrix[1][3]         0.0000000000 
_pdbx_struct_oper_list.vector[1]            0.0000000000 
_pdbx_struct_oper_list.matrix[2][1]         0.0000000000 
_pdbx_struct_oper_list.matrix[2][2]         1.0000000000 
_pdbx_struct_oper_list.matrix[2][3]         0.0000000000 
_pdbx_struct_oper_list.vector[2]            0.0000000000 
_pdbx_struct_oper_list.matrix[3][1]         0.0000000000 
_pdbx_struct_oper_list.matrix[3][2]         0.0000000000 
_pdbx_struct_oper_list.matrix[3][3]         1.0000000000 
_pdbx_struct_oper_list.vector[3]            0.0000000000 
# 
loop_
_struct_conf.conf_type_id 
_struct_conf.id 
_struct_conf.pdbx_PDB_helix_id 
_struct_conf.beg_label_comp_id 
_struct_conf.beg_label_asym_id 
_struct_conf.beg_label_seq_id 
_struct_conf.pdbx_beg_PDB_ins_code 
_struct_conf.end_label_comp_id 
_struct_conf.end_label_asym_id 
_struct_conf.end_label_seq_id 
_struct_conf.pdbx_end_PDB_ins_code 
_struct_conf.beg_auth_comp_id 
_struct_conf.beg_auth_asym_id 
_struct_conf.beg_auth_seq_id 
_struct_conf.end_auth_comp_id 
_struct_conf.end_auth_asym_id 
_struct_conf.end_auth_seq_id 
_struct_conf.pdbx_PDB_helix_class 
_struct_conf.details 
_struct_conf.pdbx_PDB_helix_length 
HELX_P HELX_P1 AA1 HIS A 4  ? MET A 8  ? HIS B 10  MET B 14  5 ? 5 
HELX_P HELX_P2 AA2 ASP A 14 ? ALA A 18 ? ASP B 20  ALA B 24  5 ? 5 
HELX_P HELX_P3 AA3 SER A 94 ? ASN A 97 ? SER B 100 ASN B 103 5 ? 4 
# 
_struct_conf_type.id          HELX_P 
_struct_conf_type.criteria    ? 
_struct_conf_type.reference   ? 
# 
_struct_mon_prot_cis.pdbx_id                1 
_struct_mon_prot_cis.label_comp_id          SER 
_struct_mon_prot_cis.label_seq_id           114 
_struct_mon_prot_cis.label_asym_id          A 
_struct_mon_prot_cis.label_alt_id           . 
_struct_mon_prot_cis.pdbx_PDB_ins_code      ? 
_struct_mon_prot_cis.auth_comp_id           SER 
_struct_mon_prot_cis.auth_seq_id            120 
_struct_mon_prot_cis.auth_asym_id           B 
_struct_mon_prot_cis.pdbx_label_comp_id_2   PRO 
_struct_mon_prot_cis.pdbx_label_seq_id_2    115 
_struct_mon_prot_cis.pdbx_label_asym_id_2   A 
_struct_mon_prot_cis.pdbx_PDB_ins_code_2    ? 
_struct_mon_prot_cis.pdbx_auth_comp_id_2    PRO 
_struct_mon_prot_cis.pdbx_auth_seq_id_2     121 
_struct_mon_prot_cis.pdbx_auth_asym_id_2    B 
_struct_mon_prot_cis.pdbx_PDB_model_num     1 
_struct_mon_prot_cis.pdbx_omega_angle       -1.62 
# 
loop_
_struct_sheet.id 
_struct_sheet.type 
_struct_sheet.number_strands 
_struct_sheet.details 
AA1 ? 7 ? 
AA2 ? 6 ? 
# 
loop_
_struct_sheet_order.sheet_id 
_struct_sheet_order.range_id_1 
_struct_sheet_order.range_id_2 
_struct_sheet_order.offset 
_struct_sheet_order.sense 
AA1 1 2 ? anti-parallel 
AA1 2 3 ? anti-parallel 
AA1 3 4 ? anti-parallel 
AA1 4 5 ? anti-parallel 
AA1 5 6 ? anti-parallel 
AA1 6 7 ? anti-parallel 
AA2 1 2 ? anti-parallel 
AA2 2 3 ? anti-parallel 
AA2 3 4 ? anti-parallel 
AA2 4 5 ? anti-parallel 
AA2 5 6 ? anti-parallel 
# 
loop_
_struct_sheet_range.sheet_id 
_struct_sheet_range.id 
_struct_sheet_range.beg_label_comp_id 
_struct_sheet_range.beg_label_asym_id 
_struct_sheet_range.beg_label_seq_id 
_struct_sheet_range.pdbx_beg_PDB_ins_code 
_struct_sheet_range.end_label_comp_id 
_struct_sheet_range.end_label_asym_id 
_struct_sheet_range.end_label_seq_id 
_struct_sheet_range.pdbx_end_PDB_ins_code 
_struct_sheet_range.beg_auth_comp_id 
_struct_sheet_range.beg_auth_asym_id 
_struct_sheet_range.beg_auth_seq_id 
_struct_sheet_range.end_auth_comp_id 
_struct_sheet_range.end_auth_asym_id 
_struct_sheet_range.end_auth_seq_id 
AA1 1 LEU A 22  ? ILE A 24  ? LEU B 28  ILE B 30  
AA1 2 GLN A 30  ? MET A 33  ? GLN B 36  MET B 39  
AA1 3 LEU A 181 ? LEU A 183 ? LEU B 187 LEU B 189 
AA1 4 LYS A 63  ? ASP A 69  ? LYS B 69  ASP B 75  
AA1 5 GLN A 127 ? ASP A 133 ? GLN B 133 ASP B 139 
AA1 6 VAL A 138 ? ASN A 143 ? VAL B 144 ASN B 149 
AA1 7 SER A 149 ? PHE A 154 ? SER B 155 PHE B 160 
AA2 1 MET A 52  ? LEU A 54  ? MET B 58  LEU B 60  
AA2 2 LEU A 163 ? ASN A 168 ? LEU B 169 ASN B 174 
AA2 3 TRP A 76  ? ARG A 82  ? TRP B 82  ARG B 88  
AA2 4 PHE A 99  ? TRP A 105 ? PHE B 105 TRP B 111 
AA2 5 SER A 108 ? ALA A 111 ? SER B 114 ALA B 117 
AA2 6 THR A 117 ? THR A 118 ? THR B 123 THR B 124 
# 
loop_
_pdbx_struct_sheet_hbond.sheet_id 
_pdbx_struct_sheet_hbond.range_id_1 
_pdbx_struct_sheet_hbond.range_id_2 
_pdbx_struct_sheet_hbond.range_1_label_atom_id 
_pdbx_struct_sheet_hbond.range_1_label_comp_id 
_pdbx_struct_sheet_hbond.range_1_label_asym_id 
_pdbx_struct_sheet_hbond.range_1_label_seq_id 
_pdbx_struct_sheet_hbond.range_1_PDB_ins_code 
_pdbx_struct_sheet_hbond.range_1_auth_atom_id 
_pdbx_struct_sheet_hbond.range_1_auth_comp_id 
_pdbx_struct_sheet_hbond.range_1_auth_asym_id 
_pdbx_struct_sheet_hbond.range_1_auth_seq_id 
_pdbx_struct_sheet_hbond.range_2_label_atom_id 
_pdbx_struct_sheet_hbond.range_2_label_comp_id 
_pdbx_struct_sheet_hbond.range_2_label_asym_id 
_pdbx_struct_sheet_hbond.range_2_label_seq_id 
_pdbx_struct_sheet_hbond.range_2_PDB_ins_code 
_pdbx_struct_sheet_hbond.range_2_auth_atom_id 
_pdbx_struct_sheet_hbond.range_2_auth_comp_id 
_pdbx_struct_sheet_hbond.range_2_auth_asym_id 
_pdbx_struct_sheet_hbond.range_2_auth_seq_id 
AA1 1 2 N ILE A 23  ? N ILE B 29  O ARG A 32  ? O ARG B 38  
AA1 2 3 N VAL A 31  ? N VAL B 37  O LEU A 181 ? O LEU B 187 
AA1 3 4 O LYS A 182 ? O LYS B 188 N ASP A 69  ? N ASP B 75  
AA1 4 5 N TRP A 66  ? N TRP B 72  O ILE A 130 ? O ILE B 136 
AA1 5 6 N PHE A 131 ? N PHE B 137 O SER A 140 ? O SER B 146 
AA1 6 7 N PHE A 141 ? N PHE B 147 O ILE A 151 ? O ILE B 157 
AA2 1 2 N VAL A 53  ? N VAL B 59  O PHE A 167 ? O PHE B 173 
AA2 2 3 O ARG A 164 ? O ARG B 170 N CYS A 81  ? N CYS B 87  
AA2 3 4 N VAL A 80  ? N VAL B 86  O TRP A 100 ? O TRP B 106 
AA2 4 5 N TRP A 105 ? N TRP B 111 O SER A 108 ? O SER B 114 
AA2 5 6 N ALA A 111 ? N ALA B 117 O THR A 117 ? O THR B 123 
# 
_pdbx_entry_details.entry_id                   7HO8 
_pdbx_entry_details.compound_details           ? 
_pdbx_entry_details.source_details             ? 
_pdbx_entry_details.nonpolymer_details         ? 
_pdbx_entry_details.sequence_details           ? 
_pdbx_entry_details.has_ligand_of_interest     Y 
_pdbx_entry_details.has_protein_modification   N 
# 
_pdbx_validate_rmsd_angle.id                         1 
_pdbx_validate_rmsd_angle.PDB_model_num              1 
_pdbx_validate_rmsd_angle.auth_atom_id_1             CG 
_pdbx_validate_rmsd_angle.auth_asym_id_1             B 
_pdbx_validate_rmsd_angle.auth_comp_id_1             ARG 
_pdbx_validate_rmsd_angle.auth_seq_id_1              64 
_pdbx_validate_rmsd_angle.PDB_ins_code_1             ? 
_pdbx_validate_rmsd_angle.label_alt_id_1             ? 
_pdbx_validate_rmsd_angle.auth_atom_id_2             CD 
_pdbx_validate_rmsd_angle.auth_asym_id_2             B 
_pdbx_validate_rmsd_angle.auth_comp_id_2             ARG 
_pdbx_validate_rmsd_angle.auth_seq_id_2              64 
_pdbx_validate_rmsd_angle.PDB_ins_code_2             ? 
_pdbx_validate_rmsd_angle.label_alt_id_2             ? 
_pdbx_validate_rmsd_angle.auth_atom_id_3             NE 
_pdbx_validate_rmsd_angle.auth_asym_id_3             B 
_pdbx_validate_rmsd_angle.auth_comp_id_3             ARG 
_pdbx_validate_rmsd_angle.auth_seq_id_3              64 
_pdbx_validate_rmsd_angle.PDB_ins_code_3             ? 
_pdbx_validate_rmsd_angle.label_alt_id_3             ? 
_pdbx_validate_rmsd_angle.angle_value                128.21 
_pdbx_validate_rmsd_angle.angle_target_value         111.80 
_pdbx_validate_rmsd_angle.angle_deviation            16.41 
_pdbx_validate_rmsd_angle.angle_standard_deviation   2.10 
_pdbx_validate_rmsd_angle.linker_flag                N 
# 
loop_
_pdbx_validate_torsion.id 
_pdbx_validate_torsion.PDB_model_num 
_pdbx_validate_torsion.auth_comp_id 
_pdbx_validate_torsion.auth_asym_id 
_pdbx_validate_torsion.auth_seq_id 
_pdbx_validate_torsion.PDB_ins_code 
_pdbx_validate_torsion.label_alt_id 
_pdbx_validate_torsion.phi 
_pdbx_validate_torsion.psi 
1 1 SER B 67  ? B 179.48  158.74 
2 1 ASP B 152 ? ? -103.92 52.03  
# 
_pdbx_struct_special_symmetry.id              1 
_pdbx_struct_special_symmetry.PDB_model_num   1 
_pdbx_struct_special_symmetry.auth_asym_id    B 
_pdbx_struct_special_symmetry.auth_comp_id    HOH 
_pdbx_struct_special_symmetry.auth_seq_id     430 
_pdbx_struct_special_symmetry.PDB_ins_code    ? 
_pdbx_struct_special_symmetry.label_asym_id   E 
_pdbx_struct_special_symmetry.label_comp_id   HOH 
_pdbx_struct_special_symmetry.label_seq_id    . 
# 
_phasing.method   MR 
# 
loop_
_pdbx_unobs_or_zero_occ_residues.id 
_pdbx_unobs_or_zero_occ_residues.PDB_model_num 
_pdbx_unobs_or_zero_occ_residues.polymer_flag 
_pdbx_unobs_or_zero_occ_residues.occupancy_flag 
_pdbx_unobs_or_zero_occ_residues.auth_asym_id 
_pdbx_unobs_or_zero_occ_residues.auth_comp_id 
_pdbx_unobs_or_zero_occ_residues.auth_seq_id 
_pdbx_unobs_or_zero_occ_residues.PDB_ins_code 
_pdbx_unobs_or_zero_occ_residues.label_asym_id 
_pdbx_unobs_or_zero_occ_residues.label_comp_id 
_pdbx_unobs_or_zero_occ_residues.label_seq_id 
1 1 Y 1 B MET 7   ? A MET 1   
2 1 Y 1 B LYS 193 ? A LYS 187 
3 1 Y 1 B MET 194 ? A MET 188 
# 
loop_
_chem_comp_atom.comp_id 
_chem_comp_atom.atom_id 
_chem_comp_atom.type_symbol 
_chem_comp_atom.pdbx_aromatic_flag 
_chem_comp_atom.pdbx_stereo_config 
_chem_comp_atom.pdbx_ordinal 
ALA N    N N N 1   
ALA CA   C N S 2   
ALA C    C N N 3   
ALA O    O N N 4   
ALA CB   C N N 5   
ALA OXT  O N N 6   
ALA H    H N N 7   
ALA H2   H N N 8   
ALA HA   H N N 9   
ALA HB1  H N N 10  
ALA HB2  H N N 11  
ALA HB3  H N N 12  
ALA HXT  H N N 13  
ARG N    N N N 14  
ARG CA   C N S 15  
ARG C    C N N 16  
ARG O    O N N 17  
ARG CB   C N N 18  
ARG CG   C N N 19  
ARG CD   C N N 20  
ARG NE   N N N 21  
ARG CZ   C N N 22  
ARG NH1  N N N 23  
ARG NH2  N N N 24  
ARG OXT  O N N 25  
ARG H    H N N 26  
ARG H2   H N N 27  
ARG HA   H N N 28  
ARG HB2  H N N 29  
ARG HB3  H N N 30  
ARG HG2  H N N 31  
ARG HG3  H N N 32  
ARG HD2  H N N 33  
ARG HD3  H N N 34  
ARG HE   H N N 35  
ARG HH11 H N N 36  
ARG HH12 H N N 37  
ARG HH21 H N N 38  
ARG HH22 H N N 39  
ARG HXT  H N N 40  
ASN N    N N N 41  
ASN CA   C N S 42  
ASN C    C N N 43  
ASN O    O N N 44  
ASN CB   C N N 45  
ASN CG   C N N 46  
ASN OD1  O N N 47  
ASN ND2  N N N 48  
ASN OXT  O N N 49  
ASN H    H N N 50  
ASN H2   H N N 51  
ASN HA   H N N 52  
ASN HB2  H N N 53  
ASN HB3  H N N 54  
ASN HD21 H N N 55  
ASN HD22 H N N 56  
ASN HXT  H N N 57  
ASP N    N N N 58  
ASP CA   C N S 59  
ASP C    C N N 60  
ASP O    O N N 61  
ASP CB   C N N 62  
ASP CG   C N N 63  
ASP OD1  O N N 64  
ASP OD2  O N N 65  
ASP OXT  O N N 66  
ASP H    H N N 67  
ASP H2   H N N 68  
ASP HA   H N N 69  
ASP HB2  H N N 70  
ASP HB3  H N N 71  
ASP HD2  H N N 72  
ASP HXT  H N N 73  
CYS N    N N N 74  
CYS CA   C N R 75  
CYS C    C N N 76  
CYS O    O N N 77  
CYS CB   C N N 78  
CYS SG   S N N 79  
CYS OXT  O N N 80  
CYS H    H N N 81  
CYS H2   H N N 82  
CYS HA   H N N 83  
CYS HB2  H N N 84  
CYS HB3  H N N 85  
CYS HG   H N N 86  
CYS HXT  H N N 87  
EDO C1   C N N 88  
EDO O1   O N N 89  
EDO C2   C N N 90  
EDO O2   O N N 91  
EDO H11  H N N 92  
EDO H12  H N N 93  
EDO HO1  H N N 94  
EDO H21  H N N 95  
EDO H22  H N N 96  
EDO HO2  H N N 97  
GLN N    N N N 98  
GLN CA   C N S 99  
GLN C    C N N 100 
GLN O    O N N 101 
GLN CB   C N N 102 
GLN CG   C N N 103 
GLN CD   C N N 104 
GLN OE1  O N N 105 
GLN NE2  N N N 106 
GLN OXT  O N N 107 
GLN H    H N N 108 
GLN H2   H N N 109 
GLN HA   H N N 110 
GLN HB2  H N N 111 
GLN HB3  H N N 112 
GLN HG2  H N N 113 
GLN HG3  H N N 114 
GLN HE21 H N N 115 
GLN HE22 H N N 116 
GLN HXT  H N N 117 
GLU N    N N N 118 
GLU CA   C N S 119 
GLU C    C N N 120 
GLU O    O N N 121 
GLU CB   C N N 122 
GLU CG   C N N 123 
GLU CD   C N N 124 
GLU OE1  O N N 125 
GLU OE2  O N N 126 
GLU OXT  O N N 127 
GLU H    H N N 128 
GLU H2   H N N 129 
GLU HA   H N N 130 
GLU HB2  H N N 131 
GLU HB3  H N N 132 
GLU HG2  H N N 133 
GLU HG3  H N N 134 
GLU HE2  H N N 135 
GLU HXT  H N N 136 
GLY N    N N N 137 
GLY CA   C N N 138 
GLY C    C N N 139 
GLY O    O N N 140 
GLY OXT  O N N 141 
GLY H    H N N 142 
GLY H2   H N N 143 
GLY HA2  H N N 144 
GLY HA3  H N N 145 
GLY HXT  H N N 146 
HIS N    N N N 147 
HIS CA   C N S 148 
HIS C    C N N 149 
HIS O    O N N 150 
HIS CB   C N N 151 
HIS CG   C Y N 152 
HIS ND1  N Y N 153 
HIS CD2  C Y N 154 
HIS CE1  C Y N 155 
HIS NE2  N Y N 156 
HIS OXT  O N N 157 
HIS H    H N N 158 
HIS H2   H N N 159 
HIS HA   H N N 160 
HIS HB2  H N N 161 
HIS HB3  H N N 162 
HIS HD1  H N N 163 
HIS HD2  H N N 164 
HIS HE1  H N N 165 
HIS HE2  H N N 166 
HIS HXT  H N N 167 
HOH O    O N N 168 
HOH H1   H N N 169 
HOH H2   H N N 170 
ILE N    N N N 171 
ILE CA   C N S 172 
ILE C    C N N 173 
ILE O    O N N 174 
ILE CB   C N S 175 
ILE CG1  C N N 176 
ILE CG2  C N N 177 
ILE CD1  C N N 178 
ILE OXT  O N N 179 
ILE H    H N N 180 
ILE H2   H N N 181 
ILE HA   H N N 182 
ILE HB   H N N 183 
ILE HG12 H N N 184 
ILE HG13 H N N 185 
ILE HG21 H N N 186 
ILE HG22 H N N 187 
ILE HG23 H N N 188 
ILE HD11 H N N 189 
ILE HD12 H N N 190 
ILE HD13 H N N 191 
ILE HXT  H N N 192 
LEU N    N N N 193 
LEU CA   C N S 194 
LEU C    C N N 195 
LEU O    O N N 196 
LEU CB   C N N 197 
LEU CG   C N N 198 
LEU CD1  C N N 199 
LEU CD2  C N N 200 
LEU OXT  O N N 201 
LEU H    H N N 202 
LEU H2   H N N 203 
LEU HA   H N N 204 
LEU HB2  H N N 205 
LEU HB3  H N N 206 
LEU HG   H N N 207 
LEU HD11 H N N 208 
LEU HD12 H N N 209 
LEU HD13 H N N 210 
LEU HD21 H N N 211 
LEU HD22 H N N 212 
LEU HD23 H N N 213 
LEU HXT  H N N 214 
LYS N    N N N 215 
LYS CA   C N S 216 
LYS C    C N N 217 
LYS O    O N N 218 
LYS CB   C N N 219 
LYS CG   C N N 220 
LYS CD   C N N 221 
LYS CE   C N N 222 
LYS NZ   N N N 223 
LYS OXT  O N N 224 
LYS H    H N N 225 
LYS H2   H N N 226 
LYS HA   H N N 227 
LYS HB2  H N N 228 
LYS HB3  H N N 229 
LYS HG2  H N N 230 
LYS HG3  H N N 231 
LYS HD2  H N N 232 
LYS HD3  H N N 233 
LYS HE2  H N N 234 
LYS HE3  H N N 235 
LYS HZ1  H N N 236 
LYS HZ2  H N N 237 
LYS HZ3  H N N 238 
LYS HXT  H N N 239 
MET N    N N N 240 
MET CA   C N S 241 
MET C    C N N 242 
MET O    O N N 243 
MET CB   C N N 244 
MET CG   C N N 245 
MET SD   S N N 246 
MET CE   C N N 247 
MET OXT  O N N 248 
MET H    H N N 249 
MET H2   H N N 250 
MET HA   H N N 251 
MET HB2  H N N 252 
MET HB3  H N N 253 
MET HG2  H N N 254 
MET HG3  H N N 255 
MET HE1  H N N 256 
MET HE2  H N N 257 
MET HE3  H N N 258 
MET HXT  H N N 259 
O1J C4   C Y N 260 
O1J C5   C Y N 261 
O1J C6   C Y N 262 
O1J C7   C Y N 263 
O1J C8   C Y N 264 
O1J C    C N N 265 
O1J O    O N N 266 
O1J C1   C N N 267 
O1J C2   C N N 268 
O1J C3   C Y N 269 
O1J O1   O N N 270 
O1J O2   O N N 271 
O1J H1   H N N 272 
O1J H2   H N N 273 
O1J H3   H N N 274 
O1J H4   H N N 275 
O1J H5   H N N 276 
O1J H6   H N N 277 
O1J H7   H N N 278 
O1J H8   H N N 279 
O1J H9   H N N 280 
O1J H10  H N N 281 
PHE N    N N N 282 
PHE CA   C N S 283 
PHE C    C N N 284 
PHE O    O N N 285 
PHE CB   C N N 286 
PHE CG   C Y N 287 
PHE CD1  C Y N 288 
PHE CD2  C Y N 289 
PHE CE1  C Y N 290 
PHE CE2  C Y N 291 
PHE CZ   C Y N 292 
PHE OXT  O N N 293 
PHE H    H N N 294 
PHE H2   H N N 295 
PHE HA   H N N 296 
PHE HB2  H N N 297 
PHE HB3  H N N 298 
PHE HD1  H N N 299 
PHE HD2  H N N 300 
PHE HE1  H N N 301 
PHE HE2  H N N 302 
PHE HZ   H N N 303 
PHE HXT  H N N 304 
PRO N    N N N 305 
PRO CA   C N S 306 
PRO C    C N N 307 
PRO O    O N N 308 
PRO CB   C N N 309 
PRO CG   C N N 310 
PRO CD   C N N 311 
PRO OXT  O N N 312 
PRO H    H N N 313 
PRO HA   H N N 314 
PRO HB2  H N N 315 
PRO HB3  H N N 316 
PRO HG2  H N N 317 
PRO HG3  H N N 318 
PRO HD2  H N N 319 
PRO HD3  H N N 320 
PRO HXT  H N N 321 
SER N    N N N 322 
SER CA   C N S 323 
SER C    C N N 324 
SER O    O N N 325 
SER CB   C N N 326 
SER OG   O N N 327 
SER OXT  O N N 328 
SER H    H N N 329 
SER H2   H N N 330 
SER HA   H N N 331 
SER HB2  H N N 332 
SER HB3  H N N 333 
SER HG   H N N 334 
SER HXT  H N N 335 
SO4 S    S N N 336 
SO4 O1   O N N 337 
SO4 O2   O N N 338 
SO4 O3   O N N 339 
SO4 O4   O N N 340 
THR N    N N N 341 
THR CA   C N S 342 
THR C    C N N 343 
THR O    O N N 344 
THR CB   C N R 345 
THR OG1  O N N 346 
THR CG2  C N N 347 
THR OXT  O N N 348 
THR H    H N N 349 
THR H2   H N N 350 
THR HA   H N N 351 
THR HB   H N N 352 
THR HG1  H N N 353 
THR HG21 H N N 354 
THR HG22 H N N 355 
THR HG23 H N N 356 
THR HXT  H N N 357 
TRP N    N N N 358 
TRP CA   C N S 359 
TRP C    C N N 360 
TRP O    O N N 361 
TRP CB   C N N 362 
TRP CG   C Y N 363 
TRP CD1  C Y N 364 
TRP CD2  C Y N 365 
TRP NE1  N Y N 366 
TRP CE2  C Y N 367 
TRP CE3  C Y N 368 
TRP CZ2  C Y N 369 
TRP CZ3  C Y N 370 
TRP CH2  C Y N 371 
TRP OXT  O N N 372 
TRP H    H N N 373 
TRP H2   H N N 374 
TRP HA   H N N 375 
TRP HB2  H N N 376 
TRP HB3  H N N 377 
TRP HD1  H N N 378 
TRP HE1  H N N 379 
TRP HE3  H N N 380 
TRP HZ2  H N N 381 
TRP HZ3  H N N 382 
TRP HH2  H N N 383 
TRP HXT  H N N 384 
TYR N    N N N 385 
TYR CA   C N S 386 
TYR C    C N N 387 
TYR O    O N N 388 
TYR CB   C N N 389 
TYR CG   C Y N 390 
TYR CD1  C Y N 391 
TYR CD2  C Y N 392 
TYR CE1  C Y N 393 
TYR CE2  C Y N 394 
TYR CZ   C Y N 395 
TYR OH   O N N 396 
TYR OXT  O N N 397 
TYR H    H N N 398 
TYR H2   H N N 399 
TYR HA   H N N 400 
TYR HB2  H N N 401 
TYR HB3  H N N 402 
TYR HD1  H N N 403 
TYR HD2  H N N 404 
TYR HE1  H N N 405 
TYR HE2  H N N 406 
TYR HH   H N N 407 
TYR HXT  H N N 408 
VAL N    N N N 409 
VAL CA   C N S 410 
VAL C    C N N 411 
VAL O    O N N 412 
VAL CB   C N N 413 
VAL CG1  C N N 414 
VAL CG2  C N N 415 
VAL OXT  O N N 416 
VAL H    H N N 417 
VAL H2   H N N 418 
VAL HA   H N N 419 
VAL HB   H N N 420 
VAL HG11 H N N 421 
VAL HG12 H N N 422 
VAL HG13 H N N 423 
VAL HG21 H N N 424 
VAL HG22 H N N 425 
VAL HG23 H N N 426 
VAL HXT  H N N 427 
# 
loop_
_chem_comp_bond.comp_id 
_chem_comp_bond.atom_id_1 
_chem_comp_bond.atom_id_2 
_chem_comp_bond.value_order 
_chem_comp_bond.pdbx_aromatic_flag 
_chem_comp_bond.pdbx_stereo_config 
_chem_comp_bond.pdbx_ordinal 
ALA N   CA   sing N N 1   
ALA N   H    sing N N 2   
ALA N   H2   sing N N 3   
ALA CA  C    sing N N 4   
ALA CA  CB   sing N N 5   
ALA CA  HA   sing N N 6   
ALA C   O    doub N N 7   
ALA C   OXT  sing N N 8   
ALA CB  HB1  sing N N 9   
ALA CB  HB2  sing N N 10  
ALA CB  HB3  sing N N 11  
ALA OXT HXT  sing N N 12  
ARG N   CA   sing N N 13  
ARG N   H    sing N N 14  
ARG N   H2   sing N N 15  
ARG CA  C    sing N N 16  
ARG CA  CB   sing N N 17  
ARG CA  HA   sing N N 18  
ARG C   O    doub N N 19  
ARG C   OXT  sing N N 20  
ARG CB  CG   sing N N 21  
ARG CB  HB2  sing N N 22  
ARG CB  HB3  sing N N 23  
ARG CG  CD   sing N N 24  
ARG CG  HG2  sing N N 25  
ARG CG  HG3  sing N N 26  
ARG CD  NE   sing N N 27  
ARG CD  HD2  sing N N 28  
ARG CD  HD3  sing N N 29  
ARG NE  CZ   sing N N 30  
ARG NE  HE   sing N N 31  
ARG CZ  NH1  sing N N 32  
ARG CZ  NH2  doub N N 33  
ARG NH1 HH11 sing N N 34  
ARG NH1 HH12 sing N N 35  
ARG NH2 HH21 sing N N 36  
ARG NH2 HH22 sing N N 37  
ARG OXT HXT  sing N N 38  
ASN N   CA   sing N N 39  
ASN N   H    sing N N 40  
ASN N   H2   sing N N 41  
ASN CA  C    sing N N 42  
ASN CA  CB   sing N N 43  
ASN CA  HA   sing N N 44  
ASN C   O    doub N N 45  
ASN C   OXT  sing N N 46  
ASN CB  CG   sing N N 47  
ASN CB  HB2  sing N N 48  
ASN CB  HB3  sing N N 49  
ASN CG  OD1  doub N N 50  
ASN CG  ND2  sing N N 51  
ASN ND2 HD21 sing N N 52  
ASN ND2 HD22 sing N N 53  
ASN OXT HXT  sing N N 54  
ASP N   CA   sing N N 55  
ASP N   H    sing N N 56  
ASP N   H2   sing N N 57  
ASP CA  C    sing N N 58  
ASP CA  CB   sing N N 59  
ASP CA  HA   sing N N 60  
ASP C   O    doub N N 61  
ASP C   OXT  sing N N 62  
ASP CB  CG   sing N N 63  
ASP CB  HB2  sing N N 64  
ASP CB  HB3  sing N N 65  
ASP CG  OD1  doub N N 66  
ASP CG  OD2  sing N N 67  
ASP OD2 HD2  sing N N 68  
ASP OXT HXT  sing N N 69  
CYS N   CA   sing N N 70  
CYS N   H    sing N N 71  
CYS N   H2   sing N N 72  
CYS CA  C    sing N N 73  
CYS CA  CB   sing N N 74  
CYS CA  HA   sing N N 75  
CYS C   O    doub N N 76  
CYS C   OXT  sing N N 77  
CYS CB  SG   sing N N 78  
CYS CB  HB2  sing N N 79  
CYS CB  HB3  sing N N 80  
CYS SG  HG   sing N N 81  
CYS OXT HXT  sing N N 82  
EDO C1  O1   sing N N 83  
EDO C1  C2   sing N N 84  
EDO C1  H11  sing N N 85  
EDO C1  H12  sing N N 86  
EDO O1  HO1  sing N N 87  
EDO C2  O2   sing N N 88  
EDO C2  H21  sing N N 89  
EDO C2  H22  sing N N 90  
EDO O2  HO2  sing N N 91  
GLN N   CA   sing N N 92  
GLN N   H    sing N N 93  
GLN N   H2   sing N N 94  
GLN CA  C    sing N N 95  
GLN CA  CB   sing N N 96  
GLN CA  HA   sing N N 97  
GLN C   O    doub N N 98  
GLN C   OXT  sing N N 99  
GLN CB  CG   sing N N 100 
GLN CB  HB2  sing N N 101 
GLN CB  HB3  sing N N 102 
GLN CG  CD   sing N N 103 
GLN CG  HG2  sing N N 104 
GLN CG  HG3  sing N N 105 
GLN CD  OE1  doub N N 106 
GLN CD  NE2  sing N N 107 
GLN NE2 HE21 sing N N 108 
GLN NE2 HE22 sing N N 109 
GLN OXT HXT  sing N N 110 
GLU N   CA   sing N N 111 
GLU N   H    sing N N 112 
GLU N   H2   sing N N 113 
GLU CA  C    sing N N 114 
GLU CA  CB   sing N N 115 
GLU CA  HA   sing N N 116 
GLU C   O    doub N N 117 
GLU C   OXT  sing N N 118 
GLU CB  CG   sing N N 119 
GLU CB  HB2  sing N N 120 
GLU CB  HB3  sing N N 121 
GLU CG  CD   sing N N 122 
GLU CG  HG2  sing N N 123 
GLU CG  HG3  sing N N 124 
GLU CD  OE1  doub N N 125 
GLU CD  OE2  sing N N 126 
GLU OE2 HE2  sing N N 127 
GLU OXT HXT  sing N N 128 
GLY N   CA   sing N N 129 
GLY N   H    sing N N 130 
GLY N   H2   sing N N 131 
GLY CA  C    sing N N 132 
GLY CA  HA2  sing N N 133 
GLY CA  HA3  sing N N 134 
GLY C   O    doub N N 135 
GLY C   OXT  sing N N 136 
GLY OXT HXT  sing N N 137 
HIS N   CA   sing N N 138 
HIS N   H    sing N N 139 
HIS N   H2   sing N N 140 
HIS CA  C    sing N N 141 
HIS CA  CB   sing N N 142 
HIS CA  HA   sing N N 143 
HIS C   O    doub N N 144 
HIS C   OXT  sing N N 145 
HIS CB  CG   sing N N 146 
HIS CB  HB2  sing N N 147 
HIS CB  HB3  sing N N 148 
HIS CG  ND1  sing Y N 149 
HIS CG  CD2  doub Y N 150 
HIS ND1 CE1  doub Y N 151 
HIS ND1 HD1  sing N N 152 
HIS CD2 NE2  sing Y N 153 
HIS CD2 HD2  sing N N 154 
HIS CE1 NE2  sing Y N 155 
HIS CE1 HE1  sing N N 156 
HIS NE2 HE2  sing N N 157 
HIS OXT HXT  sing N N 158 
HOH O   H1   sing N N 159 
HOH O   H2   sing N N 160 
ILE N   CA   sing N N 161 
ILE N   H    sing N N 162 
ILE N   H2   sing N N 163 
ILE CA  C    sing N N 164 
ILE CA  CB   sing N N 165 
ILE CA  HA   sing N N 166 
ILE C   O    doub N N 167 
ILE C   OXT  sing N N 168 
ILE CB  CG1  sing N N 169 
ILE CB  CG2  sing N N 170 
ILE CB  HB   sing N N 171 
ILE CG1 CD1  sing N N 172 
ILE CG1 HG12 sing N N 173 
ILE CG1 HG13 sing N N 174 
ILE CG2 HG21 sing N N 175 
ILE CG2 HG22 sing N N 176 
ILE CG2 HG23 sing N N 177 
ILE CD1 HD11 sing N N 178 
ILE CD1 HD12 sing N N 179 
ILE CD1 HD13 sing N N 180 
ILE OXT HXT  sing N N 181 
LEU N   CA   sing N N 182 
LEU N   H    sing N N 183 
LEU N   H2   sing N N 184 
LEU CA  C    sing N N 185 
LEU CA  CB   sing N N 186 
LEU CA  HA   sing N N 187 
LEU C   O    doub N N 188 
LEU C   OXT  sing N N 189 
LEU CB  CG   sing N N 190 
LEU CB  HB2  sing N N 191 
LEU CB  HB3  sing N N 192 
LEU CG  CD1  sing N N 193 
LEU CG  CD2  sing N N 194 
LEU CG  HG   sing N N 195 
LEU CD1 HD11 sing N N 196 
LEU CD1 HD12 sing N N 197 
LEU CD1 HD13 sing N N 198 
LEU CD2 HD21 sing N N 199 
LEU CD2 HD22 sing N N 200 
LEU CD2 HD23 sing N N 201 
LEU OXT HXT  sing N N 202 
LYS N   CA   sing N N 203 
LYS N   H    sing N N 204 
LYS N   H2   sing N N 205 
LYS CA  C    sing N N 206 
LYS CA  CB   sing N N 207 
LYS CA  HA   sing N N 208 
LYS C   O    doub N N 209 
LYS C   OXT  sing N N 210 
LYS CB  CG   sing N N 211 
LYS CB  HB2  sing N N 212 
LYS CB  HB3  sing N N 213 
LYS CG  CD   sing N N 214 
LYS CG  HG2  sing N N 215 
LYS CG  HG3  sing N N 216 
LYS CD  CE   sing N N 217 
LYS CD  HD2  sing N N 218 
LYS CD  HD3  sing N N 219 
LYS CE  NZ   sing N N 220 
LYS CE  HE2  sing N N 221 
LYS CE  HE3  sing N N 222 
LYS NZ  HZ1  sing N N 223 
LYS NZ  HZ2  sing N N 224 
LYS NZ  HZ3  sing N N 225 
LYS OXT HXT  sing N N 226 
MET N   CA   sing N N 227 
MET N   H    sing N N 228 
MET N   H2   sing N N 229 
MET CA  C    sing N N 230 
MET CA  CB   sing N N 231 
MET CA  HA   sing N N 232 
MET C   O    doub N N 233 
MET C   OXT  sing N N 234 
MET CB  CG   sing N N 235 
MET CB  HB2  sing N N 236 
MET CB  HB3  sing N N 237 
MET CG  SD   sing N N 238 
MET CG  HG2  sing N N 239 
MET CG  HG3  sing N N 240 
MET SD  CE   sing N N 241 
MET CE  HE1  sing N N 242 
MET CE  HE2  sing N N 243 
MET CE  HE3  sing N N 244 
MET OXT HXT  sing N N 245 
O1J C7  C6   doub Y N 246 
O1J C7  C8   sing Y N 247 
O1J C6  C5   sing Y N 248 
O1J C8  C3   doub Y N 249 
O1J C5  C4   doub Y N 250 
O1J C3  C4   sing Y N 251 
O1J C3  C2   sing N N 252 
O1J C2  O2   sing N N 253 
O1J O2  C1   sing N N 254 
O1J C1  C    sing N N 255 
O1J C   O1   doub N N 256 
O1J C   O    sing N N 257 
O1J C4  H1   sing N N 258 
O1J C5  H2   sing N N 259 
O1J C6  H3   sing N N 260 
O1J C7  H4   sing N N 261 
O1J C8  H5   sing N N 262 
O1J O   H6   sing N N 263 
O1J C1  H7   sing N N 264 
O1J C1  H8   sing N N 265 
O1J C2  H9   sing N N 266 
O1J C2  H10  sing N N 267 
PHE N   CA   sing N N 268 
PHE N   H    sing N N 269 
PHE N   H2   sing N N 270 
PHE CA  C    sing N N 271 
PHE CA  CB   sing N N 272 
PHE CA  HA   sing N N 273 
PHE C   O    doub N N 274 
PHE C   OXT  sing N N 275 
PHE CB  CG   sing N N 276 
PHE CB  HB2  sing N N 277 
PHE CB  HB3  sing N N 278 
PHE CG  CD1  doub Y N 279 
PHE CG  CD2  sing Y N 280 
PHE CD1 CE1  sing Y N 281 
PHE CD1 HD1  sing N N 282 
PHE CD2 CE2  doub Y N 283 
PHE CD2 HD2  sing N N 284 
PHE CE1 CZ   doub Y N 285 
PHE CE1 HE1  sing N N 286 
PHE CE2 CZ   sing Y N 287 
PHE CE2 HE2  sing N N 288 
PHE CZ  HZ   sing N N 289 
PHE OXT HXT  sing N N 290 
PRO N   CA   sing N N 291 
PRO N   CD   sing N N 292 
PRO N   H    sing N N 293 
PRO CA  C    sing N N 294 
PRO CA  CB   sing N N 295 
PRO CA  HA   sing N N 296 
PRO C   O    doub N N 297 
PRO C   OXT  sing N N 298 
PRO CB  CG   sing N N 299 
PRO CB  HB2  sing N N 300 
PRO CB  HB3  sing N N 301 
PRO CG  CD   sing N N 302 
PRO CG  HG2  sing N N 303 
PRO CG  HG3  sing N N 304 
PRO CD  HD2  sing N N 305 
PRO CD  HD3  sing N N 306 
PRO OXT HXT  sing N N 307 
SER N   CA   sing N N 308 
SER N   H    sing N N 309 
SER N   H2   sing N N 310 
SER CA  C    sing N N 311 
SER CA  CB   sing N N 312 
SER CA  HA   sing N N 313 
SER C   O    doub N N 314 
SER C   OXT  sing N N 315 
SER CB  OG   sing N N 316 
SER CB  HB2  sing N N 317 
SER CB  HB3  sing N N 318 
SER OG  HG   sing N N 319 
SER OXT HXT  sing N N 320 
SO4 S   O1   doub N N 321 
SO4 S   O2   doub N N 322 
SO4 S   O3   sing N N 323 
SO4 S   O4   sing N N 324 
THR N   CA   sing N N 325 
THR N   H    sing N N 326 
THR N   H2   sing N N 327 
THR CA  C    sing N N 328 
THR CA  CB   sing N N 329 
THR CA  HA   sing N N 330 
THR C   O    doub N N 331 
THR C   OXT  sing N N 332 
THR CB  OG1  sing N N 333 
THR CB  CG2  sing N N 334 
THR CB  HB   sing N N 335 
THR OG1 HG1  sing N N 336 
THR CG2 HG21 sing N N 337 
THR CG2 HG22 sing N N 338 
THR CG2 HG23 sing N N 339 
THR OXT HXT  sing N N 340 
TRP N   CA   sing N N 341 
TRP N   H    sing N N 342 
TRP N   H2   sing N N 343 
TRP CA  C    sing N N 344 
TRP CA  CB   sing N N 345 
TRP CA  HA   sing N N 346 
TRP C   O    doub N N 347 
TRP C   OXT  sing N N 348 
TRP CB  CG   sing N N 349 
TRP CB  HB2  sing N N 350 
TRP CB  HB3  sing N N 351 
TRP CG  CD1  doub Y N 352 
TRP CG  CD2  sing Y N 353 
TRP CD1 NE1  sing Y N 354 
TRP CD1 HD1  sing N N 355 
TRP CD2 CE2  doub Y N 356 
TRP CD2 CE3  sing Y N 357 
TRP NE1 CE2  sing Y N 358 
TRP NE1 HE1  sing N N 359 
TRP CE2 CZ2  sing Y N 360 
TRP CE3 CZ3  doub Y N 361 
TRP CE3 HE3  sing N N 362 
TRP CZ2 CH2  doub Y N 363 
TRP CZ2 HZ2  sing N N 364 
TRP CZ3 CH2  sing Y N 365 
TRP CZ3 HZ3  sing N N 366 
TRP CH2 HH2  sing N N 367 
TRP OXT HXT  sing N N 368 
TYR N   CA   sing N N 369 
TYR N   H    sing N N 370 
TYR N   H2   sing N N 371 
TYR CA  C    sing N N 372 
TYR CA  CB   sing N N 373 
TYR CA  HA   sing N N 374 
TYR C   O    doub N N 375 
TYR C   OXT  sing N N 376 
TYR CB  CG   sing N N 377 
TYR CB  HB2  sing N N 378 
TYR CB  HB3  sing N N 379 
TYR CG  CD1  doub Y N 380 
TYR CG  CD2  sing Y N 381 
TYR CD1 CE1  sing Y N 382 
TYR CD1 HD1  sing N N 383 
TYR CD2 CE2  doub Y N 384 
TYR CD2 HD2  sing N N 385 
TYR CE1 CZ   doub Y N 386 
TYR CE1 HE1  sing N N 387 
TYR CE2 CZ   sing Y N 388 
TYR CE2 HE2  sing N N 389 
TYR CZ  OH   sing N N 390 
TYR OH  HH   sing N N 391 
TYR OXT HXT  sing N N 392 
VAL N   CA   sing N N 393 
VAL N   H    sing N N 394 
VAL N   H2   sing N N 395 
VAL CA  C    sing N N 396 
VAL CA  CB   sing N N 397 
VAL CA  HA   sing N N 398 
VAL C   O    doub N N 399 
VAL C   OXT  sing N N 400 
VAL CB  CG1  sing N N 401 
VAL CB  CG2  sing N N 402 
VAL CB  HB   sing N N 403 
VAL CG1 HG11 sing N N 404 
VAL CG1 HG12 sing N N 405 
VAL CG1 HG13 sing N N 406 
VAL CG2 HG21 sing N N 407 
VAL CG2 HG22 sing N N 408 
VAL CG2 HG23 sing N N 409 
VAL OXT HXT  sing N N 410 
# 
_pdbx_audit_support.ordinal                1 
_pdbx_audit_support.funding_organization   'European Union (EU)' 
_pdbx_audit_support.grant_number           875510 
_pdbx_audit_support.country                'European Union' 
# 
_pdbx_deposit_group.group_id            G_1002320 
_pdbx_deposit_group.group_description   
;PRYSPRY domain of murine TRIM21 screened against the DSI-poised Fragment Library by X-ray Crystallography at the XChem facility of Diamon Light Source
;
_pdbx_deposit_group.group_title         'PanDDA analysis group deposition' 
_pdbx_deposit_group.group_type          'changed state' 
# 
_pdbx_initial_refinement_model.id               1 
_pdbx_initial_refinement_model.entity_id_list   ? 
_pdbx_initial_refinement_model.type             'experimental model' 
_pdbx_initial_refinement_model.source_name      PDB 
_pdbx_initial_refinement_model.accession_code   2VOK 
_pdbx_initial_refinement_model.details          ? 
# 
_atom_sites.entry_id                    7HO8 
_atom_sites.fract_transf_matrix[1][1]   0.01037909 
_atom_sites.fract_transf_matrix[1][2]   -0.00096395 
_atom_sites.fract_transf_matrix[1][3]   -0.00083309 
_atom_sites.fract_transf_matrix[2][1]   -0.00102733 
_atom_sites.fract_transf_matrix[2][2]   -0.01037615 
_atom_sites.fract_transf_matrix[2][3]   -0.00079310 
_atom_sites.fract_transf_matrix[3][1]   -0.00157518 
_atom_sites.fract_transf_matrix[3][2]   0.00181661 
_atom_sites.fract_transf_matrix[3][3]   -0.02172636 
_atom_sites.fract_transf_vector[1]      -0.298627 
_atom_sites.fract_transf_vector[2]      -0.116951 
_atom_sites.fract_transf_vector[3]      -0.503465 
# 
loop_
_atom_type.symbol 
C 
N 
O 
S 
# 
loop_
_atom_site.group_PDB 
_atom_site.id 
_atom_site.type_symbol 
_atom_site.label_atom_id 
_atom_site.label_alt_id 
_atom_site.label_comp_id 
_atom_site.label_asym_id 
_atom_site.label_entity_id 
_atom_site.label_seq_id 
_atom_site.pdbx_PDB_ins_code 
_atom_site.Cartn_x 
_atom_site.Cartn_y 
_atom_site.Cartn_z 
_atom_site.occupancy 
_atom_site.B_iso_or_equiv 
_atom_site.pdbx_formal_charge 
_atom_site.auth_seq_id 
_atom_site.auth_comp_id 
_atom_site.auth_asym_id 
_atom_site.auth_atom_id 
_atom_site.pdbx_PDB_model_num 
ATOM   1    N N   . HIS A 1 2   ? 14.243  1.304   -14.202 1.00 53.72 ? 8   HIS B N   1 
ATOM   2    C CA  . HIS A 1 2   ? 14.934  1.791   -12.947 1.00 49.15 ? 8   HIS B CA  1 
ATOM   3    C C   . HIS A 1 2   ? 15.999  0.783   -12.503 1.00 48.05 ? 8   HIS B C   1 
ATOM   4    O O   . HIS A 1 2   ? 15.952  -0.393  -12.952 1.00 51.36 ? 8   HIS B O   1 
ATOM   5    C CB  . HIS A 1 2   ? 13.922  2.061   -11.811 1.00 43.45 ? 8   HIS B CB  1 
ATOM   6    C CG  . HIS A 1 2   ? 13.259  0.841   -11.244 1.00 38.87 ? 8   HIS B CG  1 
ATOM   7    N ND1 . HIS A 1 2   ? 13.818  0.102   -10.208 1.00 38.46 ? 8   HIS B ND1 1 
ATOM   8    C CD2 . HIS A 1 2   ? 12.079  0.242   -11.532 1.00 35.98 ? 8   HIS B CD2 1 
ATOM   9    C CE1 . HIS A 1 2   ? 13.026  -0.913  -9.910  1.00 37.49 ? 8   HIS B CE1 1 
ATOM   10   N NE2 . HIS A 1 2   ? 11.953  -0.861  -10.713 1.00 33.21 ? 8   HIS B NE2 1 
ATOM   11   N N   . HIS A 1 3   ? 16.864  1.215   -11.588 1.00 43.97 ? 9   HIS B N   1 
ATOM   12   C CA  . HIS A 1 3   ? 17.972  0.421   -10.994 1.00 44.05 ? 9   HIS B CA  1 
ATOM   13   C C   . HIS A 1 3   ? 17.898  0.468   -9.452  1.00 38.41 ? 9   HIS B C   1 
ATOM   14   O O   . HIS A 1 3   ? 18.967  0.538   -8.814  1.00 39.02 ? 9   HIS B O   1 
ATOM   15   C CB  . HIS A 1 3   ? 19.298  0.916   -11.615 1.00 52.95 ? 9   HIS B CB  1 
ATOM   16   C CG  . HIS A 1 3   ? 19.314  0.841   -13.117 1.00 59.74 ? 9   HIS B CG  1 
ATOM   17   N ND1 . HIS A 1 3   ? 19.294  -0.368  -13.808 1.00 61.85 ? 9   HIS B ND1 1 
ATOM   18   C CD2 . HIS A 1 3   ? 19.324  1.808   -14.065 1.00 63.96 ? 9   HIS B CD2 1 
ATOM   19   C CE1 . HIS A 1 3   ? 19.296  -0.138  -15.108 1.00 61.65 ? 9   HIS B CE1 1 
ATOM   20   N NE2 . HIS A 1 3   ? 19.319  1.189   -15.292 1.00 64.71 ? 9   HIS B NE2 1 
ATOM   21   N N   . HIS A 1 4   ? 16.687  0.374   -8.858  1.00 31.40 ? 10  HIS B N   1 
ATOM   22   C CA  . HIS A 1 4   ? 16.431  0.491   -7.388  1.00 25.14 ? 10  HIS B CA  1 
ATOM   23   C C   . HIS A 1 4   ? 16.373  -0.895  -6.737  1.00 25.38 ? 10  HIS B C   1 
ATOM   24   O O   . HIS A 1 4   ? 16.270  -0.986  -5.494  1.00 23.56 ? 10  HIS B O   1 
ATOM   25   C CB  . HIS A 1 4   ? 15.112  1.233   -7.081  1.00 25.32 ? 10  HIS B CB  1 
ATOM   26   C CG  . HIS A 1 4   ? 15.051  2.636   -7.578  1.00 25.10 ? 10  HIS B CG  1 
ATOM   27   N ND1 . HIS A 1 4   ? 16.066  3.569   -7.356  1.00 23.70 ? 10  HIS B ND1 1 
ATOM   28   C CD2 . HIS A 1 4   ? 14.084  3.292   -8.259  1.00 23.38 ? 10  HIS B CD2 1 
ATOM   29   C CE1 . HIS A 1 4   ? 15.716  4.729   -7.881  1.00 28.97 ? 10  HIS B CE1 1 
ATOM   30   N NE2 . HIS A 1 4   ? 14.504  4.585   -8.439  1.00 27.46 ? 10  HIS B NE2 1 
ATOM   31   N N   . HIS A 1 5   ? 16.417  -1.958  -7.547  1.00 26.37 ? 11  HIS B N   1 
ATOM   32   C CA  . HIS A 1 5   ? 16.202  -3.363  -7.108  1.00 28.08 ? 11  HIS B CA  1 
ATOM   33   C C   . HIS A 1 5   ? 17.139  -3.753  -5.953  1.00 27.10 ? 11  HIS B C   1 
ATOM   34   O O   . HIS A 1 5   ? 16.675  -4.485  -5.057  1.00 26.73 ? 11  HIS B O   1 
ATOM   35   C CB  . HIS A 1 5   ? 16.330  -4.332  -8.298  1.00 34.66 ? 11  HIS B CB  1 
ATOM   36   C CG  . HIS A 1 5   ? 15.377  -4.022  -9.401  1.00 39.69 ? 11  HIS B CG  1 
ATOM   37   N ND1 . HIS A 1 5   ? 15.700  -3.144  -10.439 1.00 47.92 ? 11  HIS B ND1 1 
ATOM   38   C CD2 . HIS A 1 5   ? 14.111  -4.448  -9.636  1.00 41.92 ? 11  HIS B CD2 1 
ATOM   39   C CE1 . HIS A 1 5   ? 14.672  -3.047  -11.269 1.00 47.10 ? 11  HIS B CE1 1 
ATOM   40   N NE2 . HIS A 1 5   ? 13.674  -3.834  -10.793 1.00 44.12 ? 11  HIS B NE2 1 
ATOM   41   N N   . HIS A 1 6   ? 18.389  -3.266  -5.939  1.00 26.17 ? 12  HIS B N   1 
ATOM   42   C CA  . HIS A 1 6   ? 19.408  -3.586  -4.907  1.00 25.59 ? 12  HIS B CA  1 
ATOM   43   C C   . HIS A 1 6   ? 19.033  -3.029  -3.529  1.00 23.81 ? 12  HIS B C   1 
ATOM   44   O O   . HIS A 1 6   ? 19.690  -3.420  -2.558  1.00 24.55 ? 12  HIS B O   1 
ATOM   45   C CB  . HIS A 1 6   ? 20.803  -3.099  -5.328  1.00 28.88 ? 12  HIS B CB  1 
ATOM   46   C CG  . HIS A 1 6   ? 20.888  -1.640  -5.614  1.00 29.28 ? 12  HIS B CG  1 
ATOM   47   N ND1 . HIS A 1 6   ? 21.646  -0.774  -4.836  1.00 35.41 ? 12  HIS B ND1 1 
ATOM   48   C CD2 . HIS A 1 6   ? 20.354  -0.893  -6.601  1.00 30.58 ? 12  HIS B CD2 1 
ATOM   49   C CE1 . HIS A 1 6   ? 21.562  0.444   -5.322  1.00 29.37 ? 12  HIS B CE1 1 
ATOM   50   N NE2 . HIS A 1 6   ? 20.773  0.403   -6.404  1.00 36.91 ? 12  HIS B NE2 1 
ATOM   51   N N   . HIS A 1 7   ? 18.042  -2.133  -3.419  1.00 20.33 ? 13  HIS B N   1 
ATOM   52   C CA  . HIS A 1 7   ? 17.522  -1.633  -2.112  1.00 17.18 ? 13  HIS B CA  1 
ATOM   53   C C   . HIS A 1 7   ? 16.353  -2.489  -1.629  1.00 16.05 ? 13  HIS B C   1 
ATOM   54   O O   . HIS A 1 7   ? 15.628  -2.024  -0.739  1.00 13.70 ? 13  HIS B O   1 
ATOM   55   C CB  . HIS A 1 7   ? 17.116  -0.172  -2.210  1.00 16.89 ? 13  HIS B CB  1 
ATOM   56   C CG  . HIS A 1 7   ? 18.231  0.734   -2.658  1.00 17.52 ? 13  HIS B CG  1 
ATOM   57   N ND1 . HIS A 1 7   ? 19.367  0.896   -1.872  1.00 17.70 ? 13  HIS B ND1 1 
ATOM   58   C CD2 . HIS A 1 7   ? 18.355  1.529   -3.738  1.00 18.92 ? 13  HIS B CD2 1 
ATOM   59   C CE1 . HIS A 1 7   ? 20.165  1.742   -2.480  1.00 17.73 ? 13  HIS B CE1 1 
ATOM   60   N NE2 . HIS A 1 7   ? 19.581  2.149   -3.631  1.00 20.19 ? 13  HIS B NE2 1 
ATOM   61   N N   . MET A 1 8   ? 16.139  -3.641  -2.236  1.00 16.43 ? 14  MET B N   1 
ATOM   62   C CA  . MET A 1 8   ? 15.060  -4.581  -1.874  1.00 18.61 ? 14  MET B CA  1 
ATOM   63   C C   . MET A 1 8   ? 15.072  -4.833  -0.367  1.00 18.02 ? 14  MET B C   1 
ATOM   64   O O   . MET A 1 8   ? 16.135  -5.098  0.253   1.00 19.72 ? 14  MET B O   1 
ATOM   65   C CB  . MET A 1 8   ? 15.225  -5.907  -2.623  1.00 22.90 ? 14  MET B CB  1 
ATOM   66   C CG  . MET A 1 8   ? 14.104  -6.930  -2.401  1.00 28.14 ? 14  MET B CG  1 
ATOM   67   S SD  . MET A 1 8   ? 12.483  -6.473  -3.170  1.00 39.10 ? 14  MET B SD  1 
ATOM   68   C CE  . MET A 1 8   ? 12.750  -6.984  -4.864  1.00 34.04 ? 14  MET B CE  1 
ATOM   69   N N   . VAL A 1 9   ? 13.901  -4.773  0.240   1.00 15.21 ? 15  VAL B N   1 
ATOM   70   C CA  . VAL A 1 9   ? 13.671  -5.083  1.675   1.00 16.28 ? 15  VAL B CA  1 
ATOM   71   C C   . VAL A 1 9   ? 12.572  -6.159  1.739   1.00 17.15 ? 15  VAL B C   1 
ATOM   72   O O   . VAL A 1 9   ? 11.632  -6.142  0.920   1.00 16.71 ? 15  VAL B O   1 
ATOM   73   C CB  . VAL A 1 9   ? 13.333  -3.858  2.544   1.00 17.83 ? 15  VAL B CB  1 
ATOM   74   C CG1 . VAL A 1 9   ? 14.522  -2.924  2.628   1.00 19.88 ? 15  VAL B CG1 1 
ATOM   75   C CG2 . VAL A 1 9   ? 12.133  -3.091  2.042   1.00 18.08 ? 15  VAL B CG2 1 
ATOM   76   N N   . HIS A 1 10  ? 12.659  -7.036  2.729   1.00 17.83 ? 16  HIS B N   1 
ATOM   77   C CA  . HIS A 1 10  ? 11.695  -8.136  2.939   1.00 16.88 ? 16  HIS B CA  1 
ATOM   78   C C   . HIS A 1 10  ? 10.586  -7.609  3.848   1.00 16.49 ? 16  HIS B C   1 
ATOM   79   O O   . HIS A 1 10  ? 10.797  -7.367  5.054   1.00 19.33 ? 16  HIS B O   1 
ATOM   80   C CB  . HIS A 1 10  ? 12.417  -9.347  3.525   1.00 16.80 ? 16  HIS B CB  1 
ATOM   81   C CG  . HIS A 1 10  ? 11.537  -10.551 3.688   1.00 21.19 ? 16  HIS B CG  1 
ATOM   82   N ND1 . HIS A 1 10  ? 11.238  -11.404 2.655   1.00 23.59 ? 16  HIS B ND1 1 
ATOM   83   C CD2 . HIS A 1 10  ? 10.835  -10.987 4.763   1.00 23.83 ? 16  HIS B CD2 1 
ATOM   84   C CE1 . HIS A 1 10  ? 10.424  -12.359 3.096   1.00 22.09 ? 16  HIS B CE1 1 
ATOM   85   N NE2 . HIS A 1 10  ? 10.171  -12.126 4.398   1.00 27.60 ? 16  HIS B NE2 1 
ATOM   86   N N   . ILE A 1 11  ? 9.436   -7.334  3.253   1.00 12.90 ? 17  ILE B N   1 
ATOM   87   C CA  . ILE A 1 11  ? 8.298   -6.770  4.009   1.00 13.31 ? 17  ILE B CA  1 
ATOM   88   C C   . ILE A 1 11  ? 7.407   -7.916  4.518   1.00 13.35 ? 17  ILE B C   1 
ATOM   89   O O   . ILE A 1 11  ? 7.192   -8.848  3.782   1.00 13.73 ? 17  ILE B O   1 
ATOM   90   C CB  . ILE A 1 11  ? 7.508   -5.774  3.132   1.00 12.93 ? 17  ILE B CB  1 
ATOM   91   C CG1 . ILE A 1 11  ? 8.391   -4.605  2.665   1.00 13.82 ? 17  ILE B CG1 1 
ATOM   92   C CG2 . ILE A 1 11  ? 6.264   -5.301  3.869   1.00 12.09 ? 17  ILE B CG2 1 
ATOM   93   C CD1 . ILE A 1 11  ? 9.112   -3.858  3.779   1.00 13.99 ? 17  ILE B CD1 1 
ATOM   94   N N   . THR A 1 12  ? 6.923   -7.770  5.737   1.00 12.61 ? 18  THR B N   1 
ATOM   95   C CA  . THR A 1 12  ? 5.889   -8.692  6.268   1.00 13.39 ? 18  THR B CA  1 
ATOM   96   C C   . THR A 1 12  ? 4.748   -7.863  6.821   1.00 13.27 ? 18  THR B C   1 
ATOM   97   O O   . THR A 1 12  ? 4.917   -6.670  7.180   1.00 13.99 ? 18  THR B O   1 
ATOM   98   C CB  . THR A 1 12  ? 6.475   -9.653  7.303   1.00 15.05 ? 18  THR B CB  1 
ATOM   99   O OG1 . THR A 1 12  ? 6.991   -8.881  8.373   1.00 16.49 ? 18  THR B OG1 1 
ATOM   100  C CG2 . THR A 1 12  ? 7.476   -10.609 6.685   1.00 17.43 ? 18  THR B CG2 1 
ATOM   101  N N   . LEU A 1 13  ? 3.548   -8.458  6.813   1.00 11.32 ? 19  LEU B N   1 
ATOM   102  C CA  . LEU A 1 13  ? 2.372   -7.722  7.306   1.00 12.32 ? 19  LEU B CA  1 
ATOM   103  C C   . LEU A 1 13  ? 2.196   -7.828  8.829   1.00 12.83 ? 19  LEU B C   1 
ATOM   104  O O   . LEU A 1 13  ? 2.453   -8.921  9.381   1.00 13.39 ? 19  LEU B O   1 
ATOM   105  C CB  . LEU A 1 13  ? 1.156   -8.272  6.568   1.00 12.24 ? 19  LEU B CB  1 
ATOM   106  C CG  . LEU A 1 13  ? 1.247   -8.115  5.055   1.00 12.60 ? 19  LEU B CG  1 
ATOM   107  C CD1 . LEU A 1 13  ? 0.134   -8.862  4.337   1.00 13.22 ? 19  LEU B CD1 1 
ATOM   108  C CD2 . LEU A 1 13  ? 1.252   -6.634  4.664   1.00 13.27 ? 19  LEU B CD2 1 
ATOM   109  N N   . ASP A 1 14  ? 1.730   -6.776  9.449   1.00 11.64 ? 20  ASP B N   1 
ATOM   110  C CA  . ASP A 1 14  ? 1.492   -6.681  10.907  1.00 12.01 ? 20  ASP B CA  1 
ATOM   111  C C   . ASP A 1 14  ? -0.009  -6.960  11.168  1.00 13.21 ? 20  ASP B C   1 
ATOM   112  O O   . ASP A 1 14  ? -0.819  -6.084  11.008  1.00 12.00 ? 20  ASP B O   1 
ATOM   113  C CB  . ASP A 1 14  ? 1.966   -5.346  11.470  1.00 11.66 ? 20  ASP B CB  1 
ATOM   114  C CG  . ASP A 1 14  ? 1.827   -5.184  12.964  1.00 15.67 ? 20  ASP B CG  1 
ATOM   115  O OD1 . ASP A 1 14  ? 1.163   -6.065  13.562  1.00 15.46 ? 20  ASP B OD1 1 
ATOM   116  O OD2 . ASP A 1 14  ? 2.257   -4.130  13.516  1.00 15.37 ? 20  ASP B OD2 1 
ATOM   117  N N   A ARG A 1 15  ? -0.300  -8.217  11.537  0.25 13.58 ? 21  ARG B N   1 
ATOM   118  N N   B ARG A 1 15  ? -0.321  -8.202  11.544  0.25 14.49 ? 21  ARG B N   1 
ATOM   119  C CA  A ARG A 1 15  ? -1.648  -8.732  11.921  0.25 14.39 ? 21  ARG B CA  1 
ATOM   120  C CA  B ARG A 1 15  ? -1.710  -8.666  11.829  0.25 15.84 ? 21  ARG B CA  1 
ATOM   121  C C   A ARG A 1 15  ? -2.388  -7.745  12.822  0.25 14.11 ? 21  ARG B C   1 
ATOM   122  C C   B ARG A 1 15  ? -2.410  -7.742  12.832  0.25 14.98 ? 21  ARG B C   1 
ATOM   123  O O   A ARG A 1 15  ? -3.623  -7.597  12.669  0.25 13.48 ? 21  ARG B O   1 
ATOM   124  O O   B ARG A 1 15  ? -3.652  -7.602  12.737  0.25 14.11 ? 21  ARG B O   1 
ATOM   125  C CB  A ARG A 1 15  ? -1.546  -10.038 12.725  0.25 15.32 ? 21  ARG B CB  1 
ATOM   126  C CB  B ARG A 1 15  ? -1.707  -10.097 12.386  0.25 18.33 ? 21  ARG B CB  1 
ATOM   127  C CG  A ARG A 1 15  ? -0.685  -11.114 12.087  0.25 16.85 ? 21  ARG B CG  1 
ATOM   128  C CG  B ARG A 1 15  ? -1.438  -11.171 11.345  0.25 21.26 ? 21  ARG B CG  1 
ATOM   129  C CD  A ARG A 1 15  ? -0.947  -12.504 12.649  0.25 16.80 ? 21  ARG B CD  1 
ATOM   130  C CD  B ARG A 1 15  ? -0.010  -11.688 11.407  0.25 24.59 ? 21  ARG B CD  1 
ATOM   131  N NE  A ARG A 1 15  ? -0.522  -13.495 11.678  0.25 16.87 ? 21  ARG B NE  1 
ATOM   132  N NE  B ARG A 1 15  ? 0.188   -12.834 12.295  0.25 26.94 ? 21  ARG B NE  1 
ATOM   133  C CZ  A ARG A 1 15  ? -1.302  -13.956 10.722  0.25 16.56 ? 21  ARG B CZ  1 
ATOM   134  C CZ  B ARG A 1 15  ? 0.829   -12.811 13.465  0.25 29.85 ? 21  ARG B CZ  1 
ATOM   135  N NH1 A ARG A 1 15  ? -2.550  -13.541 10.667  0.25 17.39 ? 21  ARG B NH1 1 
ATOM   136  N NH1 B ARG A 1 15  ? 1.340   -11.691 13.946  0.25 30.77 ? 21  ARG B NH1 1 
ATOM   137  N NH2 A ARG A 1 15  ? -0.854  -14.838 9.851   0.25 17.42 ? 21  ARG B NH2 1 
ATOM   138  N NH2 B ARG A 1 15  ? 0.953   -13.924 14.161  0.25 31.26 ? 21  ARG B NH2 1 
ATOM   139  N N   . ASN A 1 16  ? -1.679  -7.160  13.787  1.00 14.07 ? 22  ASN B N   1 
ATOM   140  C CA  . ASN A 1 16  ? -2.308  -6.303  14.821  1.00 14.88 ? 22  ASN B CA  1 
ATOM   141  C C   . ASN A 1 16  ? -2.929  -5.042  14.227  1.00 13.52 ? 22  ASN B C   1 
ATOM   142  O O   . ASN A 1 16  ? -3.859  -4.509  14.834  1.00 13.60 ? 22  ASN B O   1 
ATOM   143  C CB  . ASN A 1 16  ? -1.360  -6.028  15.996  1.00 19.02 ? 22  ASN B CB  1 
ATOM   144  C CG  . ASN A 1 16  ? -1.264  -7.252  16.883  1.00 25.05 ? 22  ASN B CG  1 
ATOM   145  O OD1 . ASN A 1 16  ? -2.114  -8.145  16.840  1.00 34.42 ? 22  ASN B OD1 1 
ATOM   146  N ND2 . ASN A 1 16  ? -0.206  -7.321  17.668  1.00 35.85 ? 22  ASN B ND2 1 
ATOM   147  N N   . THR A 1 17  ? -2.443  -4.548  13.065  1.00 11.28 ? 23  THR B N   1 
ATOM   148  C CA  . THR A 1 17  ? -2.960  -3.332  12.435  1.00 10.89 ? 23  THR B CA  1 
ATOM   149  C C   . THR A 1 17  ? -4.109  -3.644  11.479  1.00 9.82  ? 23  THR B C   1 
ATOM   150  O O   . THR A 1 17  ? -4.736  -2.698  11.007  1.00 9.74  ? 23  THR B O   1 
ATOM   151  C CB  . THR A 1 17  ? -1.853  -2.595  11.649  1.00 11.04 ? 23  THR B CB  1 
ATOM   152  O OG1 . THR A 1 17  ? -1.433  -3.381  10.532  1.00 11.34 ? 23  THR B OG1 1 
ATOM   153  C CG2 . THR A 1 17  ? -0.699  -2.219  12.567  1.00 12.04 ? 23  THR B CG2 1 
ATOM   154  N N   . ALA A 1 18  ? -4.336  -4.921  11.149  1.00 9.61  ? 24  ALA B N   1 
ATOM   155  C CA  . ALA A 1 18  ? -5.284  -5.316  10.073  1.00 9.41  ? 24  ALA B CA  1 
ATOM   156  C C   . ALA A 1 18  ? -6.703  -4.999  10.503  1.00 9.97  ? 24  ALA B C   1 
ATOM   157  O O   . ALA A 1 18  ? -7.128  -5.338  11.630  1.00 11.08 ? 24  ALA B O   1 
ATOM   158  C CB  . ALA A 1 18  ? -5.114  -6.763  9.788   1.00 9.49  ? 24  ALA B CB  1 
ATOM   159  N N   . ASN A 1 19  ? -7.509  -4.502  9.595   1.00 10.52 ? 25  ASN B N   1 
ATOM   160  C CA  . ASN A 1 19  ? -8.980  -4.580  9.705   1.00 9.46  ? 25  ASN B CA  1 
ATOM   161  C C   . ASN A 1 19  ? -9.372  -6.032  10.053  1.00 9.06  ? 25  ASN B C   1 
ATOM   162  O O   . ASN A 1 19  ? -8.780  -7.008  9.597   1.00 8.93  ? 25  ASN B O   1 
ATOM   163  C CB  . ASN A 1 19  ? -9.584  -4.055  8.412   1.00 10.04 ? 25  ASN B CB  1 
ATOM   164  C CG  . ASN A 1 19  ? -11.072 -4.218  8.436   1.00 10.54 ? 25  ASN B CG  1 
ATOM   165  O OD1 . ASN A 1 19  ? -11.598 -5.252  8.055   1.00 11.61 ? 25  ASN B OD1 1 
ATOM   166  N ND2 . ASN A 1 19  ? -11.723 -3.246  8.991   1.00 13.07 ? 25  ASN B ND2 1 
ATOM   167  N N   . SER A 1 20  ? -10.398 -6.160  10.876  1.00 8.61  ? 26  SER B N   1 
ATOM   168  C CA  . SER A 1 20  ? -10.852 -7.452  11.448  1.00 9.36  ? 26  SER B CA  1 
ATOM   169  C C   . SER A 1 20  ? -11.413 -8.402  10.398  1.00 9.57  ? 26  SER B C   1 
ATOM   170  O O   . SER A 1 20  ? -11.604 -9.548  10.794  1.00 10.24 ? 26  SER B O   1 
ATOM   171  C CB  . SER A 1 20  ? -11.872 -7.235  12.543  1.00 10.82 ? 26  SER B CB  1 
ATOM   172  O OG  . SER A 1 20  ? -12.981 -6.560  11.990  1.00 12.01 ? 26  SER B OG  1 
ATOM   173  N N   . TRP A 1 21  ? -11.646 -8.004  9.156   1.00 9.16  ? 27  TRP B N   1 
ATOM   174  C CA  . TRP A 1 21  ? -12.143 -8.893  8.084   1.00 8.92  ? 27  TRP B CA  1 
ATOM   175  C C   . TRP A 1 21  ? -11.000 -9.421  7.242   1.00 9.75  ? 27  TRP B C   1 
ATOM   176  O O   . TRP A 1 21  ? -11.235 -10.259 6.389   1.00 10.52 ? 27  TRP B O   1 
ATOM   177  C CB  . TRP A 1 21  ? -13.165 -8.169  7.247   1.00 9.56  ? 27  TRP B CB  1 
ATOM   178  C CG  . TRP A 1 21  ? -14.504 -8.016  7.924   1.00 9.89  ? 27  TRP B CG  1 
ATOM   179  C CD1 . TRP A 1 21  ? -14.755 -7.538  9.179   1.00 10.36 ? 27  TRP B CD1 1 
ATOM   180  C CD2 . TRP A 1 21  ? -15.757 -8.302  7.312   1.00 11.06 ? 27  TRP B CD2 1 
ATOM   181  N NE1 . TRP A 1 21  ? -16.118 -7.561  9.406   1.00 11.50 ? 27  TRP B NE1 1 
ATOM   182  C CE2 . TRP A 1 21  ? -16.740 -7.948  8.261   1.00 10.47 ? 27  TRP B CE2 1 
ATOM   183  C CE3 . TRP A 1 21  ? -16.147 -8.770  6.048   1.00 11.08 ? 27  TRP B CE3 1 
ATOM   184  C CZ2 . TRP A 1 21  ? -18.101 -8.169  8.001   1.00 12.80 ? 27  TRP B CZ2 1 
ATOM   185  C CZ3 . TRP A 1 21  ? -17.499 -8.896  5.760   1.00 12.22 ? 27  TRP B CZ3 1 
ATOM   186  C CH2 . TRP A 1 21  ? -18.438 -8.563  6.717   1.00 13.16 ? 27  TRP B CH2 1 
ATOM   187  N N   . LEU A 1 22  ? -9.768  -8.972  7.520   1.00 9.28  ? 28  LEU B N   1 
ATOM   188  C CA  . LEU A 1 22  ? -8.638  -9.426  6.674   1.00 10.01 ? 28  LEU B CA  1 
ATOM   189  C C   . LEU A 1 22  ? -8.109  -10.786 7.144   1.00 10.62 ? 28  LEU B C   1 
ATOM   190  O O   . LEU A 1 22  ? -8.023  -11.082 8.324   1.00 11.11 ? 28  LEU B O   1 
ATOM   191  C CB  . LEU A 1 22  ? -7.521  -8.384  6.724   1.00 8.69  ? 28  LEU B CB  1 
ATOM   192  C CG  . LEU A 1 22  ? -7.860  -7.028  6.118   1.00 9.31  ? 28  LEU B CG  1 
ATOM   193  C CD1 . LEU A 1 22  ? -6.632  -6.130  6.086   1.00 9.34  ? 28  LEU B CD1 1 
ATOM   194  C CD2 . LEU A 1 22  ? -8.428  -7.116  4.725   1.00 10.96 ? 28  LEU B CD2 1 
ATOM   195  N N   . ILE A 1 23  ? -7.621  -11.535 6.176   1.00 9.46  ? 29  ILE B N   1 
ATOM   196  C CA  . ILE A 1 23  ? -6.959  -12.853 6.368   1.00 10.30 ? 29  ILE B CA  1 
ATOM   197  C C   . ILE A 1 23  ? -5.534  -12.709 5.840   1.00 10.75 ? 29  ILE B C   1 
ATOM   198  O O   . ILE A 1 23  ? -5.346  -12.514 4.614   1.00 11.06 ? 29  ILE B O   1 
ATOM   199  C CB  . ILE A 1 23  ? -7.708  -13.961 5.635   1.00 10.80 ? 29  ILE B CB  1 
ATOM   200  C CG1 . ILE A 1 23  ? -9.201  -14.095 6.061   1.00 11.76 ? 29  ILE B CG1 1 
ATOM   201  C CG2 . ILE A 1 23  ? -6.952  -15.293 5.832   1.00 12.41 ? 29  ILE B CG2 1 
ATOM   202  C CD1 . ILE A 1 23  ? -10.036 -15.009 5.258   1.00 13.42 ? 29  ILE B CD1 1 
ATOM   203  N N   . ILE A 1 24  ? -4.588  -12.814 6.747   1.00 13.23 ? 30  ILE B N   1 
ATOM   204  C CA  . ILE A 1 24  ? -3.138  -12.743 6.428   1.00 13.45 ? 30  ILE B CA  1 
ATOM   205  C C   . ILE A 1 24  ? -2.552  -14.136 6.454   1.00 15.16 ? 30  ILE B C   1 
ATOM   206  O O   . ILE A 1 24  ? -2.826  -14.927 7.396   1.00 14.66 ? 30  ILE B O   1 
ATOM   207  C CB  . ILE A 1 24  ? -2.445  -11.807 7.407   1.00 14.14 ? 30  ILE B CB  1 
ATOM   208  C CG1 . ILE A 1 24  ? -2.910  -10.380 7.165   1.00 17.38 ? 30  ILE B CG1 1 
ATOM   209  C CG2 . ILE A 1 24  ? -0.915  -11.915 7.288   1.00 14.48 ? 30  ILE B CG2 1 
ATOM   210  C CD1 . ILE A 1 24  ? -2.529  -9.476  8.183   1.00 19.08 ? 30  ILE B CD1 1 
ATOM   211  N N   . SER A 1 25  ? -1.811  -14.492 5.428   1.00 13.40 ? 31  SER B N   1 
ATOM   212  C CA  . SER A 1 25  ? -1.243  -15.838 5.306   1.00 13.94 ? 31  SER B CA  1 
ATOM   213  C C   . SER A 1 25  ? -0.253  -16.098 6.457   1.00 13.69 ? 31  SER B C   1 
ATOM   214  O O   . SER A 1 25  ? 0.264   -15.169 7.092   1.00 14.71 ? 31  SER B O   1 
ATOM   215  C CB  . SER A 1 25  ? -0.566  -15.961 3.983   1.00 14.88 ? 31  SER B CB  1 
ATOM   216  O OG  . SER A 1 25  ? 0.461   -14.964 3.869   1.00 15.05 ? 31  SER B OG  1 
ATOM   217  N N   . LYS A 1 26  ? 0.038   -17.392 6.697   1.00 17.18 ? 32  LYS B N   1 
ATOM   218  C CA  . LYS A 1 26  ? 1.009   -17.816 7.734   1.00 16.89 ? 32  LYS B CA  1 
ATOM   219  C C   . LYS A 1 26  ? 2.353   -17.092 7.590   1.00 15.91 ? 32  LYS B C   1 
ATOM   220  O O   . LYS A 1 26  ? 2.944   -16.767 8.628   1.00 18.75 ? 32  LYS B O   1 
ATOM   221  C CB  . LYS A 1 26  ? 1.229   -19.326 7.602   1.00 19.60 ? 32  LYS B CB  1 
ATOM   222  C CG  . LYS A 1 26  ? 2.152   -19.869 8.662   1.00 22.25 ? 32  LYS B CG  1 
ATOM   223  C CD  . LYS A 1 26  ? 1.911   -21.336 8.891   1.00 22.24 ? 32  LYS B CD  1 
ATOM   224  C CE  . LYS A 1 26  ? 1.952   -22.103 7.598   1.00 25.52 ? 32  LYS B CE  1 
ATOM   225  N NZ  . LYS A 1 26  ? 1.709   -23.521 7.892   1.00 27.40 ? 32  LYS B NZ  1 
ATOM   226  N N   . ASP A 1 27  ? 2.850   -16.966 6.361   1.00 16.33 ? 33  ASP B N   1 
ATOM   227  C CA  . ASP A 1 27  ? 4.167   -16.323 6.114   1.00 15.20 ? 33  ASP B CA  1 
ATOM   228  C C   . ASP A 1 27  ? 4.089   -14.791 6.218   1.00 14.96 ? 33  ASP B C   1 
ATOM   229  O O   . ASP A 1 27  ? 5.136   -14.151 6.048   1.00 14.97 ? 33  ASP B O   1 
ATOM   230  C CB  . ASP A 1 27  ? 4.750   -16.785 4.785   1.00 15.62 ? 33  ASP B CB  1 
ATOM   231  C CG  . ASP A 1 27  ? 4.001   -16.355 3.530   1.00 15.93 ? 33  ASP B CG  1 
ATOM   232  O OD1 . ASP A 1 27  ? 2.984   -15.598 3.648   1.00 15.74 ? 33  ASP B OD1 1 
ATOM   233  O OD2 . ASP A 1 27  ? 4.479   -16.726 2.432   1.00 19.62 ? 33  ASP B OD2 1 
ATOM   234  N N   . ARG A 1 28  ? 2.918   -14.218 6.448   1.00 13.48 ? 34  ARG B N   1 
ATOM   235  C CA  . ARG A 1 28  ? 2.704   -12.765 6.610   1.00 13.31 ? 34  ARG B CA  1 
ATOM   236  C C   . ARG A 1 28  ? 3.098   -12.033 5.309   1.00 11.41 ? 34  ARG B C   1 
ATOM   237  O O   . ARG A 1 28  ? 3.381   -10.812 5.381   1.00 11.53 ? 34  ARG B O   1 
ATOM   238  C CB  . ARG A 1 28  ? 3.391   -12.255 7.882   1.00 16.88 ? 34  ARG B CB  1 
ATOM   239  C CG  . ARG A 1 28  ? 2.798   -12.926 9.118   1.00 20.54 ? 34  ARG B CG  1 
ATOM   240  C CD  . ARG A 1 28  ? 3.257   -12.384 10.420  1.00 27.66 ? 34  ARG B CD  1 
ATOM   241  N NE  . ARG A 1 28  ? 4.693   -12.384 10.560  1.00 33.76 ? 34  ARG B NE  1 
ATOM   242  C CZ  . ARG A 1 28  ? 5.499   -11.302 10.529  1.00 47.16 ? 34  ARG B CZ  1 
ATOM   243  N NH1 . ARG A 1 28  ? 5.041   -10.057 10.345  1.00 42.43 ? 34  ARG B NH1 1 
ATOM   244  N NH2 . ARG A 1 28  ? 6.801   -11.489 10.703  1.00 51.93 ? 34  ARG B NH2 1 
ATOM   245  N N   . ARG A 1 29  ? 3.000   -12.680 4.166   1.00 10.58 ? 35  ARG B N   1 
ATOM   246  C CA  . ARG A 1 29  ? 3.326   -12.075 2.852   1.00 11.61 ? 35  ARG B CA  1 
ATOM   247  C C   . ARG A 1 29  ? 2.103   -11.879 1.954   1.00 11.88 ? 35  ARG B C   1 
ATOM   248  O O   . ARG A 1 29  ? 2.238   -11.207 0.895   1.00 12.66 ? 35  ARG B O   1 
ATOM   249  C CB  . ARG A 1 29  ? 4.357   -12.917 2.099   1.00 12.29 ? 35  ARG B CB  1 
ATOM   250  C CG  . ARG A 1 29  ? 5.658   -13.047 2.873   1.00 14.73 ? 35  ARG B CG  1 
ATOM   251  C CD  . ARG A 1 29  ? 6.585   -11.884 2.688   1.00 15.38 ? 35  ARG B CD  1 
ATOM   252  N NE  . ARG A 1 29  ? 7.228   -12.021 1.368   1.00 16.88 ? 35  ARG B NE  1 
ATOM   253  C CZ  . ARG A 1 29  ? 8.028   -11.111 0.815   1.00 16.27 ? 35  ARG B CZ  1 
ATOM   254  N NH1 . ARG A 1 29  ? 8.247   -9.989  1.446   1.00 16.14 ? 35  ARG B NH1 1 
ATOM   255  N NH2 . ARG A 1 29  ? 8.558   -11.328 -0.376  1.00 17.93 ? 35  ARG B NH2 1 
ATOM   256  N N   . GLN A 1 30  ? 0.913   -12.369 2.326   1.00 10.45 ? 36  GLN B N   1 
ATOM   257  C CA  . GLN A 1 30  ? -0.310  -12.211 1.517   1.00 11.06 ? 36  GLN B CA  1 
ATOM   258  C C   . GLN A 1 30  ? -1.470  -11.809 2.415   1.00 10.52 ? 36  GLN B C   1 
ATOM   259  O O   . GLN A 1 30  ? -1.516  -12.160 3.609   1.00 10.83 ? 36  GLN B O   1 
ATOM   260  C CB  . GLN A 1 30  ? -0.703  -13.520 0.825   1.00 12.81 ? 36  GLN B CB  1 
ATOM   261  C CG  . GLN A 1 30  ? 0.437   -14.177 0.074   1.00 16.84 ? 36  GLN B CG  1 
ATOM   262  C CD  . GLN A 1 30  ? -0.071  -15.305 -0.777  1.00 20.52 ? 36  GLN B CD  1 
ATOM   263  O OE1 . GLN A 1 30  ? -1.271  -15.408 -1.086  1.00 23.43 ? 36  GLN B OE1 1 
ATOM   264  N NE2 . GLN A 1 30  ? 0.845   -16.189 -1.124  1.00 23.92 ? 36  GLN B NE2 1 
ATOM   265  N N   . VAL A 1 31  ? -2.377  -11.021 1.840   1.00 9.55  ? 37  VAL B N   1 
ATOM   266  C CA  . VAL A 1 31  ? -3.582  -10.549 2.569   1.00 9.32  ? 37  VAL B CA  1 
ATOM   267  C C   . VAL A 1 31  ? -4.757  -10.538 1.596   1.00 9.86  ? 37  VAL B C   1 
ATOM   268  O O   . VAL A 1 31  ? -4.625  -10.071 0.484   1.00 9.37  ? 37  VAL B O   1 
ATOM   269  C CB  . VAL A 1 31  ? -3.315  -9.214  3.273   1.00 9.32  ? 37  VAL B CB  1 
ATOM   270  C CG1 . VAL A 1 31  ? -2.843  -8.114  2.325   1.00 9.29  ? 37  VAL B CG1 1 
ATOM   271  C CG2 . VAL A 1 31  ? -4.542  -8.782  4.058   1.00 10.22 ? 37  VAL B CG2 1 
ATOM   272  N N   . ARG A 1 32  ? -5.916  -10.973 2.077   1.00 9.58  ? 38  ARG B N   1 
ATOM   273  C CA  . ARG A 1 32  ? -7.168  -10.820 1.318   1.00 10.20 ? 38  ARG B CA  1 
ATOM   274  C C   . ARG A 1 32  ? -8.306  -10.481 2.278   1.00 10.25 ? 38  ARG B C   1 
ATOM   275  O O   . ARG A 1 32  ? -8.207  -10.704 3.502   1.00 8.81  ? 38  ARG B O   1 
ATOM   276  C CB  . ARG A 1 32  ? -7.491  -12.086 0.522   1.00 11.28 ? 38  ARG B CB  1 
ATOM   277  C CG  . ARG A 1 32  ? -7.790  -13.289 1.395   1.00 13.41 ? 38  ARG B CG  1 
ATOM   278  C CD  . ARG A 1 32  ? -7.913  -14.540 0.538   1.00 15.11 ? 38  ARG B CD  1 
ATOM   279  N NE  . ARG A 1 32  ? -8.260  -15.673 1.387   1.00 18.31 ? 38  ARG B NE  1 
ATOM   280  C CZ  . ARG A 1 32  ? -9.482  -16.064 1.708   1.00 16.69 ? 38  ARG B CZ  1 
ATOM   281  N NH1 . ARG A 1 32  ? -10.553 -15.417 1.293   1.00 20.30 ? 38  ARG B NH1 1 
ATOM   282  N NH2 . ARG A 1 32  ? -9.615  -17.160 2.456   1.00 22.87 ? 38  ARG B NH2 1 
ATOM   283  N N   A MET A 1 33  ? -9.382  -9.988  1.665   0.26 10.37 ? 39  MET B N   1 
ATOM   284  N N   B MET A 1 33  ? -9.378  -9.914  1.745   0.30 10.01 ? 39  MET B N   1 
ATOM   285  C CA  A MET A 1 33  ? -10.674 -9.664  2.321   0.26 11.05 ? 39  MET B CA  1 
ATOM   286  C CA  B MET A 1 33  ? -10.535 -9.616  2.624   0.30 10.09 ? 39  MET B CA  1 
ATOM   287  C C   A MET A 1 33  ? -11.445 -10.967 2.567   0.26 11.00 ? 39  MET B C   1 
ATOM   288  C C   B MET A 1 33  ? -11.483 -10.817 2.607   0.30 10.58 ? 39  MET B C   1 
ATOM   289  O O   A MET A 1 33  ? -11.690 -11.687 1.597   0.26 11.01 ? 39  MET B O   1 
ATOM   290  O O   B MET A 1 33  ? -11.905 -11.257 1.499   0.30 10.19 ? 39  MET B O   1 
ATOM   291  C CB  A MET A 1 33  ? -11.468 -8.744  1.385   0.26 11.36 ? 39  MET B CB  1 
ATOM   292  C CB  B MET A 1 33  ? -11.276 -8.355  2.188   0.30 10.12 ? 39  MET B CB  1 
ATOM   293  C CG  A MET A 1 33  ? -12.760 -8.200  1.975   0.26 11.97 ? 39  MET B CG  1 
ATOM   294  C CG  B MET A 1 33  ? -12.519 -8.093  3.040   0.30 10.55 ? 39  MET B CG  1 
ATOM   295  S SD  A MET A 1 33  ? -12.449 -7.292  3.517   0.26 12.90 ? 39  MET B SD  1 
ATOM   296  S SD  B MET A 1 33  ? -13.340 -6.570  2.512   0.30 10.67 ? 39  MET B SD  1 
ATOM   297  C CE  A MET A 1 33  ? -13.894 -6.241  3.608   0.26 12.87 ? 39  MET B CE  1 
ATOM   298  C CE  B MET A 1 33  ? -14.562 -6.478  3.821   0.30 10.56 ? 39  MET B CE  1 
ATOM   299  N N   . GLY A 1 34  ? -11.775 -11.283 3.817   1.00 10.22 ? 40  GLY B N   1 
ATOM   300  C CA  . GLY A 1 34  ? -12.687 -12.411 4.096   1.00 11.38 ? 40  GLY B CA  1 
ATOM   301  C C   . GLY A 1 34  ? -14.126 -12.017 3.873   1.00 12.43 ? 40  GLY B C   1 
ATOM   302  O O   . GLY A 1 34  ? -14.449 -10.861 3.554   1.00 12.20 ? 40  GLY B O   1 
ATOM   303  N N   . ASP A 1 35  ? -14.999 -13.032 3.902   1.00 14.53 ? 41  ASP B N   1 
ATOM   304  C CA  . ASP A 1 35  ? -16.444 -12.781 3.625   1.00 14.84 ? 41  ASP B CA  1 
ATOM   305  C C   . ASP A 1 35  ? -17.157 -12.440 4.955   1.00 14.44 ? 41  ASP B C   1 
ATOM   306  O O   . ASP A 1 35  ? -18.386 -12.170 4.928   1.00 15.97 ? 41  ASP B O   1 
ATOM   307  C CB  . ASP A 1 35  ? -17.094 -13.945 2.828   1.00 18.86 ? 41  ASP B CB  1 
ATOM   308  C CG  . ASP A 1 35  ? -16.739 -14.032 1.326   1.00 24.95 ? 41  ASP B CG  1 
ATOM   309  O OD1 . ASP A 1 35  ? -16.511 -12.971 0.688   1.00 26.20 ? 41  ASP B OD1 1 
ATOM   310  O OD2 . ASP A 1 35  ? -16.777 -15.151 0.742   1.00 27.34 ? 41  ASP B OD2 1 
ATOM   311  N N   . THR A 1 36  ? -16.451 -12.403 6.062   1.00 11.67 ? 42  THR B N   1 
ATOM   312  C CA  . THR A 1 36  ? -17.037 -12.131 7.414   1.00 12.65 ? 42  THR B CA  1 
ATOM   313  C C   . THR A 1 36  ? -15.952 -11.625 8.375   1.00 11.21 ? 42  THR B C   1 
ATOM   314  O O   . THR A 1 36  ? -14.671 -11.707 8.078   1.00 10.59 ? 42  THR B O   1 
ATOM   315  C CB  . THR A 1 36  ? -17.733 -13.416 7.890   1.00 14.72 ? 42  THR B CB  1 
ATOM   316  O OG1 . THR A 1 36  ? -18.464 -13.121 9.060   1.00 16.55 ? 42  THR B OG1 1 
ATOM   317  C CG2 . THR A 1 36  ? -16.713 -14.472 8.240   1.00 16.84 ? 42  THR B CG2 1 
ATOM   318  N N   . HIS A 1 37  ? -16.303 -11.205 9.586   1.00 11.93 ? 43  HIS B N   1 
ATOM   319  C CA  . HIS A 1 37  ? -15.329 -10.909 10.661  1.00 10.75 ? 43  HIS B CA  1 
ATOM   320  C C   . HIS A 1 37  ? -14.448 -12.118 10.944  1.00 11.94 ? 43  HIS B C   1 
ATOM   321  O O   . HIS A 1 37  ? -14.997 -13.245 11.043  1.00 13.19 ? 43  HIS B O   1 
ATOM   322  C CB  . HIS A 1 37  ? -16.129 -10.401 11.871  1.00 10.46 ? 43  HIS B CB  1 
ATOM   323  C CG  . HIS A 1 37  ? -15.353 -9.930  13.042  1.00 9.57  ? 43  HIS B CG  1 
ATOM   324  N ND1 . HIS A 1 37  ? -14.595 -10.753 13.861  1.00 9.97  ? 43  HIS B ND1 1 
ATOM   325  C CD2 . HIS A 1 37  ? -15.301 -8.700  13.600  1.00 10.25 ? 43  HIS B CD2 1 
ATOM   326  C CE1 . HIS A 1 37  ? -14.087 -10.047 14.834  1.00 10.46 ? 43  HIS B CE1 1 
ATOM   327  N NE2 . HIS A 1 37  ? -14.502 -8.747  14.697  1.00 10.05 ? 43  HIS B NE2 1 
ATOM   328  N N   . GLN A 1 38  ? -13.130 -11.933 11.125  1.00 11.15 ? 44  GLN B N   1 
ATOM   329  C CA  . GLN A 1 38  ? -12.195 -13.064 11.228  1.00 11.10 ? 44  GLN B CA  1 
ATOM   330  C C   . GLN A 1 38  ? -11.952 -13.475 12.679  1.00 12.27 ? 44  GLN B C   1 
ATOM   331  O O   . GLN A 1 38  ? -10.965 -14.206 12.937  1.00 12.89 ? 44  GLN B O   1 
ATOM   332  C CB  . GLN A 1 38  ? -10.906 -12.735 10.471  1.00 11.18 ? 44  GLN B CB  1 
ATOM   333  C CG  . GLN A 1 38  ? -11.172 -12.654 9.000   1.00 11.25 ? 44  GLN B CG  1 
ATOM   334  C CD  . GLN A 1 38  ? -11.812 -13.880 8.404   1.00 11.06 ? 44  GLN B CD  1 
ATOM   335  O OE1 . GLN A 1 38  ? -12.834 -13.856 7.713   1.00 15.15 ? 44  GLN B OE1 1 
ATOM   336  N NE2 . GLN A 1 38  ? -11.242 -15.034 8.686   1.00 10.57 ? 44  GLN B NE2 1 
ATOM   337  N N   . ASN A 1 39  ? -12.816 -13.078 13.608  1.00 11.49 ? 45  ASN B N   1 
ATOM   338  C CA  . ASN A 1 39  ? -12.818 -13.632 15.001  1.00 11.13 ? 45  ASN B CA  1 
ATOM   339  C C   . ASN A 1 39  ? -11.597 -13.207 15.813  1.00 11.98 ? 45  ASN B C   1 
ATOM   340  O O   . ASN A 1 39  ? -11.126 -13.925 16.718  1.00 13.66 ? 45  ASN B O   1 
ATOM   341  C CB  . ASN A 1 39  ? -13.047 -15.163 15.008  1.00 11.61 ? 45  ASN B CB  1 
ATOM   342  C CG  . ASN A 1 39  ? -13.615 -15.633 16.349  1.00 11.40 ? 45  ASN B CG  1 
ATOM   343  O OD1 . ASN A 1 39  ? -14.331 -14.905 17.027  1.00 10.09 ? 45  ASN B OD1 1 
ATOM   344  N ND2 . ASN A 1 39  ? -13.235 -16.839 16.801  1.00 11.89 ? 45  ASN B ND2 1 
ATOM   345  N N   . VAL A 1 40  ? -11.111 -11.985 15.568  1.00 13.61 ? 46  VAL B N   1 
ATOM   346  C CA  . VAL A 1 40  ? -10.014 -11.335 16.333  1.00 14.13 ? 46  VAL B CA  1 
ATOM   347  C C   . VAL A 1 40  ? -10.599 -10.313 17.314  1.00 13.38 ? 46  VAL B C   1 
ATOM   348  O O   . VAL A 1 40  ? -11.640 -9.777  17.037  1.00 13.17 ? 46  VAL B O   1 
ATOM   349  C CB  . VAL A 1 40  ? -8.999  -10.651 15.398  1.00 14.00 ? 46  VAL B CB  1 
ATOM   350  C CG1 . VAL A 1 40  ? -8.251  -11.673 14.574  1.00 16.61 ? 46  VAL B CG1 1 
ATOM   351  C CG2 . VAL A 1 40  ? -9.612  -9.621  14.463  1.00 15.50 ? 46  VAL B CG2 1 
ATOM   352  N N   . SER A 1 41  ? -9.894  -10.030 18.405  1.00 15.26 ? 47  SER B N   1 
ATOM   353  C CA  . SER A 1 41  ? -10.242 -8.941  19.337  1.00 16.41 ? 47  SER B CA  1 
ATOM   354  C C   . SER A 1 41  ? -10.002 -7.583  18.685  1.00 15.43 ? 47  SER B C   1 
ATOM   355  O O   . SER A 1 41  ? -9.131  -7.457  17.818  1.00 15.07 ? 47  SER B O   1 
ATOM   356  C CB  . SER A 1 41  ? -9.493  -9.072  20.660  1.00 17.97 ? 47  SER B CB  1 
ATOM   357  O OG  . SER A 1 41  ? -8.080  -9.031  20.454  1.00 20.09 ? 47  SER B OG  1 
ATOM   358  N N   . ASP A 1 42  ? -10.700 -6.562  19.128  1.00 15.20 ? 48  ASP B N   1 
ATOM   359  C CA  . ASP A 1 42  ? -10.450 -5.184  18.665  1.00 15.34 ? 48  ASP B CA  1 
ATOM   360  C C   . ASP A 1 42  ? -9.224  -4.640  19.396  1.00 16.51 ? 48  ASP B C   1 
ATOM   361  O O   . ASP A 1 42  ? -8.879  -5.122  20.504  1.00 16.29 ? 48  ASP B O   1 
ATOM   362  C CB  . ASP A 1 42  ? -11.681 -4.320  18.845  1.00 15.67 ? 48  ASP B CB  1 
ATOM   363  C CG  . ASP A 1 42  ? -11.560 -3.008  18.109  1.00 18.76 ? 48  ASP B CG  1 
ATOM   364  O OD1 . ASP A 1 42  ? -11.013 -3.008  16.946  1.00 15.29 ? 48  ASP B OD1 1 
ATOM   365  O OD2 . ASP A 1 42  ? -11.858 -1.991  18.752  1.00 20.03 ? 48  ASP B OD2 1 
ATOM   366  N N   . ASN A 1 43  ? -8.542  -3.674  18.775  1.00 14.78 ? 49  ASN B N   1 
ATOM   367  C CA  . ASN A 1 43  ? -7.412  -2.951  19.404  1.00 15.16 ? 49  ASN B CA  1 
ATOM   368  C C   . ASN A 1 43  ? -7.300  -1.587  18.721  1.00 15.41 ? 49  ASN B C   1 
ATOM   369  O O   . ASN A 1 43  ? -7.963  -1.336  17.669  1.00 16.02 ? 49  ASN B O   1 
ATOM   370  C CB  . ASN A 1 43  ? -6.131  -3.749  19.410  1.00 15.25 ? 49  ASN B CB  1 
ATOM   371  C CG  . ASN A 1 43  ? -5.536  -3.879  18.026  1.00 15.34 ? 49  ASN B CG  1 
ATOM   372  O OD1 . ASN A 1 43  ? -5.342  -2.867  17.351  1.00 16.89 ? 49  ASN B OD1 1 
ATOM   373  N ND2 . ASN A 1 43  ? -5.301  -5.065  17.573  1.00 15.33 ? 49  ASN B ND2 1 
ATOM   374  N N   . LYS A 1 44  ? -6.539  -0.704  19.334  1.00 16.35 ? 50  LYS B N   1 
ATOM   375  C CA  . LYS A 1 44  ? -6.488  0.700   18.874  1.00 17.72 ? 50  LYS B CA  1 
ATOM   376  C C   . LYS A 1 44  ? -5.672  0.823   17.560  1.00 14.71 ? 50  LYS B C   1 
ATOM   377  O O   . LYS A 1 44  ? -5.863  1.893   16.907  1.00 16.58 ? 50  LYS B O   1 
ATOM   378  C CB  . LYS A 1 44  ? -5.825  1.584   19.945  1.00 20.78 ? 50  LYS B CB  1 
ATOM   379  C CG  . LYS A 1 44  ? -4.389  1.211   20.249  1.00 26.04 ? 50  LYS B CG  1 
ATOM   380  C CD  . LYS A 1 44  ? -3.793  1.929   21.445  1.00 34.14 ? 50  LYS B CD  1 
ATOM   381  C CE  . LYS A 1 44  ? -2.281  1.879   21.400  1.00 40.34 ? 50  LYS B CE  1 
ATOM   382  N NZ  . LYS A 1 44  ? -1.696  2.911   22.287  1.00 47.01 ? 50  LYS B NZ  1 
ATOM   383  N N   . GLU A 1 45  ? -4.893  -0.195  17.183  1.00 14.78 ? 51  GLU B N   1 
ATOM   384  C CA  . GLU A 1 45  ? -4.056  -0.183  15.944  1.00 14.64 ? 51  GLU B CA  1 
ATOM   385  C C   . GLU A 1 45  ? -4.937  -0.491  14.704  1.00 14.51 ? 51  GLU B C   1 
ATOM   386  O O   . GLU A 1 45  ? -4.572  -0.078  13.582  1.00 14.48 ? 51  GLU B O   1 
ATOM   387  C CB  . GLU A 1 45  ? -2.915  -1.186  16.050  1.00 18.43 ? 51  GLU B CB  1 
ATOM   388  C CG  . GLU A 1 45  ? -1.896  -0.904  17.164  1.00 22.55 ? 51  GLU B CG  1 
ATOM   389  C CD  . GLU A 1 45  ? -0.851  -2.010  17.202  1.00 28.80 ? 51  GLU B CD  1 
ATOM   390  O OE1 . GLU A 1 45  ? -0.836  -2.803  18.188  1.00 33.57 ? 51  GLU B OE1 1 
ATOM   391  O OE2 . GLU A 1 45  ? -0.085  -2.153  16.225  1.00 30.11 ? 51  GLU B OE2 1 
ATOM   392  N N   . ARG A 1 46  ? -6.043  -1.225  14.834  1.00 12.98 ? 52  ARG B N   1 
ATOM   393  C CA  . ARG A 1 46  ? -6.744  -1.785  13.647  1.00 11.92 ? 52  ARG B CA  1 
ATOM   394  C C   . ARG A 1 46  ? -7.430  -0.685  12.848  1.00 11.20 ? 52  ARG B C   1 
ATOM   395  O O   . ARG A 1 46  ? -8.142  0.184   13.392  1.00 12.15 ? 52  ARG B O   1 
ATOM   396  C CB  . ARG A 1 46  ? -7.820  -2.800  14.054  1.00 10.77 ? 52  ARG B CB  1 
ATOM   397  C CG  . ARG A 1 46  ? -7.274  -4.054  14.690  1.00 11.71 ? 52  ARG B CG  1 
ATOM   398  C CD  . ARG A 1 46  ? -8.373  -5.149  14.694  1.00 11.35 ? 52  ARG B CD  1 
ATOM   399  N NE  . ARG A 1 46  ? -7.923  -6.326  15.425  1.00 12.24 ? 52  ARG B NE  1 
ATOM   400  C CZ  . ARG A 1 46  ? -6.907  -7.104  15.079  1.00 11.98 ? 52  ARG B CZ  1 
ATOM   401  N NH1 . ARG A 1 46  ? -6.333  -7.020  13.871  1.00 10.90 ? 52  ARG B NH1 1 
ATOM   402  N NH2 . ARG A 1 46  ? -6.491  -8.063  15.909  1.00 13.59 ? 52  ARG B NH2 1 
ATOM   403  N N   . PHE A 1 47  ? -7.252  -0.683  11.524  1.00 10.12 ? 53  PHE B N   1 
ATOM   404  C CA  . PHE A 1 47  ? -8.072  0.196   10.666  1.00 9.57  ? 53  PHE B CA  1 
ATOM   405  C C   . PHE A 1 47  ? -9.533  -0.262  10.734  1.00 10.98 ? 53  PHE B C   1 
ATOM   406  O O   . PHE A 1 47  ? -9.811  -1.417  10.399  1.00 11.48 ? 53  PHE B O   1 
ATOM   407  C CB  . PHE A 1 47  ? -7.574  0.196   9.228   1.00 9.33  ? 53  PHE B CB  1 
ATOM   408  C CG  . PHE A 1 47  ? -6.275  0.949   9.050   1.00 9.17  ? 53  PHE B CG  1 
ATOM   409  C CD1 . PHE A 1 47  ? -6.275  2.332   8.906   1.00 8.91  ? 53  PHE B CD1 1 
ATOM   410  C CD2 . PHE A 1 47  ? -5.080  0.262   8.957   1.00 10.38 ? 53  PHE B CD2 1 
ATOM   411  C CE1 . PHE A 1 47  ? -5.082  3.029   8.740   1.00 9.84  ? 53  PHE B CE1 1 
ATOM   412  C CE2 . PHE A 1 47  ? -3.892  0.960   8.782   1.00 10.19 ? 53  PHE B CE2 1 
ATOM   413  C CZ  . PHE A 1 47  ? -3.907  2.338   8.697   1.00 9.27  ? 53  PHE B CZ  1 
ATOM   414  N N   . SER A 1 48  ? -10.433 0.600   11.176  1.00 11.79 ? 54  SER B N   1 
ATOM   415  C CA  . SER A 1 48  ? -11.835 0.185   11.446  1.00 12.46 ? 54  SER B CA  1 
ATOM   416  C C   . SER A 1 48  ? -12.717 0.267   10.210  1.00 12.13 ? 54  SER B C   1 
ATOM   417  O O   . SER A 1 48  ? -13.615 -0.611  10.079  1.00 14.28 ? 54  SER B O   1 
ATOM   418  C CB  . SER A 1 48  ? -12.379 1.010   12.576  1.00 12.44 ? 54  SER B CB  1 
ATOM   419  O OG  . SER A 1 48  ? -12.467 2.381   12.240  1.00 12.18 ? 54  SER B OG  1 
ATOM   420  N N   . ASN A 1 49  ? -12.550 1.233   9.321   1.00 11.16 ? 55  ASN B N   1 
ATOM   421  C CA  . ASN A 1 49  ? -13.558 1.580   8.287   1.00 11.31 ? 55  ASN B CA  1 
ATOM   422  C C   . ASN A 1 49  ? -13.232 0.973   6.915   1.00 9.83  ? 55  ASN B C   1 
ATOM   423  O O   . ASN A 1 49  ? -14.079 1.022   6.015   1.00 11.29 ? 55  ASN B O   1 
ATOM   424  C CB  . ASN A 1 49  ? -13.757 3.079   8.143   1.00 12.64 ? 55  ASN B CB  1 
ATOM   425  C CG  . ASN A 1 49  ? -14.540 3.690   9.304   1.00 15.24 ? 55  ASN B CG  1 
ATOM   426  O OD1 . ASN A 1 49  ? -14.249 3.419   10.460  1.00 16.31 ? 55  ASN B OD1 1 
ATOM   427  N ND2 . ASN A 1 49  ? -15.461 4.561   8.964   1.00 20.25 ? 55  ASN B ND2 1 
ATOM   428  N N   . TYR A 1 50  ? -11.994 0.511   6.715   1.00 9.48  ? 56  TYR B N   1 
ATOM   429  C CA  . TYR A 1 50  ? -11.511 0.075   5.387   1.00 9.31  ? 56  TYR B CA  1 
ATOM   430  C C   . TYR A 1 50  ? -10.652 -1.172  5.554   1.00 9.73  ? 56  TYR B C   1 
ATOM   431  O O   . TYR A 1 50  ? -10.063 -1.399  6.613   1.00 9.44  ? 56  TYR B O   1 
ATOM   432  C CB  . TYR A 1 50  ? -10.659 1.182   4.739   1.00 9.32  ? 56  TYR B CB  1 
ATOM   433  C CG  . TYR A 1 50  ? -11.232 2.571   4.807   1.00 10.34 ? 56  TYR B CG  1 
ATOM   434  C CD1 . TYR A 1 50  ? -12.242 2.950   3.953   1.00 11.21 ? 56  TYR B CD1 1 
ATOM   435  C CD2 . TYR A 1 50  ? -10.776 3.514   5.708   1.00 11.44 ? 56  TYR B CD2 1 
ATOM   436  C CE1 . TYR A 1 50  ? -12.815 4.222   4.001   1.00 13.68 ? 56  TYR B CE1 1 
ATOM   437  C CE2 . TYR A 1 50  ? -11.356 4.766   5.801   1.00 11.74 ? 56  TYR B CE2 1 
ATOM   438  C CZ  . TYR A 1 50  ? -12.350 5.137   4.913   1.00 13.02 ? 56  TYR B CZ  1 
ATOM   439  O OH  . TYR A 1 50  ? -12.896 6.409   5.008   1.00 12.92 ? 56  TYR B OH  1 
ATOM   440  N N   . PRO A 1 51  ? -10.505 -1.976  4.473   1.00 8.85  ? 57  PRO B N   1 
ATOM   441  C CA  . PRO A 1 51  ? -9.767  -3.236  4.535   1.00 8.77  ? 57  PRO B CA  1 
ATOM   442  C C   . PRO A 1 51  ? -8.244  -3.047  4.377   1.00 7.96  ? 57  PRO B C   1 
ATOM   443  O O   . PRO A 1 51  ? -7.606  -3.559  3.451   1.00 8.82  ? 57  PRO B O   1 
ATOM   444  C CB  . PRO A 1 51  ? -10.342 -4.075  3.343   1.00 10.24 ? 57  PRO B CB  1 
ATOM   445  C CG  . PRO A 1 51  ? -11.497 -3.278  2.843   1.00 11.31 ? 57  PRO B CG  1 
ATOM   446  C CD  . PRO A 1 51  ? -11.278 -1.864  3.235   1.00 9.99  ? 57  PRO B CD  1 
ATOM   447  N N   . MET A 1 52  ? -7.703  -2.273  5.343   1.00 8.30  ? 58  MET B N   1 
ATOM   448  C CA  . MET A 1 52  ? -6.304  -1.810  5.358   1.00 7.43  ? 58  MET B CA  1 
ATOM   449  C C   . MET A 1 52  ? -5.472  -2.565  6.387   1.00 7.91  ? 58  MET B C   1 
ATOM   450  O O   . MET A 1 52  ? -5.959  -3.101  7.414   1.00 7.98  ? 58  MET B O   1 
ATOM   451  C CB  . MET A 1 52  ? -6.251  -0.312  5.648   1.00 8.03  ? 58  MET B CB  1 
ATOM   452  C CG  . MET A 1 52  ? -6.826  0.531   4.557   1.00 8.39  ? 58  MET B CG  1 
ATOM   453  S SD  . MET A 1 52  ? -7.113  2.226   5.128   1.00 9.42  ? 58  MET B SD  1 
ATOM   454  C CE  . MET A 1 52  ? -7.796  3.032   3.699   1.00 10.22 ? 58  MET B CE  1 
ATOM   455  N N   . VAL A 1 53  ? -4.162  -2.600  6.106   1.00 8.41  ? 59  VAL B N   1 
ATOM   456  C CA  . VAL A 1 53  ? -3.147  -3.219  7.006   1.00 8.20  ? 59  VAL B CA  1 
ATOM   457  C C   . VAL A 1 53  ? -1.792  -2.559  6.733   1.00 8.64  ? 59  VAL B C   1 
ATOM   458  O O   . VAL A 1 53  ? -1.573  -2.089  5.598   1.00 8.24  ? 59  VAL B O   1 
ATOM   459  C CB  . VAL A 1 53  ? -3.123  -4.752  6.843   1.00 8.37  ? 59  VAL B CB  1 
ATOM   460  C CG1 . VAL A 1 53  ? -2.726  -5.176  5.446   1.00 8.30  ? 59  VAL B CG1 1 
ATOM   461  C CG2 . VAL A 1 53  ? -2.218  -5.454  7.854   1.00 8.77  ? 59  VAL B CG2 1 
ATOM   462  N N   . LEU A 1 54  ? -0.950  -2.540  7.742   1.00 8.65  ? 60  LEU B N   1 
ATOM   463  C CA  . LEU A 1 54  ? 0.435   -2.015  7.598   1.00 8.36  ? 60  LEU B CA  1 
ATOM   464  C C   . LEU A 1 54  ? 1.449   -3.126  7.534   1.00 8.86  ? 60  LEU B C   1 
ATOM   465  O O   . LEU A 1 54  ? 1.288   -4.235  8.168   1.00 9.90  ? 60  LEU B O   1 
ATOM   466  C CB  . LEU A 1 54  ? 0.802   -1.085  8.756   1.00 8.83  ? 60  LEU B CB  1 
ATOM   467  C CG  . LEU A 1 54  ? -0.151  0.069   8.961   1.00 9.16  ? 60  LEU B CG  1 
ATOM   468  C CD1 . LEU A 1 54  ? 0.306   1.070   10.029  1.00 11.46 ? 60  LEU B CD1 1 
ATOM   469  C CD2 . LEU A 1 54  ? -0.385  0.852   7.682   1.00 8.94  ? 60  LEU B CD2 1 
ATOM   470  N N   . GLY A 1 55  ? 2.591   -2.858  6.908   1.00 8.79  ? 61  GLY B N   1 
ATOM   471  C CA  . GLY A 1 55  ? 3.782   -3.700  7.108   1.00 9.14  ? 61  GLY B CA  1 
ATOM   472  C C   . GLY A 1 55  ? 4.349   -3.534  8.517   1.00 8.98  ? 61  GLY B C   1 
ATOM   473  O O   . GLY A 1 55  ? 4.165   -2.467  9.125   1.00 10.12 ? 61  GLY B O   1 
ATOM   474  N N   . ALA A 1 56  ? 5.071   -4.529  8.986   1.00 11.10 ? 62  ALA B N   1 
ATOM   475  C CA  . ALA A 1 56  ? 5.669   -4.482  10.341  1.00 12.68 ? 62  ALA B CA  1 
ATOM   476  C C   . ALA A 1 56  ? 6.890   -3.552  10.353  1.00 13.76 ? 62  ALA B C   1 
ATOM   477  O O   . ALA A 1 56  ? 7.205   -2.972  11.425  1.00 16.90 ? 62  ALA B O   1 
ATOM   478  C CB  . ALA A 1 56  ? 6.026   -5.885  10.714  1.00 14.31 ? 62  ALA B CB  1 
ATOM   479  N N   . GLN A 1 57  ? 7.561   -3.438  9.216   1.00 13.23 ? 63  GLN B N   1 
ATOM   480  C CA  . GLN A 1 57  ? 8.843   -2.689  9.163   1.00 13.66 ? 63  GLN B CA  1 
ATOM   481  C C   . GLN A 1 57  ? 8.550   -1.194  9.332   1.00 14.18 ? 63  GLN B C   1 
ATOM   482  O O   . GLN A 1 57  ? 7.531   -0.674  8.803   1.00 13.78 ? 63  GLN B O   1 
ATOM   483  C CB  . GLN A 1 57  ? 9.569   -3.037  7.855   1.00 14.40 ? 63  GLN B CB  1 
ATOM   484  C CG  . GLN A 1 57  ? 10.091  -4.454  7.763   1.00 15.91 ? 63  GLN B CG  1 
ATOM   485  C CD  . GLN A 1 57  ? 9.001   -5.502  7.631   1.00 15.52 ? 63  GLN B CD  1 
ATOM   486  O OE1 . GLN A 1 57  ? 7.982   -5.266  6.977   1.00 14.95 ? 63  GLN B OE1 1 
ATOM   487  N NE2 . GLN A 1 57  ? 9.168   -6.663  8.240   1.00 17.48 ? 63  GLN B NE2 1 
ATOM   488  N N   . ARG A 1 58  ? 9.419   -0.489  10.053  1.00 14.59 ? 64  ARG B N   1 
ATOM   489  C CA  . ARG A 1 58  ? 9.429   0.988   10.168  1.00 13.65 ? 64  ARG B CA  1 
ATOM   490  C C   . ARG A 1 58  ? 10.725  1.539   9.566   1.00 12.56 ? 64  ARG B C   1 
ATOM   491  O O   . ARG A 1 58  ? 11.805  0.964   9.805   1.00 14.37 ? 64  ARG B O   1 
ATOM   492  C CB  . ARG A 1 58  ? 9.377   1.463   11.636  1.00 18.59 ? 64  ARG B CB  1 
ATOM   493  C CG  . ARG A 1 58  ? 8.025   1.364   12.343  1.00 26.25 ? 64  ARG B CG  1 
ATOM   494  C CD  . ARG A 1 58  ? 7.362   0.015   12.176  1.00 28.33 ? 64  ARG B CD  1 
ATOM   495  N NE  . ARG A 1 58  ? 6.497   -0.701  13.134  1.00 32.42 ? 64  ARG B NE  1 
ATOM   496  C CZ  . ARG A 1 58  ? 5.951   -0.260  14.265  1.00 32.54 ? 64  ARG B CZ  1 
ATOM   497  N NH1 . ARG A 1 58  ? 5.189   -1.094  14.962  1.00 36.06 ? 64  ARG B NH1 1 
ATOM   498  N NH2 . ARG A 1 58  ? 6.154   0.958   14.723  1.00 31.82 ? 64  ARG B NH2 1 
ATOM   499  N N   . PHE A 1 59  ? 10.583  2.569   8.768   1.00 12.19 ? 65  PHE B N   1 
ATOM   500  C CA  . PHE A 1 59  ? 11.731  3.193   8.057   1.00 12.31 ? 65  PHE B CA  1 
ATOM   501  C C   . PHE A 1 59  ? 11.852  4.652   8.492   1.00 10.89 ? 65  PHE B C   1 
ATOM   502  O O   . PHE A 1 59  ? 10.897  5.409   8.392   1.00 10.18 ? 65  PHE B O   1 
ATOM   503  C CB  . PHE A 1 59  ? 11.488  3.087   6.535   1.00 14.53 ? 65  PHE B CB  1 
ATOM   504  C CG  . PHE A 1 59  ? 11.308  1.653   6.069   1.00 15.57 ? 65  PHE B CG  1 
ATOM   505  C CD1 . PHE A 1 59  ? 12.258  0.698   6.388   1.00 18.24 ? 65  PHE B CD1 1 
ATOM   506  C CD2 . PHE A 1 59  ? 10.231  1.264   5.311   1.00 23.81 ? 65  PHE B CD2 1 
ATOM   507  C CE1 . PHE A 1 59  ? 12.151  -0.627  5.990   1.00 21.57 ? 65  PHE B CE1 1 
ATOM   508  C CE2 . PHE A 1 59  ? 10.127  -0.066  4.899   1.00 17.42 ? 65  PHE B CE2 1 
ATOM   509  C CZ  . PHE A 1 59  ? 11.047  -1.000  5.286   1.00 19.63 ? 65  PHE B CZ  1 
ATOM   510  N N   A SER A 1 60  ? 13.048  5.076   8.927   0.25 11.46 ? 66  SER B N   1 
ATOM   511  N N   B SER A 1 60  ? 13.051  5.065   8.933   0.25 11.34 ? 66  SER B N   1 
ATOM   512  C CA  A SER A 1 60  ? 13.307  6.483   9.332   0.25 11.92 ? 66  SER B CA  1 
ATOM   513  C CA  B SER A 1 60  ? 13.352  6.465   9.336   0.25 11.72 ? 66  SER B CA  1 
ATOM   514  C C   A SER A 1 60  ? 14.530  7.061   8.602   0.25 11.64 ? 66  SER B C   1 
ATOM   515  C C   B SER A 1 60  ? 14.611  6.979   8.641   0.25 11.84 ? 66  SER B C   1 
ATOM   516  O O   A SER A 1 60  ? 14.817  8.258   8.794   0.25 11.57 ? 66  SER B O   1 
ATOM   517  O O   B SER A 1 60  ? 15.174  7.971   9.103   0.25 11.37 ? 66  SER B O   1 
ATOM   518  C CB  A SER A 1 60  ? 13.410  6.603   10.845  0.25 12.29 ? 66  SER B CB  1 
ATOM   519  C CB  B SER A 1 60  ? 13.523  6.577   10.819  0.25 11.68 ? 66  SER B CB  1 
ATOM   520  O OG  A SER A 1 60  ? 12.101  6.582   11.440  0.25 13.06 ? 66  SER B OG  1 
ATOM   521  O OG  B SER A 1 60  ? 14.550  5.716   11.243  0.25 11.93 ? 66  SER B OG  1 
ATOM   522  N N   A SER A 1 61  ? 15.172  6.265   7.742   0.25 11.49 ? 67  SER B N   1 
ATOM   523  N N   B SER A 1 61  ? 15.062  6.310   7.592   0.25 12.51 ? 67  SER B N   1 
ATOM   524  C CA  A SER A 1 61  ? 16.344  6.670   6.928   0.25 12.16 ? 67  SER B CA  1 
ATOM   525  C CA  B SER A 1 61  ? 16.304  6.685   6.891   0.25 13.65 ? 67  SER B CA  1 
ATOM   526  C C   A SER A 1 61  ? 16.464  5.770   5.700   0.25 12.84 ? 67  SER B C   1 
ATOM   527  C C   B SER A 1 61  ? 16.546  5.714   5.745   0.25 13.59 ? 67  SER B C   1 
ATOM   528  O O   A SER A 1 61  ? 15.764  4.749   5.660   0.25 13.09 ? 67  SER B O   1 
ATOM   529  O O   B SER A 1 61  ? 16.035  4.580   5.827   0.25 12.89 ? 67  SER B O   1 
ATOM   530  C CB  A SER A 1 61  ? 17.602  6.600   7.764   0.25 12.19 ? 67  SER B CB  1 
ATOM   531  C CB  B SER A 1 61  ? 17.452  6.678   7.869   0.25 14.94 ? 67  SER B CB  1 
ATOM   532  O OG  A SER A 1 61  ? 17.922  5.257   8.077   0.25 11.70 ? 67  SER B OG  1 
ATOM   533  O OG  B SER A 1 61  ? 18.668  6.944   7.196   0.25 17.39 ? 67  SER B OG  1 
ATOM   534  N N   . GLY A 1 62  ? 17.343  6.130   4.761   1.00 13.73 ? 68  GLY B N   1 
ATOM   535  C CA  . GLY A 1 62  ? 17.779  5.200   3.712   1.00 14.51 ? 68  GLY B CA  1 
ATOM   536  C C   . GLY A 1 62  ? 16.823  5.086   2.536   1.00 12.25 ? 68  GLY B C   1 
ATOM   537  O O   . GLY A 1 62  ? 15.884  5.850   2.429   1.00 12.65 ? 68  GLY B O   1 
ATOM   538  N N   . LYS A 1 63  ? 17.171  4.142   1.691   1.00 12.22 ? 69  LYS B N   1 
ATOM   539  C CA  . LYS A 1 63  ? 16.463  3.808   0.457   1.00 12.61 ? 69  LYS B CA  1 
ATOM   540  C C   . LYS A 1 63  ? 15.931  2.390   0.640   1.00 11.93 ? 69  LYS B C   1 
ATOM   541  O O   . LYS A 1 63  ? 16.694  1.463   0.984   1.00 13.80 ? 69  LYS B O   1 
ATOM   542  C CB  . LYS A 1 63  ? 17.423  3.956   -0.722  1.00 14.46 ? 69  LYS B CB  1 
ATOM   543  C CG  . LYS A 1 63  ? 17.924  5.372   -0.988  1.00 14.52 ? 69  LYS B CG  1 
ATOM   544  C CD  . LYS A 1 63  ? 18.986  5.416   -2.128  1.00 17.23 ? 69  LYS B CD  1 
ATOM   545  C CE  . LYS A 1 63  ? 19.513  6.806   -2.382  1.00 20.41 ? 69  LYS B CE  1 
ATOM   546  N NZ  . LYS A 1 63  ? 20.466  6.766   -3.526  1.00 22.76 ? 69  LYS B NZ  1 
ATOM   547  N N   . MET A 1 64  ? 14.668  2.193   0.267   1.00 12.01 ? 70  MET B N   1 
ATOM   548  C CA  . MET A 1 64  ? 13.942  0.920   0.417   1.00 11.44 ? 70  MET B CA  1 
ATOM   549  C C   . MET A 1 64  ? 13.134  0.651   -0.848  1.00 10.84 ? 70  MET B C   1 
ATOM   550  O O   . MET A 1 64  ? 12.586  1.589   -1.415  1.00 10.82 ? 70  MET B O   1 
ATOM   551  C CB  . MET A 1 64  ? 12.915  1.034   1.543   1.00 11.79 ? 70  MET B CB  1 
ATOM   552  C CG  . MET A 1 64  ? 13.475  1.049   2.949   1.00 12.18 ? 70  MET B CG  1 
ATOM   553  S SD  . MET A 1 64  ? 14.417  2.488   3.527   1.00 14.34 ? 70  MET B SD  1 
ATOM   554  C CE  . MET A 1 64  ? 13.285  3.842   3.367   1.00 13.30 ? 70  MET B CE  1 
ATOM   555  N N   . TYR A 1 65  ? 13.014  -0.583  -1.248  1.00 11.15 ? 71  TYR B N   1 
ATOM   556  C CA  . TYR A 1 65  ? 12.264  -1.009  -2.453  1.00 10.87 ? 71  TYR B CA  1 
ATOM   557  C C   . TYR A 1 65  ? 11.571  -2.315  -2.119  1.00 11.04 ? 71  TYR B C   1 
ATOM   558  O O   . TYR A 1 65  ? 12.168  -3.241  -1.512  1.00 11.45 ? 71  TYR B O   1 
ATOM   559  C CB  . TYR A 1 65  ? 13.219  -1.183  -3.642  1.00 11.47 ? 71  TYR B CB  1 
ATOM   560  C CG  . TYR A 1 65  ? 12.574  -1.648  -4.920  1.00 11.32 ? 71  TYR B CG  1 
ATOM   561  C CD1 . TYR A 1 65  ? 11.832  -0.754  -5.663  1.00 11.21 ? 71  TYR B CD1 1 
ATOM   562  C CD2 . TYR A 1 65  ? 12.610  -2.980  -5.319  1.00 12.19 ? 71  TYR B CD2 1 
ATOM   563  C CE1 . TYR A 1 65  ? 11.174  -1.147  -6.822  1.00 12.33 ? 71  TYR B CE1 1 
ATOM   564  C CE2 . TYR A 1 65  ? 11.952  -3.391  -6.473  1.00 10.87 ? 71  TYR B CE2 1 
ATOM   565  C CZ  . TYR A 1 65  ? 11.240  -2.485  -7.222  1.00 11.41 ? 71  TYR B CZ  1 
ATOM   566  O OH  . TYR A 1 65  ? 10.583  -2.919  -8.337  1.00 13.69 ? 71  TYR B OH  1 
ATOM   567  N N   . TRP A 1 66  ? 10.318  -2.412  -2.517  1.00 9.45  ? 72  TRP B N   1 
ATOM   568  C CA  . TRP A 1 66  ? 9.613   -3.711  -2.507  1.00 9.77  ? 72  TRP B CA  1 
ATOM   569  C C   . TRP A 1 66  ? 8.606   -3.781  -3.662  1.00 10.02 ? 72  TRP B C   1 
ATOM   570  O O   . TRP A 1 66  ? 8.275   -2.753  -4.285  1.00 10.54 ? 72  TRP B O   1 
ATOM   571  C CB  . TRP A 1 66  ? 8.937   -3.978  -1.146  1.00 10.00 ? 72  TRP B CB  1 
ATOM   572  C CG  . TRP A 1 66  ? 7.891   -3.010  -0.714  1.00 9.53  ? 72  TRP B CG  1 
ATOM   573  C CD1 . TRP A 1 66  ? 6.524   -3.160  -0.827  1.00 9.28  ? 72  TRP B CD1 1 
ATOM   574  C CD2 . TRP A 1 66  ? 8.063   -1.741  -0.071  1.00 9.84  ? 72  TRP B CD2 1 
ATOM   575  N NE1 . TRP A 1 66  ? 5.863   -2.086  -0.293  1.00 9.21  ? 72  TRP B NE1 1 
ATOM   576  C CE2 . TRP A 1 66  ? 6.786   -1.194  0.174   1.00 9.76  ? 72  TRP B CE2 1 
ATOM   577  C CE3 . TRP A 1 66  ? 9.186   -0.989  0.297   1.00 11.11 ? 72  TRP B CE3 1 
ATOM   578  C CZ2 . TRP A 1 66  ? 6.581   0.027   0.786   1.00 10.43 ? 72  TRP B CZ2 1 
ATOM   579  C CZ3 . TRP A 1 66  ? 8.994   0.221   0.911   1.00 13.37 ? 72  TRP B CZ3 1 
ATOM   580  C CH2 . TRP A 1 66  ? 7.723   0.718   1.163   1.00 11.51 ? 72  TRP B CH2 1 
ATOM   581  N N   . GLU A 1 67  ? 8.055   -4.981  -3.893  1.00 9.61  ? 73  GLU B N   1 
ATOM   582  C CA  . GLU A 1 67  ? 7.095   -5.245  -4.998  1.00 9.33  ? 73  GLU B CA  1 
ATOM   583  C C   . GLU A 1 67  ? 5.849   -5.947  -4.470  1.00 9.34  ? 73  GLU B C   1 
ATOM   584  O O   . GLU A 1 67  ? 5.941   -6.756  -3.554  1.00 9.80  ? 73  GLU B O   1 
ATOM   585  C CB  . GLU A 1 67  ? 7.741   -6.111  -6.080  1.00 10.74 ? 73  GLU B CB  1 
ATOM   586  C CG  . GLU A 1 67  ? 8.849   -5.336  -6.794  1.00 13.08 ? 73  GLU B CG  1 
ATOM   587  C CD  . GLU A 1 67  ? 9.514   -6.054  -7.948  1.00 16.28 ? 73  GLU B CD  1 
ATOM   588  O OE1 . GLU A 1 67  ? 9.167   -7.257  -8.168  1.00 21.21 ? 73  GLU B OE1 1 
ATOM   589  O OE2 . GLU A 1 67  ? 10.380  -5.412  -8.648  1.00 16.06 ? 73  GLU B OE2 1 
ATOM   590  N N   . VAL A 1 68  ? 4.730   -5.588  -5.068  1.00 9.54  ? 74  VAL B N   1 
ATOM   591  C CA  . VAL A 1 68  ? 3.424   -6.141  -4.678  1.00 9.35  ? 74  VAL B CA  1 
ATOM   592  C C   . VAL A 1 68  ? 2.706   -6.657  -5.927  1.00 8.99  ? 74  VAL B C   1 
ATOM   593  O O   . VAL A 1 68  ? 2.581   -5.919  -6.910  1.00 9.94  ? 74  VAL B O   1 
ATOM   594  C CB  . VAL A 1 68  ? 2.560   -5.083  -3.977  1.00 9.77  ? 74  VAL B CB  1 
ATOM   595  C CG1 . VAL A 1 68  ? 1.279   -5.709  -3.455  1.00 11.04 ? 74  VAL B CG1 1 
ATOM   596  C CG2 . VAL A 1 68  ? 3.341   -4.328  -2.915  1.00 10.04 ? 74  VAL B CG2 1 
ATOM   597  N N   . ASP A 1 69  ? 2.165   -7.878  -5.803  1.00 9.60  ? 75  ASP B N   1 
ATOM   598  C CA  . ASP A 1 69  ? 1.334   -8.516  -6.855  1.00 10.73 ? 75  ASP B CA  1 
ATOM   599  C C   . ASP A 1 69  ? -0.112  -8.100  -6.671  1.00 9.34  ? 75  ASP B C   1 
ATOM   600  O O   . ASP A 1 69  ? -0.670  -8.227  -5.527  1.00 9.83  ? 75  ASP B O   1 
ATOM   601  C CB  . ASP A 1 69  ? 1.447   -10.039 -6.805  1.00 11.73 ? 75  ASP B CB  1 
ATOM   602  C CG  . ASP A 1 69  ? 0.879   -10.690 -8.061  1.00 13.49 ? 75  ASP B CG  1 
ATOM   603  O OD1 . ASP A 1 69  ? -0.289  -10.562 -8.305  1.00 13.74 ? 75  ASP B OD1 1 
ATOM   604  O OD2 . ASP A 1 69  ? 1.683   -11.173 -8.889  1.00 18.12 ? 75  ASP B OD2 1 
ATOM   605  N N   . VAL A 1 70  ? -0.719  -7.522  -7.709  1.00 9.77  ? 76  VAL B N   1 
ATOM   606  C CA  . VAL A 1 70  ? -2.129  -7.024  -7.733  1.00 9.98  ? 76  VAL B CA  1 
ATOM   607  C C   . VAL A 1 70  ? -2.968  -7.767  -8.791  1.00 10.97 ? 76  VAL B C   1 
ATOM   608  O O   . VAL A 1 70  ? -4.041  -7.320  -9.148  1.00 11.08 ? 76  VAL B O   1 
ATOM   609  C CB  . VAL A 1 70  ? -2.156  -5.487  -7.958  1.00 9.93  ? 76  VAL B CB  1 
ATOM   610  C CG1 . VAL A 1 70  ? -1.406  -4.718  -6.842  1.00 8.73  ? 76  VAL B CG1 1 
ATOM   611  C CG2 . VAL A 1 70  ? -1.589  -5.076  -9.318  1.00 10.23 ? 76  VAL B CG2 1 
ATOM   612  N N   . THR A 1 71  ? -2.468  -8.895  -9.289  1.00 11.30 ? 77  THR B N   1 
ATOM   613  C CA  . THR A 1 71  ? -3.147  -9.726  -10.303 1.00 13.55 ? 77  THR B CA  1 
ATOM   614  C C   . THR A 1 71  ? -4.639  -9.906  -9.953  1.00 12.69 ? 77  THR B C   1 
ATOM   615  O O   . THR A 1 71  ? -5.005  -10.287 -8.828  1.00 12.87 ? 77  THR B O   1 
ATOM   616  C CB  . THR A 1 71  ? -2.456  -11.078 -10.458 1.00 14.01 ? 77  THR B CB  1 
ATOM   617  O OG1 . THR A 1 71  ? -1.095  -10.889 -10.869 1.00 16.54 ? 77  THR B OG1 1 
ATOM   618  C CG2 . THR A 1 71  ? -3.228  -11.868 -11.494 1.00 17.38 ? 77  THR B CG2 1 
ATOM   619  N N   . GLN A 1 72  ? -5.466  -9.690  -10.976 1.00 15.34 ? 78  GLN B N   1 
ATOM   620  C CA  . GLN A 1 72  ? -6.933  -9.893  -11.051 1.00 18.47 ? 78  GLN B CA  1 
ATOM   621  C C   . GLN A 1 72  ? -7.709  -9.026  -10.064 1.00 17.40 ? 78  GLN B C   1 
ATOM   622  O O   . GLN A 1 72  ? -8.925  -9.213  -9.963  1.00 20.69 ? 78  GLN B O   1 
ATOM   623  C CB  . GLN A 1 72  ? -7.323  -11.374 -10.975 1.00 27.10 ? 78  GLN B CB  1 
ATOM   624  C CG  . GLN A 1 72  ? -6.945  -12.110 -9.699  1.00 32.65 ? 78  GLN B CG  1 
ATOM   625  C CD  . GLN A 1 72  ? -7.742  -13.365 -9.386  1.00 36.72 ? 78  GLN B CD  1 
ATOM   626  O OE1 . GLN A 1 72  ? -7.178  -14.384 -8.979  1.00 43.08 ? 78  GLN B OE1 1 
ATOM   627  N NE2 . GLN A 1 72  ? -9.062  -13.258 -9.404  1.00 44.45 ? 78  GLN B NE2 1 
ATOM   628  N N   . LYS A 1 73  ? -7.134  -8.031  -9.424  1.00 11.93 ? 79  LYS B N   1 
ATOM   629  C CA  . LYS A 1 73  ? -7.942  -7.165  -8.557  1.00 10.46 ? 79  LYS B CA  1 
ATOM   630  C C   . LYS A 1 73  ? -8.620  -6.034  -9.334  1.00 9.76  ? 79  LYS B C   1 
ATOM   631  O O   . LYS A 1 73  ? -8.008  -5.481  -10.296 1.00 12.58 ? 79  LYS B O   1 
ATOM   632  C CB  . LYS A 1 73  ? -7.051  -6.631  -7.430  1.00 10.88 ? 79  LYS B CB  1 
ATOM   633  C CG  . LYS A 1 73  ? -6.646  -7.729  -6.415  1.00 11.75 ? 79  LYS B CG  1 
ATOM   634  C CD  . LYS A 1 73  ? -6.019  -7.264  -5.121  1.00 12.65 ? 79  LYS B CD  1 
ATOM   635  C CE  . LYS A 1 73  ? -6.969  -6.482  -4.245  1.00 11.04 ? 79  LYS B CE  1 
ATOM   636  N NZ  . LYS A 1 73  ? -8.195  -7.265  -3.897  1.00 9.76  ? 79  LYS B NZ  1 
ATOM   637  N N   . GLU A 1 74  ? -9.769  -5.611  -8.850  1.00 8.39  ? 80  GLU B N   1 
ATOM   638  C CA  . GLU A 1 74  ? -10.521 -4.489  -9.410  1.00 8.79  ? 80  GLU B CA  1 
ATOM   639  C C   . GLU A 1 74  ? -10.245 -3.186  -8.651  1.00 9.00  ? 80  GLU B C   1 
ATOM   640  O O   . GLU A 1 74  ? -10.549 -2.082  -9.151  1.00 9.73  ? 80  GLU B O   1 
ATOM   641  C CB  . GLU A 1 74  ? -12.050 -4.760  -9.351  1.00 9.51  ? 80  GLU B CB  1 
ATOM   642  C CG  . GLU A 1 74  ? -12.479 -5.918  -10.222 1.00 10.28 ? 80  GLU B CG  1 
ATOM   643  C CD  . GLU A 1 74  ? -13.972 -6.242  -10.064 1.00 9.95  ? 80  GLU B CD  1 
ATOM   644  O OE1 . GLU A 1 74  ? -14.478 -6.993  -10.915 1.00 12.19 ? 80  GLU B OE1 1 
ATOM   645  O OE2 . GLU A 1 74  ? -14.599 -5.679  -9.124  1.00 11.60 ? 80  GLU B OE2 1 
ATOM   646  N N   . ALA A 1 75  ? -9.804  -3.267  -7.387  1.00 8.67  ? 81  ALA B N   1 
ATOM   647  C CA  . ALA A 1 75  ? -9.652  -2.076  -6.545  1.00 8.37  ? 81  ALA B CA  1 
ATOM   648  C C   . ALA A 1 75  ? -8.629  -2.366  -5.456  1.00 9.52  ? 81  ALA B C   1 
ATOM   649  O O   . ALA A 1 75  ? -8.625  -3.479  -4.901  1.00 8.78  ? 81  ALA B O   1 
ATOM   650  C CB  . ALA A 1 75  ? -10.946 -1.695  -5.900  1.00 9.39  ? 81  ALA B CB  1 
ATOM   651  N N   . TRP A 1 76  ? -7.760  -1.403  -5.176  1.00 8.42  ? 82  TRP B N   1 
ATOM   652  C CA  . TRP A 1 76  ? -6.674  -1.524  -4.160  1.00 8.35  ? 82  TRP B CA  1 
ATOM   653  C C   . TRP A 1 76  ? -6.038  -0.168  -3.988  1.00 8.80  ? 82  TRP B C   1 
ATOM   654  O O   . TRP A 1 76  ? -6.132  0.667   -4.888  1.00 8.37  ? 82  TRP B O   1 
ATOM   655  C CB  . TRP A 1 76  ? -5.633  -2.597  -4.505  1.00 8.71  ? 82  TRP B CB  1 
ATOM   656  C CG  . TRP A 1 76  ? -5.047  -2.518  -5.871  1.00 8.21  ? 82  TRP B CG  1 
ATOM   657  C CD1 . TRP A 1 76  ? -5.434  -3.262  -6.940  1.00 9.45  ? 82  TRP B CD1 1 
ATOM   658  C CD2 . TRP A 1 76  ? -4.061  -1.592  -6.410  1.00 8.47  ? 82  TRP B CD2 1 
ATOM   659  N NE1 . TRP A 1 76  ? -4.716  -2.958  -8.050  1.00 9.35  ? 82  TRP B NE1 1 
ATOM   660  C CE2 . TRP A 1 76  ? -3.870  -1.909  -7.763  1.00 9.35  ? 82  TRP B CE2 1 
ATOM   661  C CE3 . TRP A 1 76  ? -3.295  -0.560  -5.846  1.00 9.36  ? 82  TRP B CE3 1 
ATOM   662  C CZ2 . TRP A 1 76  ? -2.941  -1.264  -8.569  1.00 8.89  ? 82  TRP B CZ2 1 
ATOM   663  C CZ3 . TRP A 1 76  ? -2.387  0.104   -6.645  1.00 9.87  ? 82  TRP B CZ3 1 
ATOM   664  C CH2 . TRP A 1 76  ? -2.218  -0.241  -7.989  1.00 9.94  ? 82  TRP B CH2 1 
ATOM   665  N N   . ASP A 1 77  ? -5.396  0.027   -2.844  1.00 8.01  ? 83  ASP B N   1 
ATOM   666  C CA  . ASP A 1 77  ? -4.507  1.201   -2.585  1.00 8.54  ? 83  ASP B CA  1 
ATOM   667  C C   . ASP A 1 77  ? -3.155  0.633   -2.145  1.00 8.45  ? 83  ASP B C   1 
ATOM   668  O O   . ASP A 1 77  ? -3.141  -0.342  -1.363  1.00 8.06  ? 83  ASP B O   1 
ATOM   669  C CB  . ASP A 1 77  ? -5.018  2.126   -1.482  1.00 9.46  ? 83  ASP B CB  1 
ATOM   670  C CG  . ASP A 1 77  ? -6.483  2.497   -1.528  1.00 11.34 ? 83  ASP B CG  1 
ATOM   671  O OD1 . ASP A 1 77  ? -6.996  2.612   -2.611  1.00 14.29 ? 83  ASP B OD1 1 
ATOM   672  O OD2 . ASP A 1 77  ? -7.091  2.647   -0.429  1.00 13.19 ? 83  ASP B OD2 1 
ATOM   673  N N   . LEU A 1 78  ? -2.053  1.252   -2.554  1.00 7.54  ? 84  LEU B N   1 
ATOM   674  C CA  . LEU A 1 78  ? -0.697  0.835   -2.151  1.00 7.91  ? 84  LEU B CA  1 
ATOM   675  C C   . LEU A 1 78  ? 0.173   2.064   -1.929  1.00 7.25  ? 84  LEU B C   1 
ATOM   676  O O   . LEU A 1 78  ? 0.075   3.049   -2.659  1.00 7.45  ? 84  LEU B O   1 
ATOM   677  C CB  . LEU A 1 78  ? -0.036  -0.018  -3.226  1.00 7.97  ? 84  LEU B CB  1 
ATOM   678  C CG  . LEU A 1 78  ? -0.539  -1.435  -3.419  1.00 9.23  ? 84  LEU B CG  1 
ATOM   679  C CD1 . LEU A 1 78  ? 0.132   -2.016  -4.666  1.00 10.49 ? 84  LEU B CD1 1 
ATOM   680  C CD2 . LEU A 1 78  ? -0.245  -2.254  -2.192  1.00 8.69  ? 84  LEU B CD2 1 
ATOM   681  N N   . GLY A 1 79  ? 1.094   1.930   -0.979  1.00 6.19  ? 85  GLY B N   1 
ATOM   682  C CA  . GLY A 1 79  ? 2.160   2.915   -0.840  1.00 7.48  ? 85  GLY B CA  1 
ATOM   683  C C   . GLY A 1 79  ? 2.823   2.804   0.512   1.00 7.25  ? 85  GLY B C   1 
ATOM   684  O O   . GLY A 1 79  ? 3.148   1.731   0.968   1.00 7.65  ? 85  GLY B O   1 
ATOM   685  N N   A VAL A 1 80  ? 3.059   3.971   1.112   0.25 7.78  ? 86  VAL B N   1 
ATOM   686  N N   B VAL A 1 80  ? 2.996   3.949   1.155   0.25 7.95  ? 86  VAL B N   1 
ATOM   687  C CA  A VAL A 1 80  ? 3.609   4.119   2.488   0.25 7.80  ? 86  VAL B CA  1 
ATOM   688  C CA  B VAL A 1 80  ? 3.695   4.067   2.460   0.25 8.08  ? 86  VAL B CA  1 
ATOM   689  C C   A VAL A 1 80  ? 2.780   5.129   3.266   0.25 7.97  ? 86  VAL B C   1 
ATOM   690  C C   B VAL A 1 80  ? 2.958   5.162   3.243   0.25 8.18  ? 86  VAL B C   1 
ATOM   691  O O   A VAL A 1 80  ? 2.108   5.992   2.681   0.25 8.03  ? 86  VAL B O   1 
ATOM   692  O O   B VAL A 1 80  ? 2.413   6.062   2.601   0.25 8.11  ? 86  VAL B O   1 
ATOM   693  C CB  A VAL A 1 80  ? 5.078   4.567   2.515   0.25 8.18  ? 86  VAL B CB  1 
ATOM   694  C CB  B VAL A 1 80  ? 5.196   4.342   2.228   0.25 8.75  ? 86  VAL B CB  1 
ATOM   695  C CG1 A VAL A 1 80  ? 5.973   3.452   2.030   0.25 7.97  ? 86  VAL B CG1 1 
ATOM   696  C CG1 B VAL A 1 80  ? 5.441   5.764   1.742   0.25 8.99  ? 86  VAL B CG1 1 
ATOM   697  C CG2 A VAL A 1 80  ? 5.308   5.846   1.722   0.25 8.35  ? 86  VAL B CG2 1 
ATOM   698  C CG2 B VAL A 1 80  ? 6.046   4.038   3.450   0.25 8.84  ? 86  VAL B CG2 1 
ATOM   699  N N   . CYS A 1 81  ? 2.929   5.098   4.580   1.00 7.88  ? 87  CYS B N   1 
ATOM   700  C CA  . CYS A 1 81  ? 2.243   6.080   5.408   1.00 8.96  ? 87  CYS B CA  1 
ATOM   701  C C   . CYS A 1 81  ? 3.048   6.313   6.683   1.00 8.58  ? 87  CYS B C   1 
ATOM   702  O O   . CYS A 1 81  ? 3.901   5.458   7.066   1.00 8.44  ? 87  CYS B O   1 
ATOM   703  C CB  . CYS A 1 81  ? 0.816   5.645   5.743   1.00 9.27  ? 87  CYS B CB  1 
ATOM   704  S SG  . CYS A 1 81  ? 0.678   4.165   6.776   1.00 10.04 ? 87  CYS B SG  1 
ATOM   705  N N   A ARG A 1 82  ? 2.775   7.422   7.344   0.25 8.98  ? 88  ARG B N   1 
ATOM   706  N N   B ARG A 1 82  ? 2.792   7.438   7.340   0.25 8.81  ? 88  ARG B N   1 
ATOM   707  C CA  A ARG A 1 82  ? 3.339   7.658   8.693   0.25 9.25  ? 88  ARG B CA  1 
ATOM   708  C CA  B ARG A 1 82  ? 3.371   7.741   8.680   0.25 8.96  ? 88  ARG B CA  1 
ATOM   709  C C   A ARG A 1 82  ? 2.872   6.566   9.656   0.25 9.24  ? 88  ARG B C   1 
ATOM   710  C C   B ARG A 1 82  ? 2.842   6.722   9.711   0.25 9.23  ? 88  ARG B C   1 
ATOM   711  O O   A ARG A 1 82  ? 1.760   6.041   9.548   0.25 8.57  ? 88  ARG B O   1 
ATOM   712  O O   B ARG A 1 82  ? 1.625   6.404   9.684   0.25 9.02  ? 88  ARG B O   1 
ATOM   713  C CB  A ARG A 1 82  ? 2.871   8.997   9.250   0.25 10.23 ? 88  ARG B CB  1 
ATOM   714  C CB  B ARG A 1 82  ? 2.994   9.173   9.083   0.25 9.65  ? 88  ARG B CB  1 
ATOM   715  C CG  A ARG A 1 82  ? 3.299   10.144  8.359   0.25 10.78 ? 88  ARG B CG  1 
ATOM   716  C CG  B ARG A 1 82  ? 3.830   9.755   10.214  0.25 9.69  ? 88  ARG B CG  1 
ATOM   717  C CD  A ARG A 1 82  ? 3.038   11.480  8.994   0.25 11.77 ? 88  ARG B CD  1 
ATOM   718  C CD  B ARG A 1 82  ? 3.478   11.183  10.577  0.25 9.66  ? 88  ARG B CD  1 
ATOM   719  N NE  A ARG A 1 82  ? 3.410   12.590  8.129   0.25 11.30 ? 88  ARG B NE  1 
ATOM   720  N NE  B ARG A 1 82  ? 3.613   12.088  9.452   0.25 10.02 ? 88  ARG B NE  1 
ATOM   721  C CZ  A ARG A 1 82  ? 2.640   13.643  7.912   0.25 11.55 ? 88  ARG B CZ  1 
ATOM   722  C CZ  B ARG A 1 82  ? 2.617   12.801  8.932   0.25 9.41  ? 88  ARG B CZ  1 
ATOM   723  N NH1 A ARG A 1 82  ? 1.462   13.726  8.505   0.25 11.46 ? 88  ARG B NH1 1 
ATOM   724  N NH1 B ARG A 1 82  ? 1.435   12.797  9.504   0.25 10.05 ? 88  ARG B NH1 1 
ATOM   725  N NH2 A ARG A 1 82  ? 3.069   14.618  7.129   0.25 12.47 ? 88  ARG B NH2 1 
ATOM   726  N NH2 B ARG A 1 82  ? 2.820   13.559  7.871   0.25 9.35  ? 88  ARG B NH2 1 
ATOM   727  N N   . ASP A 1 83  ? 3.704   6.259   10.630  1.00 9.92  ? 89  ASP B N   1 
ATOM   728  C CA  . ASP A 1 83  ? 3.290   5.301   11.671  1.00 11.04 ? 89  ASP B CA  1 
ATOM   729  C C   . ASP A 1 83  ? 2.086   5.880   12.400  1.00 11.88 ? 89  ASP B C   1 
ATOM   730  O O   . ASP A 1 83  ? 1.300   5.073   12.939  1.00 14.60 ? 89  ASP B O   1 
ATOM   731  C CB  . ASP A 1 83  ? 4.474   5.058   12.609  1.00 13.23 ? 89  ASP B CB  1 
ATOM   732  C CG  . ASP A 1 83  ? 5.027   6.261   13.342  1.00 15.70 ? 89  ASP B CG  1 
ATOM   733  O OD1 . ASP A 1 83  ? 4.642   7.448   13.043  1.00 18.78 ? 89  ASP B OD1 1 
ATOM   734  O OD2 . ASP A 1 83  ? 5.883   6.002   14.247  1.00 20.17 ? 89  ASP B OD2 1 
ATOM   735  N N   . SER A 1 84  ? 1.952   7.199   12.513  1.00 11.80 ? 90  SER B N   1 
ATOM   736  C CA  . SER A 1 84  ? 0.932   7.847   13.363  1.00 12.95 ? 90  SER B CA  1 
ATOM   737  C C   . SER A 1 84  ? -0.353  8.201   12.595  1.00 11.83 ? 90  SER B C   1 
ATOM   738  O O   . SER A 1 84  ? -1.163  8.926   13.121  1.00 12.03 ? 90  SER B O   1 
ATOM   739  C CB  . SER A 1 84  ? 1.533   9.052   14.025  1.00 16.32 ? 90  SER B CB  1 
ATOM   740  O OG  . SER A 1 84  ? 1.987   9.951   13.083  1.00 16.53 ? 90  SER B OG  1 
ATOM   741  N N   . VAL A 1 85  ? -0.591  7.630   11.421  1.00 10.45 ? 91  VAL B N   1 
ATOM   742  C CA  . VAL A 1 85  ? -1.874  7.873   10.732  1.00 11.16 ? 91  VAL B CA  1 
ATOM   743  C C   . VAL A 1 85  ? -3.054  7.426   11.602  1.00 10.90 ? 91  VAL B C   1 
ATOM   744  O O   . VAL A 1 85  ? -2.978  6.436   12.345  1.00 12.09 ? 91  VAL B O   1 
ATOM   745  C CB  . VAL A 1 85  ? -1.969  7.256   9.321   1.00 10.57 ? 91  VAL B CB  1 
ATOM   746  C CG1 . VAL A 1 85  ? -0.996  7.915   8.374   1.00 10.29 ? 91  VAL B CG1 1 
ATOM   747  C CG2 . VAL A 1 85  ? -1.852  5.773   9.310   1.00 10.10 ? 91  VAL B CG2 1 
ATOM   748  N N   . GLN A 1 86  ? -4.131  8.171   11.431  1.00 11.36 ? 92  GLN B N   1 
ATOM   749  C CA  . GLN A 1 86  ? -5.480  7.853   12.017  1.00 13.25 ? 92  GLN B CA  1 
ATOM   750  C C   . GLN A 1 86  ? -5.861  6.425   11.623  1.00 12.66 ? 92  GLN B C   1 
ATOM   751  O O   . GLN A 1 86  ? -5.756  6.070   10.429  1.00 13.02 ? 92  GLN B O   1 
ATOM   752  C CB  . GLN A 1 86  ? -6.458  8.901   11.491  1.00 16.44 ? 92  GLN B CB  1 
ATOM   753  C CG  . GLN A 1 86  ? -7.945  8.689   11.812  1.00 19.22 ? 92  GLN B CG  1 
ATOM   754  C CD  . GLN A 1 86  ? -8.824  9.686   11.061  1.00 22.91 ? 92  GLN B CD  1 
ATOM   755  O OE1 . GLN A 1 86  ? -8.372  10.708  10.474  1.00 24.09 ? 92  GLN B OE1 1 
ATOM   756  N NE2 . GLN A 1 86  ? -10.136 9.419   11.049  1.00 24.51 ? 92  GLN B NE2 1 
ATOM   757  N N   . ARG A 1 87  ? -6.411  5.658   12.561  1.00 11.53 ? 93  ARG B N   1 
ATOM   758  C CA  . ARG A 1 87  ? -6.848  4.250   12.310  1.00 10.96 ? 93  ARG B CA  1 
ATOM   759  C C   . ARG A 1 87  ? -8.380  4.190   12.270  1.00 12.09 ? 93  ARG B C   1 
ATOM   760  O O   . ARG A 1 87  ? -8.885  3.271   11.637  1.00 11.39 ? 93  ARG B O   1 
ATOM   761  C CB  . ARG A 1 87  ? -6.297  3.270   13.333  1.00 11.74 ? 93  ARG B CB  1 
ATOM   762  C CG  . ARG A 1 87  ? -4.803  3.366   13.567  1.00 11.63 ? 93  ARG B CG  1 
ATOM   763  C CD  . ARG A 1 87  ? -3.992  3.117   12.277  1.00 12.67 ? 93  ARG B CD  1 
ATOM   764  N NE  . ARG A 1 87  ? -2.565  3.414   12.488  1.00 13.26 ? 93  ARG B NE  1 
ATOM   765  C CZ  . ARG A 1 87  ? -1.680  2.569   12.982  1.00 12.76 ? 93  ARG B CZ  1 
ATOM   766  N NH1 . ARG A 1 87  ? -2.028  1.330   13.260  1.00 15.40 ? 93  ARG B NH1 1 
ATOM   767  N NH2 . ARG A 1 87  ? -0.439  2.947   13.215  1.00 16.07 ? 93  ARG B NH2 1 
ATOM   768  N N   . LYS A 1 88  ? -9.088  5.044   13.013  1.00 12.10 ? 94  LYS B N   1 
ATOM   769  C CA  . LYS A 1 88  ? -10.550 4.883   13.267  1.00 12.36 ? 94  LYS B CA  1 
ATOM   770  C C   . LYS A 1 88  ? -11.323 5.927   12.486  1.00 13.79 ? 94  LYS B C   1 
ATOM   771  O O   . LYS A 1 88  ? -10.846 7.105   12.411  1.00 14.60 ? 94  LYS B O   1 
ATOM   772  C CB  . LYS A 1 88  ? -10.823 4.977   14.776  1.00 12.76 ? 94  LYS B CB  1 
ATOM   773  C CG  . LYS A 1 88  ? -9.976  4.095   15.672  1.00 14.19 ? 94  LYS B CG  1 
ATOM   774  C CD  . LYS A 1 88  ? -10.058 2.581   15.354  1.00 15.63 ? 94  LYS B CD  1 
ATOM   775  C CE  . LYS A 1 88  ? -9.225  1.752   16.281  1.00 15.84 ? 94  LYS B CE  1 
ATOM   776  N NZ  . LYS A 1 88  ? -9.318  0.305   15.959  1.00 15.80 ? 94  LYS B NZ  1 
ATOM   777  N N   . GLY A 1 89  ? -12.485 5.572   11.971  1.00 14.33 ? 95  GLY B N   1 
ATOM   778  C CA  . GLY A 1 89  ? -13.379 6.493   11.268  1.00 14.05 ? 95  GLY B CA  1 
ATOM   779  C C   . GLY A 1 89  ? -12.980 6.731   9.832   1.00 15.87 ? 95  GLY B C   1 
ATOM   780  O O   . GLY A 1 89  ? -12.123 5.956   9.311   1.00 14.94 ? 95  GLY B O   1 
ATOM   781  N N   . GLN A 1 90  ? -13.591 7.726   9.211   1.00 16.02 ? 96  GLN B N   1 
ATOM   782  C CA  . GLN A 1 90  ? -13.420 8.058   7.793   1.00 17.04 ? 96  GLN B CA  1 
ATOM   783  C C   . GLN A 1 90  ? -12.266 9.040   7.627   1.00 16.65 ? 96  GLN B C   1 
ATOM   784  O O   . GLN A 1 90  ? -12.029 9.897   8.518   1.00 16.07 ? 96  GLN B O   1 
ATOM   785  C CB  . GLN A 1 90  ? -14.718 8.642   7.231   1.00 20.89 ? 96  GLN B CB  1 
ATOM   786  C CG  . GLN A 1 90  ? -15.839 7.629   7.319   1.00 25.28 ? 96  GLN B CG  1 
ATOM   787  C CD  . GLN A 1 90  ? -17.147 8.319   7.100   1.00 33.96 ? 96  GLN B CD  1 
ATOM   788  O OE1 . GLN A 1 90  ? -17.460 8.703   5.971   1.00 43.75 ? 96  GLN B OE1 1 
ATOM   789  N NE2 . GLN A 1 90  ? -17.869 8.533   8.194   1.00 36.86 ? 96  GLN B NE2 1 
ATOM   790  N N   . PHE A 1 91  ? -11.484 8.838   6.574   1.00 14.07 ? 97  PHE B N   1 
ATOM   791  C CA  . PHE A 1 91  ? -10.420 9.771   6.166   1.00 13.67 ? 97  PHE B CA  1 
ATOM   792  C C   . PHE A 1 91  ? -10.069 9.565   4.695   1.00 13.70 ? 97  PHE B C   1 
ATOM   793  O O   . PHE A 1 91  ? -10.353 8.504   4.095   1.00 14.26 ? 97  PHE B O   1 
ATOM   794  C CB  . PHE A 1 91  ? -9.167  9.554   7.015   1.00 13.16 ? 97  PHE B CB  1 
ATOM   795  C CG  . PHE A 1 91  ? -8.666  8.136   7.025   1.00 12.72 ? 97  PHE B CG  1 
ATOM   796  C CD1 . PHE A 1 91  ? -7.816  7.713   6.022   1.00 13.09 ? 97  PHE B CD1 1 
ATOM   797  C CD2 . PHE A 1 91  ? -9.026  7.218   8.005   1.00 12.84 ? 97  PHE B CD2 1 
ATOM   798  C CE1 . PHE A 1 91  ? -7.290  6.444   6.013   1.00 12.29 ? 97  PHE B CE1 1 
ATOM   799  C CE2 . PHE A 1 91  ? -8.526  5.928   7.977   1.00 12.45 ? 97  PHE B CE2 1 
ATOM   800  C CZ  . PHE A 1 91  ? -7.645  5.545   6.994   1.00 11.60 ? 97  PHE B CZ  1 
ATOM   801  N N   A SER A 1 92  ? -9.469  10.588  4.087   0.25 14.33 ? 98  SER B N   1 
ATOM   802  N N   B SER A 1 92  ? -9.438  10.591  4.120   0.25 13.40 ? 98  SER B N   1 
ATOM   803  C CA  A SER A 1 92  ? -8.933  10.530  2.705   0.25 14.75 ? 98  SER B CA  1 
ATOM   804  C CA  B SER A 1 92  ? -8.902  10.606  2.737   0.25 13.21 ? 98  SER B CA  1 
ATOM   805  C C   A SER A 1 92  ? -7.450  10.167  2.746   0.25 13.53 ? 98  SER B C   1 
ATOM   806  C C   B SER A 1 92  ? -7.429  10.192  2.746   0.25 12.67 ? 98  SER B C   1 
ATOM   807  O O   A SER A 1 92  ? -6.759  10.524  3.734   0.25 13.22 ? 98  SER B O   1 
ATOM   808  O O   B SER A 1 92  ? -6.717  10.529  3.726   0.25 12.34 ? 98  SER B O   1 
ATOM   809  C CB  A SER A 1 92  ? -9.124  11.825  1.986   0.25 16.59 ? 98  SER B CB  1 
ATOM   810  C CB  B SER A 1 92  ? -9.074  11.968  2.121   0.25 13.72 ? 98  SER B CB  1 
ATOM   811  O OG  A SER A 1 92  ? -8.746  12.897  2.824   0.25 19.19 ? 98  SER B OG  1 
ATOM   812  O OG  B SER A 1 92  ? -10.459 12.261  1.975   0.25 13.85 ? 98  SER B OG  1 
ATOM   813  N N   . LEU A 1 93  ? -6.991  9.486   1.698   1.00 12.40 ? 99  LEU B N   1 
ATOM   814  C CA  . LEU A 1 93  ? -5.560  9.191   1.508   1.00 12.44 ? 99  LEU B CA  1 
ATOM   815  C C   . LEU A 1 93  ? -4.924  10.407  0.860   1.00 12.85 ? 99  LEU B C   1 
ATOM   816  O O   . LEU A 1 93  ? -5.140  10.687  -0.305  1.00 14.10 ? 99  LEU B O   1 
ATOM   817  C CB  . LEU A 1 93  ? -5.380  7.945   0.645   1.00 12.70 ? 99  LEU B CB  1 
ATOM   818  C CG  . LEU A 1 93  ? -5.979  6.658   1.194   1.00 14.02 ? 99  LEU B CG  1 
ATOM   819  C CD1 . LEU A 1 93  ? -5.803  5.566   0.146   1.00 15.09 ? 99  LEU B CD1 1 
ATOM   820  C CD2 . LEU A 1 93  ? -5.357  6.234   2.524   1.00 14.98 ? 99  LEU B CD2 1 
ATOM   821  N N   . SER A 1 94  ? -4.078  11.139  1.597   1.00 11.23 ? 100 SER B N   1 
ATOM   822  C CA  . SER A 1 94  ? -3.411  12.356  1.098   1.00 11.43 ? 100 SER B CA  1 
ATOM   823  C C   . SER A 1 94  ? -2.134  12.526  1.891   1.00 10.52 ? 100 SER B C   1 
ATOM   824  O O   . SER A 1 94  ? -2.076  12.095  3.043   1.00 10.27 ? 100 SER B O   1 
ATOM   825  C CB  . SER A 1 94  ? -4.230  13.599  1.269   1.00 12.29 ? 100 SER B CB  1 
ATOM   826  O OG  . SER A 1 94  ? -4.510  13.853  2.648   1.00 15.40 ? 100 SER B OG  1 
ATOM   827  N N   . PRO A 1 95  ? -1.163  13.248  1.342   1.00 10.01 ? 101 PRO B N   1 
ATOM   828  C CA  . PRO A 1 95  ? 0.037   13.569  2.117   1.00 10.65 ? 101 PRO B CA  1 
ATOM   829  C C   . PRO A 1 95  ? -0.282  14.398  3.370   1.00 11.10 ? 101 PRO B C   1 
ATOM   830  O O   . PRO A 1 95  ? 0.380   14.140  4.415   1.00 11.06 ? 101 PRO B O   1 
ATOM   831  C CB  . PRO A 1 95  ? 0.922   14.335  1.108   1.00 11.21 ? 101 PRO B CB  1 
ATOM   832  C CG  . PRO A 1 95  ? 0.469   13.771  -0.250  1.00 11.31 ? 101 PRO B CG  1 
ATOM   833  C CD  . PRO A 1 95  ? -1.026  13.597  -0.079  1.00 11.10 ? 101 PRO B CD  1 
ATOM   834  N N   . GLU A 1 96  ? -1.292  15.268  3.316   1.00 11.64 ? 102 GLU B N   1 
ATOM   835  C CA  . GLU A 1 96  ? -1.697  16.051  4.525   1.00 14.30 ? 102 GLU B CA  1 
ATOM   836  C C   . GLU A 1 96  ? -2.076  15.090  5.658   1.00 13.75 ? 102 GLU B C   1 
ATOM   837  O O   . GLU A 1 96  ? -1.889  15.391  6.867   1.00 15.41 ? 102 GLU B O   1 
ATOM   838  C CB  . GLU A 1 96  ? -2.849  16.990  4.176   1.00 18.94 ? 102 GLU B CB  1 
ATOM   839  C CG  . GLU A 1 96  ? -2.500  17.927  3.041   1.00 27.40 ? 102 GLU B CG  1 
ATOM   840  C CD  . GLU A 1 96  ? -3.016  17.509  1.668   1.00 34.25 ? 102 GLU B CD  1 
ATOM   841  O OE1 . GLU A 1 96  ? -2.360  16.656  0.965   1.00 23.20 ? 102 GLU B OE1 1 
ATOM   842  O OE2 . GLU A 1 96  ? -4.086  18.077  1.288   1.00 43.16 ? 102 GLU B OE2 1 
ATOM   843  N N   . ASN A 1 97  ? -2.708  13.951  5.345   1.00 11.61 ? 103 ASN B N   1 
ATOM   844  C CA  . ASN A 1 97  ? -3.119  12.956  6.362   1.00 11.39 ? 103 ASN B CA  1 
ATOM   845  C C   . ASN A 1 97  ? -2.026  11.904  6.601   1.00 10.91 ? 103 ASN B C   1 
ATOM   846  O O   . ASN A 1 97  ? -2.255  10.991  7.385   1.00 12.10 ? 103 ASN B O   1 
ATOM   847  C CB  . ASN A 1 97  ? -4.433  12.280  5.938   1.00 12.16 ? 103 ASN B CB  1 
ATOM   848  C CG  . ASN A 1 97  ? -5.635  13.157  6.121   1.00 13.77 ? 103 ASN B CG  1 
ATOM   849  O OD1 . ASN A 1 97  ? -5.600  14.190  6.823   1.00 15.48 ? 103 ASN B OD1 1 
ATOM   850  N ND2 . ASN A 1 97  ? -6.695  12.832  5.403   1.00 14.42 ? 103 ASN B ND2 1 
ATOM   851  N N   . GLY A 1 98  ? -0.840  12.001  5.978   1.00 9.48  ? 104 GLY B N   1 
ATOM   852  C CA  . GLY A 1 98  ? 0.271   11.079  6.244   1.00 8.67  ? 104 GLY B CA  1 
ATOM   853  C C   . GLY A 1 98  ? 0.339   9.885   5.326   1.00 8.20  ? 104 GLY B C   1 
ATOM   854  O O   . GLY A 1 98  ? 0.945   8.912   5.685   1.00 8.40  ? 104 GLY B O   1 
ATOM   855  N N   . PHE A 1 99  ? -0.221  9.987   4.110   1.00 8.54  ? 105 PHE B N   1 
ATOM   856  C CA  . PHE A 1 99  ? -0.201  8.858   3.141   1.00 7.79  ? 105 PHE B CA  1 
ATOM   857  C C   . PHE A 1 99  ? 0.434   9.270   1.814   1.00 7.35  ? 105 PHE B C   1 
ATOM   858  O O   . PHE A 1 99  ? 0.043   10.340  1.294   1.00 8.92  ? 105 PHE B O   1 
ATOM   859  C CB  . PHE A 1 99  ? -1.615  8.350   2.848   1.00 8.62  ? 105 PHE B CB  1 
ATOM   860  C CG  . PHE A 1 99  ? -2.366  7.812   4.049   1.00 8.09  ? 105 PHE B CG  1 
ATOM   861  C CD1 . PHE A 1 99  ? -3.144  8.646   4.823   1.00 8.45  ? 105 PHE B CD1 1 
ATOM   862  C CD2 . PHE A 1 99  ? -2.323  6.471   4.378   1.00 8.15  ? 105 PHE B CD2 1 
ATOM   863  C CE1 . PHE A 1 99  ? -3.830  8.172   5.928   1.00 9.29  ? 105 PHE B CE1 1 
ATOM   864  C CE2 . PHE A 1 99  ? -3.020  5.990   5.470   1.00 9.14  ? 105 PHE B CE2 1 
ATOM   865  C CZ  . PHE A 1 99  ? -3.782  6.838   6.220   1.00 8.75  ? 105 PHE B CZ  1 
ATOM   866  N N   . TRP A 1 100 ? 1.235   8.383   1.250   1.00 7.34  ? 106 TRP B N   1 
ATOM   867  C CA  . TRP A 1 100 ? 1.833   8.537   -0.111  1.00 7.32  ? 106 TRP B CA  1 
ATOM   868  C C   . TRP A 1 100 ? 1.482   7.291   -0.916  1.00 6.61  ? 106 TRP B C   1 
ATOM   869  O O   . TRP A 1 100 ? 2.142   6.245   -0.705  1.00 7.67  ? 106 TRP B O   1 
ATOM   870  C CB  . TRP A 1 100 ? 3.350   8.850   -0.051  1.00 7.66  ? 106 TRP B CB  1 
ATOM   871  C CG  . TRP A 1 100 ? 3.617   10.151  0.661   1.00 8.17  ? 106 TRP B CG  1 
ATOM   872  C CD1 . TRP A 1 100 ? 3.757   11.399  0.118   1.00 8.69  ? 106 TRP B CD1 1 
ATOM   873  C CD2 . TRP A 1 100 ? 3.749   10.331  2.095   1.00 8.01  ? 106 TRP B CD2 1 
ATOM   874  N NE1 . TRP A 1 100 ? 3.919   12.340  1.127   1.00 8.73  ? 106 TRP B NE1 1 
ATOM   875  C CE2 . TRP A 1 100 ? 3.890   11.708  2.337   1.00 8.90  ? 106 TRP B CE2 1 
ATOM   876  C CE3 . TRP A 1 100 ? 3.698   9.447   3.164   1.00 8.94  ? 106 TRP B CE3 1 
ATOM   877  C CZ2 . TRP A 1 100 ? 4.015   12.222  3.644   1.00 9.56  ? 106 TRP B CZ2 1 
ATOM   878  C CZ3 . TRP A 1 100 ? 3.820   9.974   4.430   1.00 9.75  ? 106 TRP B CZ3 1 
ATOM   879  C CH2 . TRP A 1 100 ? 3.934   11.326  4.670   1.00 9.36  ? 106 TRP B CH2 1 
ATOM   880  N N   . THR A 1 101 ? 0.391   7.364   -1.700  1.00 7.70  ? 107 THR B N   1 
ATOM   881  C CA  . THR A 1 101 ? -0.257  6.146   -2.237  1.00 7.06  ? 107 THR B CA  1 
ATOM   882  C C   . THR A 1 101 ? -0.719  6.380   -3.682  1.00 6.99  ? 107 THR B C   1 
ATOM   883  O O   . THR A 1 101 ? -0.894  7.521   -4.106  1.00 7.19  ? 107 THR B O   1 
ATOM   884  C CB  . THR A 1 101 ? -1.496  5.741   -1.426  1.00 8.04  ? 107 THR B CB  1 
ATOM   885  O OG1 . THR A 1 101 ? -2.461  6.783   -1.472  1.00 8.35  ? 107 THR B OG1 1 
ATOM   886  C CG2 . THR A 1 101 ? -1.117  5.426   0.007   1.00 8.55  ? 107 THR B CG2 1 
ATOM   887  N N   . ILE A 1 102 ? -0.895  5.245   -4.363  1.00 7.69  ? 108 ILE B N   1 
ATOM   888  C CA  . ILE A 1 102 ? -1.669  5.208   -5.647  1.00 7.48  ? 108 ILE B CA  1 
ATOM   889  C C   . ILE A 1 102 ? -2.758  4.145   -5.477  1.00 7.85  ? 108 ILE B C   1 
ATOM   890  O O   . ILE A 1 102 ? -2.690  3.306   -4.542  1.00 7.90  ? 108 ILE B O   1 
ATOM   891  C CB  . ILE A 1 102 ? -0.772  4.914   -6.859  1.00 8.03  ? 108 ILE B CB  1 
ATOM   892  C CG1 . ILE A 1 102 ? -0.222  3.488   -6.848  1.00 8.91  ? 108 ILE B CG1 1 
ATOM   893  C CG2 . ILE A 1 102 ? 0.363   5.916   -6.946  1.00 8.14  ? 108 ILE B CG2 1 
ATOM   894  C CD1 . ILE A 1 102 ? 0.481   3.043   -8.112  1.00 8.84  ? 108 ILE B CD1 1 
ATOM   895  N N   . TRP A 1 103 ? -3.695  4.176   -6.405  1.00 8.11  ? 109 TRP B N   1 
ATOM   896  C CA  . TRP A 1 103 ? -4.802  3.208   -6.366  1.00 8.82  ? 109 TRP B CA  1 
ATOM   897  C C   . TRP A 1 103 ? -5.375  2.910   -7.730  1.00 9.04  ? 109 TRP B C   1 
ATOM   898  O O   . TRP A 1 103 ? -5.183  3.651   -8.686  1.00 8.82  ? 109 TRP B O   1 
ATOM   899  C CB  . TRP A 1 103 ? -5.871  3.661   -5.427  1.00 11.16 ? 109 TRP B CB  1 
ATOM   900  C CG  . TRP A 1 103 ? -6.606  4.883   -5.808  1.00 12.87 ? 109 TRP B CG  1 
ATOM   901  C CD1 . TRP A 1 103 ? -7.516  5.051   -6.811  1.00 13.48 ? 109 TRP B CD1 1 
ATOM   902  C CD2 . TRP A 1 103 ? -6.535  6.093   -5.079  1.00 14.77 ? 109 TRP B CD2 1 
ATOM   903  N NE1 . TRP A 1 103 ? -8.061  6.291   -6.714  1.00 15.28 ? 109 TRP B NE1 1 
ATOM   904  C CE2 . TRP A 1 103 ? -7.477  6.956   -5.671  1.00 14.71 ? 109 TRP B CE2 1 
ATOM   905  C CE3 . TRP A 1 103 ? -5.829  6.477   -3.941  1.00 15.87 ? 109 TRP B CE3 1 
ATOM   906  C CZ2 . TRP A 1 103 ? -7.673  8.241   -5.179  1.00 16.92 ? 109 TRP B CZ2 1 
ATOM   907  C CZ3 . TRP A 1 103 ? -6.043  7.734   -3.453  1.00 17.38 ? 109 TRP B CZ3 1 
ATOM   908  C CH2 . TRP A 1 103 ? -6.957  8.585   -4.051  1.00 16.26 ? 109 TRP B CH2 1 
ATOM   909  N N   . LEU A 1 104 ? -6.068  1.754   -7.778  1.00 9.20  ? 110 LEU B N   1 
ATOM   910  C CA  . LEU A 1 104 ? -6.977  1.378   -8.865  1.00 9.27  ? 110 LEU B CA  1 
ATOM   911  C C   . LEU A 1 104 ? -8.395  1.447   -8.340  1.00 8.71  ? 110 LEU B C   1 
ATOM   912  O O   . LEU A 1 104 ? -8.667  0.910   -7.264  1.00 9.33  ? 110 LEU B O   1 
ATOM   913  C CB  . LEU A 1 104 ? -6.648  -0.031  -9.325  1.00 9.65  ? 110 LEU B CB  1 
ATOM   914  C CG  . LEU A 1 104 ? -7.642  -0.652  -10.312 1.00 9.70  ? 110 LEU B CG  1 
ATOM   915  C CD1 . LEU A 1 104 ? -7.699  0.106   -11.623 1.00 11.04 ? 110 LEU B CD1 1 
ATOM   916  C CD2 . LEU A 1 104 ? -7.340  -2.114  -10.527 1.00 11.15 ? 110 LEU B CD2 1 
ATOM   917  N N   . TRP A 1 105 ? -9.275  2.044   -9.139  1.00 9.75  ? 111 TRP B N   1 
ATOM   918  C CA  . TRP A 1 105 ? -10.699 2.147   -8.798  1.00 10.60 ? 111 TRP B CA  1 
ATOM   919  C C   . TRP A 1 105 ? -11.500 2.353   -10.076 1.00 12.16 ? 111 TRP B C   1 
ATOM   920  O O   . TRP A 1 105 ? -11.182 3.296   -10.826 1.00 11.75 ? 111 TRP B O   1 
ATOM   921  C CB  . TRP A 1 105 ? -10.894 3.313   -7.847  1.00 12.99 ? 111 TRP B CB  1 
ATOM   922  C CG  . TRP A 1 105 ? -12.297 3.655   -7.587  1.00 15.13 ? 111 TRP B CG  1 
ATOM   923  C CD1 . TRP A 1 105 ? -13.005 4.760   -7.985  1.00 17.32 ? 111 TRP B CD1 1 
ATOM   924  C CD2 . TRP A 1 105 ? -13.182 2.849   -6.808  1.00 15.92 ? 111 TRP B CD2 1 
ATOM   925  N NE1 . TRP A 1 105 ? -14.259 4.697   -7.475  1.00 16.83 ? 111 TRP B NE1 1 
ATOM   926  C CE2 . TRP A 1 105 ? -14.405 3.545   -6.752  1.00 16.10 ? 111 TRP B CE2 1 
ATOM   927  C CE3 . TRP A 1 105 ? -13.048 1.659   -6.096  1.00 16.00 ? 111 TRP B CE3 1 
ATOM   928  C CZ2 . TRP A 1 105 ? -15.498 3.062   -6.047  1.00 19.08 ? 111 TRP B CZ2 1 
ATOM   929  C CZ3 . TRP A 1 105 ? -14.152 1.146   -5.449  1.00 18.52 ? 111 TRP B CZ3 1 
ATOM   930  C CH2 . TRP A 1 105 ? -15.362 1.839   -5.424  1.00 19.22 ? 111 TRP B CH2 1 
ATOM   931  N N   . GLN A 1 106 ? -12.497 1.496   -10.340 1.00 11.27 ? 112 GLN B N   1 
ATOM   932  C CA  . GLN A 1 106 ? -13.384 1.681   -11.512 1.00 12.16 ? 112 GLN B CA  1 
ATOM   933  C C   . GLN A 1 106 ? -12.560 1.868   -12.761 1.00 13.02 ? 112 GLN B C   1 
ATOM   934  O O   . GLN A 1 106 ? -12.910 2.806   -13.569 1.00 14.90 ? 112 GLN B O   1 
ATOM   935  C CB  . GLN A 1 106 ? -14.378 2.797   -11.218 1.00 13.03 ? 112 GLN B CB  1 
ATOM   936  C CG  . GLN A 1 106 ? -15.226 2.499   -9.998  1.00 14.05 ? 112 GLN B CG  1 
ATOM   937  C CD  . GLN A 1 106 ? -16.407 3.415   -9.808  1.00 16.28 ? 112 GLN B CD  1 
ATOM   938  O OE1 . GLN A 1 106 ? -17.361 3.117   -9.062  1.00 20.53 ? 112 GLN B OE1 1 
ATOM   939  N NE2 . GLN A 1 106 ? -16.379 4.519   -10.526 1.00 15.24 ? 112 GLN B NE2 1 
ATOM   940  N N   . ASP A 1 107 ? -11.619 0.990   -13.000 1.00 14.11 ? 113 ASP B N   1 
ATOM   941  C CA  . ASP A 1 107 ? -10.886 0.875   -14.273 1.00 18.61 ? 113 ASP B CA  1 
ATOM   942  C C   . ASP A 1 107 ? -10.003 2.107   -14.537 1.00 18.43 ? 113 ASP B C   1 
ATOM   943  O O   . ASP A 1 107 ? -9.419  2.142   -15.674 1.00 23.80 ? 113 ASP B O   1 
ATOM   944  C CB  . ASP A 1 107 ? -11.917 0.737   -15.409 1.00 22.43 ? 113 ASP B CB  1 
ATOM   945  C CG  . ASP A 1 107 ? -11.429 0.018   -16.634 1.00 30.58 ? 113 ASP B CG  1 
ATOM   946  O OD1 . ASP A 1 107 ? -10.518 -0.817  -16.525 1.00 33.73 ? 113 ASP B OD1 1 
ATOM   947  O OD2 . ASP A 1 107 ? -12.027 0.273   -17.709 1.00 46.65 ? 113 ASP B OD2 1 
ATOM   948  N N   . SER A 1 108 ? -9.767  2.972   -13.531 1.00 14.47 ? 114 SER B N   1 
ATOM   949  C CA  . SER A 1 108 ? -8.733  4.047   -13.631 1.00 15.81 ? 114 SER B CA  1 
ATOM   950  C C   . SER A 1 108 ? -7.732  3.981   -12.472 1.00 14.05 ? 114 SER B C   1 
ATOM   951  O O   . SER A 1 108 ? -8.079  3.581   -11.330 1.00 12.41 ? 114 SER B O   1 
ATOM   952  C CB  . SER A 1 108 ? -9.392  5.374   -13.841 1.00 19.33 ? 114 SER B CB  1 
ATOM   953  O OG  . SER A 1 108 ? -10.040 5.855   -12.707 1.00 28.19 ? 114 SER B OG  1 
ATOM   954  N N   . TYR A 1 109 ? -6.531  4.453   -12.746 1.00 11.52 ? 115 TYR B N   1 
ATOM   955  C CA  . TYR A 1 109 ? -5.451  4.539   -11.743 1.00 10.93 ? 115 TYR B CA  1 
ATOM   956  C C   . TYR A 1 109 ? -5.248  5.996   -11.388 1.00 10.13 ? 115 TYR B C   1 
ATOM   957  O O   . TYR A 1 109 ? -5.249  6.867   -12.276 1.00 10.38 ? 115 TYR B O   1 
ATOM   958  C CB  . TYR A 1 109 ? -4.175  3.939   -12.302 1.00 10.14 ? 115 TYR B CB  1 
ATOM   959  C CG  . TYR A 1 109 ? -4.266  2.469   -12.677 1.00 11.08 ? 115 TYR B CG  1 
ATOM   960  C CD1 . TYR A 1 109 ? -4.661  2.041   -13.934 1.00 10.77 ? 115 TYR B CD1 1 
ATOM   961  C CD2 . TYR A 1 109 ? -3.921  1.492   -11.766 1.00 9.81  ? 115 TYR B CD2 1 
ATOM   962  C CE1 . TYR A 1 109 ? -4.714  0.685   -14.279 1.00 11.43 ? 115 TYR B CE1 1 
ATOM   963  C CE2 . TYR A 1 109 ? -3.981  0.142   -12.087 1.00 10.64 ? 115 TYR B CE2 1 
ATOM   964  C CZ  . TYR A 1 109 ? -4.370  -0.263  -13.345 1.00 11.44 ? 115 TYR B CZ  1 
ATOM   965  O OH  . TYR A 1 109 ? -4.508  -1.592  -13.683 1.00 11.89 ? 115 TYR B OH  1 
ATOM   966  N N   A GLU A 1 110 ? -5.087  6.287   -10.097 0.25 9.97  ? 116 GLU B N   1 
ATOM   967  N N   B GLU A 1 110 ? -5.127  6.282   -10.088 0.25 9.94  ? 116 GLU B N   1 
ATOM   968  C CA  A GLU A 1 110 ? -4.902  7.682   -9.605  0.25 10.30 ? 116 GLU B CA  1 
ATOM   969  C CA  B GLU A 1 110 ? -4.948  7.660   -9.540  0.25 10.24 ? 116 GLU B CA  1 
ATOM   970  C C   A GLU A 1 110 ? -3.886  7.722   -8.461  0.25 9.58  ? 116 GLU B C   1 
ATOM   971  C C   B GLU A 1 110 ? -3.799  7.672   -8.523  0.25 9.48  ? 116 GLU B C   1 
ATOM   972  O O   A GLU A 1 110 ? -3.830  6.785   -7.671  0.25 9.28  ? 116 GLU B O   1 
ATOM   973  O O   B GLU A 1 110 ? -3.518  6.634   -7.914  0.25 9.01  ? 116 GLU B O   1 
ATOM   974  C CB  A GLU A 1 110 ? -6.228  8.285   -9.157  0.25 11.47 ? 116 GLU B CB  1 
ATOM   975  C CB  B GLU A 1 110 ? -6.233  8.169   -8.884  0.25 11.40 ? 116 GLU B CB  1 
ATOM   976  C CG  A GLU A 1 110 ? -7.280  8.323   -10.260 0.25 12.82 ? 116 GLU B CG  1 
ATOM   977  C CG  B GLU A 1 110 ? -7.428  8.266   -9.831  0.25 13.01 ? 116 GLU B CG  1 
ATOM   978  C CD  A GLU A 1 110 ? -8.627  8.828   -9.787  0.25 14.29 ? 116 GLU B CD  1 
ATOM   979  C CD  B GLU A 1 110 ? -7.504  9.546   -10.655 0.25 14.24 ? 116 GLU B CD  1 
ATOM   980  O OE1 A GLU A 1 110 ? -9.034  8.429   -8.679  0.25 16.45 ? 116 GLU B OE1 1 
ATOM   981  O OE1 B GLU A 1 110 ? -6.972  10.584  -10.210 0.25 16.83 ? 116 GLU B OE1 1 
ATOM   982  O OE2 A GLU A 1 110 ? -9.264  9.621   -10.526 0.25 14.49 ? 116 GLU B OE2 1 
ATOM   983  O OE2 B GLU A 1 110 ? -8.132  9.513   -11.718 0.25 18.53 ? 116 GLU B OE2 1 
ATOM   984  N N   . ALA A 1 111 ? -3.137  8.827   -8.375  1.00 9.41  ? 117 ALA B N   1 
ATOM   985  C CA  . ALA A 1 111 ? -2.255  9.094   -7.231  1.00 9.13  ? 117 ALA B CA  1 
ATOM   986  C C   . ALA A 1 111 ? -3.055  9.806   -6.142  1.00 9.49  ? 117 ALA B C   1 
ATOM   987  O O   . ALA A 1 111 ? -3.865  10.727  -6.450  1.00 9.34  ? 117 ALA B O   1 
ATOM   988  C CB  . ALA A 1 111 ? -1.039  9.907   -7.651  1.00 9.46  ? 117 ALA B CB  1 
ATOM   989  N N   . GLY A 1 112 ? -2.812  9.424   -4.885  1.00 8.95  ? 118 GLY B N   1 
ATOM   990  C CA  . GLY A 1 112 ? -3.477  9.998   -3.708  1.00 10.05 ? 118 GLY B CA  1 
ATOM   991  C C   . GLY A 1 112 ? -2.947  11.356  -3.314  1.00 11.29 ? 118 GLY B C   1 
ATOM   992  O O   . GLY A 1 112 ? -2.547  11.546  -2.195  1.00 11.93 ? 118 GLY B O   1 
ATOM   993  N N   . THR A 1 113 ? -2.890  12.310  -4.233  1.00 12.29 ? 119 THR B N   1 
ATOM   994  C CA  . THR A 1 113 ? -2.747  13.742  -3.919  1.00 13.05 ? 119 THR B CA  1 
ATOM   995  C C   . THR A 1 113 ? -4.101  14.333  -3.509  1.00 13.55 ? 119 THR B C   1 
ATOM   996  O O   . THR A 1 113 ? -5.130  13.675  -3.685  1.00 16.19 ? 119 THR B O   1 
ATOM   997  C CB  . THR A 1 113 ? -2.133  14.411  -5.135  1.00 11.73 ? 119 THR B CB  1 
ATOM   998  O OG1 . THR A 1 113 ? -2.961  14.100  -6.267  1.00 11.57 ? 119 THR B OG1 1 
ATOM   999  C CG2 . THR A 1 113 ? -0.731  13.994  -5.409  1.00 12.40 ? 119 THR B CG2 1 
ATOM   1000 N N   . SER A 1 114 ? -4.131  15.595  -3.064  1.00 17.21 ? 120 SER B N   1 
ATOM   1001 C CA  . SER A 1 114 ? -5.394  16.285  -2.759  1.00 21.50 ? 120 SER B CA  1 
ATOM   1002 C C   . SER A 1 114 ? -5.498  17.554  -3.607  1.00 21.53 ? 120 SER B C   1 
ATOM   1003 O O   . SER A 1 114 ? -4.736  18.500  -3.407  1.00 22.58 ? 120 SER B O   1 
ATOM   1004 C CB  . SER A 1 114 ? -5.503  16.592  -1.267  1.00 27.09 ? 120 SER B CB  1 
ATOM   1005 O OG  . SER A 1 114 ? -6.818  17.064  -0.989  1.00 28.38 ? 120 SER B OG  1 
ATOM   1006 N N   . PRO A 1 115 ? -6.348  17.582  -4.653  1.00 19.91 ? 121 PRO B N   1 
ATOM   1007 C CA  . PRO A 1 115 ? -7.175  16.453  -5.072  1.00 18.93 ? 121 PRO B CA  1 
ATOM   1008 C C   . PRO A 1 115 ? -6.375  15.384  -5.841  1.00 16.27 ? 121 PRO B C   1 
ATOM   1009 O O   . PRO A 1 115 ? -5.224  15.639  -6.191  1.00 15.11 ? 121 PRO B O   1 
ATOM   1010 C CB  . PRO A 1 115 ? -8.210  17.114  -5.974  1.00 21.40 ? 121 PRO B CB  1 
ATOM   1011 C CG  . PRO A 1 115 ? -7.434  18.217  -6.636  1.00 21.74 ? 121 PRO B CG  1 
ATOM   1012 C CD  . PRO A 1 115 ? -6.482  18.741  -5.570  1.00 20.60 ? 121 PRO B CD  1 
ATOM   1013 N N   . GLN A 1 116 ? -6.979  14.228  -6.096  1.00 15.53 ? 122 GLN B N   1 
ATOM   1014 C CA  . GLN A 1 116 ? -6.293  13.081  -6.734  1.00 15.06 ? 122 GLN B CA  1 
ATOM   1015 C C   . GLN A 1 116 ? -5.825  13.445  -8.157  1.00 12.83 ? 122 GLN B C   1 
ATOM   1016 O O   . GLN A 1 116 ? -6.442  14.299  -8.812  1.00 13.26 ? 122 GLN B O   1 
ATOM   1017 C CB  . GLN A 1 116 ? -7.123  11.793  -6.697  1.00 19.50 ? 122 GLN B CB  1 
ATOM   1018 C CG  . GLN A 1 116 ? -8.307  11.747  -7.646  1.00 26.00 ? 122 GLN B CG  1 
ATOM   1019 C CD  . GLN A 1 116 ? -9.600  12.197  -7.006  1.00 34.56 ? 122 GLN B CD  1 
ATOM   1020 O OE1 . GLN A 1 116 ? -9.640  13.036  -6.099  1.00 38.59 ? 122 GLN B OE1 1 
ATOM   1021 N NE2 . GLN A 1 116 ? -10.692 11.645  -7.512  1.00 42.19 ? 122 GLN B NE2 1 
ATOM   1022 N N   . THR A 1 117 ? -4.773  12.775  -8.583  1.00 10.70 ? 123 THR B N   1 
ATOM   1023 C CA  . THR A 1 117 ? -4.103  12.983  -9.879  1.00 10.26 ? 123 THR B CA  1 
ATOM   1024 C C   . THR A 1 117 ? -4.279  11.764  -10.782 1.00 9.96  ? 123 THR B C   1 
ATOM   1025 O O   . THR A 1 117 ? -3.928  10.645  -10.398 1.00 10.79 ? 123 THR B O   1 
ATOM   1026 C CB  . THR A 1 117 ? -2.628  13.309  -9.683  1.00 9.57  ? 123 THR B CB  1 
ATOM   1027 O OG1 . THR A 1 117 ? -2.538  14.477  -8.866  1.00 10.27 ? 123 THR B OG1 1 
ATOM   1028 C CG2 . THR A 1 117 ? -1.928  13.508  -11.002 1.00 10.64 ? 123 THR B CG2 1 
ATOM   1029 N N   . THR A 1 118 ? -4.807  11.973  -11.988 1.00 10.31 ? 124 THR B N   1 
ATOM   1030 C CA  . THR A 1 118 ? -4.917  10.929  -13.019 1.00 10.94 ? 124 THR B CA  1 
ATOM   1031 C C   . THR A 1 118 ? -3.554  10.360  -13.395 1.00 9.96  ? 124 THR B C   1 
ATOM   1032 O O   . THR A 1 118 ? -2.592  11.147  -13.676 1.00 12.71 ? 124 THR B O   1 
ATOM   1033 C CB  . THR A 1 118 ? -5.566  11.545  -14.259 1.00 13.21 ? 124 THR B CB  1 
ATOM   1034 O OG1 . THR A 1 118 ? -6.871  11.915  -13.843 1.00 16.54 ? 124 THR B OG1 1 
ATOM   1035 C CG2 . THR A 1 118 ? -5.520  10.622  -15.458 1.00 15.35 ? 124 THR B CG2 1 
ATOM   1036 N N   . LEU A 1 119 ? -3.401  9.046   -13.405 1.00 9.53  ? 125 LEU B N   1 
ATOM   1037 C CA  . LEU A 1 119 ? -2.199  8.339   -13.862 1.00 9.48  ? 125 LEU B CA  1 
ATOM   1038 C C   . LEU A 1 119 ? -2.426  7.883   -15.312 1.00 11.35 ? 125 LEU B C   1 
ATOM   1039 O O   . LEU A 1 119 ? -3.608  7.740   -15.741 1.00 14.29 ? 125 LEU B O   1 
ATOM   1040 C CB  . LEU A 1 119 ? -1.868  7.128   -12.975 1.00 9.99  ? 125 LEU B CB  1 
ATOM   1041 C CG  . LEU A 1 119 ? -1.635  7.527   -11.523 1.00 9.31  ? 125 LEU B CG  1 
ATOM   1042 C CD1 . LEU A 1 119 ? -1.429  6.312   -10.667 1.00 9.22  ? 125 LEU B CD1 1 
ATOM   1043 C CD2 . LEU A 1 119 ? -0.416  8.421   -11.360 1.00 10.57 ? 125 LEU B CD2 1 
ATOM   1044 N N   . HIS A 1 120 ? -1.349  7.720   -16.044 1.00 11.38 ? 126 HIS B N   1 
ATOM   1045 C CA  . HIS A 1 120 ? -1.371  7.358   -17.491 1.00 11.66 ? 126 HIS B CA  1 
ATOM   1046 C C   . HIS A 1 120 ? -0.672  6.020   -17.639 1.00 12.66 ? 126 HIS B C   1 
ATOM   1047 O O   . HIS A 1 120 ? 0.593   5.937   -17.690 1.00 16.75 ? 126 HIS B O   1 
ATOM   1048 C CB  . HIS A 1 120 ? -0.682  8.458   -18.310 1.00 11.87 ? 126 HIS B CB  1 
ATOM   1049 C CG  . HIS A 1 120 ? -1.319  9.795   -18.174 1.00 12.87 ? 126 HIS B CG  1 
ATOM   1050 N ND1 . HIS A 1 120 ? -0.842  10.764  -17.312 1.00 14.67 ? 126 HIS B ND1 1 
ATOM   1051 C CD2 . HIS A 1 120 ? -2.402  10.318  -18.757 1.00 14.77 ? 126 HIS B CD2 1 
ATOM   1052 C CE1 . HIS A 1 120 ? -1.618  11.826  -17.415 1.00 15.10 ? 126 HIS B CE1 1 
ATOM   1053 N NE2 . HIS A 1 120 ? -2.584  11.588  -18.292 1.00 14.86 ? 126 HIS B NE2 1 
ATOM   1054 N N   . ILE A 1 121 ? -1.436  4.951   -17.649 1.00 15.05 ? 127 ILE B N   1 
ATOM   1055 C CA  . ILE A 1 121 ? -0.888  3.570   -17.676 1.00 17.58 ? 127 ILE B CA  1 
ATOM   1056 C C   . ILE A 1 121 ? -1.474  2.872   -18.929 1.00 16.83 ? 127 ILE B C   1 
ATOM   1057 O O   . ILE A 1 121 ? -2.684  2.747   -19.039 1.00 22.96 ? 127 ILE B O   1 
ATOM   1058 C CB  . ILE A 1 121 ? -1.229  2.842   -16.357 1.00 19.51 ? 127 ILE B CB  1 
ATOM   1059 C CG1 . ILE A 1 121 ? -0.572  3.554   -15.152 1.00 17.78 ? 127 ILE B CG1 1 
ATOM   1060 C CG2 . ILE A 1 121 ? -0.850  1.370   -16.499 1.00 23.16 ? 127 ILE B CG2 1 
ATOM   1061 C CD1 . ILE A 1 121 ? -0.773  2.898   -13.787 1.00 18.67 ? 127 ILE B CD1 1 
ATOM   1062 N N   . GLN A 1 122 ? -0.614  2.503   -19.852 1.00 20.94 ? 128 GLN B N   1 
ATOM   1063 C CA  . GLN A 1 122 ? -1.017  1.829   -21.119 1.00 21.73 ? 128 GLN B CA  1 
ATOM   1064 C C   . GLN A 1 122 ? -1.117  0.318   -20.884 1.00 21.08 ? 128 GLN B C   1 
ATOM   1065 O O   . GLN A 1 122 ? -2.027  -0.313  -21.491 1.00 21.41 ? 128 GLN B O   1 
ATOM   1066 C CB  . GLN A 1 122 ? 0.022   2.162   -22.193 1.00 24.32 ? 128 GLN B CB  1 
ATOM   1067 C CG  . GLN A 1 122 ? -0.217  1.459   -23.532 1.00 31.69 ? 128 GLN B CG  1 
ATOM   1068 C CD  . GLN A 1 122 ? -1.505  1.860   -24.224 1.00 35.17 ? 128 GLN B CD  1 
ATOM   1069 O OE1 . GLN A 1 122 ? -2.021  2.960   -24.043 1.00 41.05 ? 128 GLN B OE1 1 
ATOM   1070 N NE2 . GLN A 1 122 ? -2.038  0.961   -25.044 1.00 36.94 ? 128 GLN B NE2 1 
ATOM   1071 N N   . VAL A 1 123 ? -0.284  -0.223  -19.998 1.00 17.63 ? 129 VAL B N   1 
ATOM   1072 C CA  . VAL A 1 123 ? -0.209  -1.694  -19.697 1.00 16.31 ? 129 VAL B CA  1 
ATOM   1073 C C   . VAL A 1 123 ? -0.661  -1.937  -18.261 1.00 16.79 ? 129 VAL B C   1 
ATOM   1074 O O   . VAL A 1 123 ? 0.107   -1.611  -17.355 1.00 15.21 ? 129 VAL B O   1 
ATOM   1075 C CB  . VAL A 1 123 ? 1.211   -2.232  -19.882 1.00 18.61 ? 129 VAL B CB  1 
ATOM   1076 C CG1 . VAL A 1 123 ? 1.351   -3.724  -19.513 1.00 17.88 ? 129 VAL B CG1 1 
ATOM   1077 C CG2 . VAL A 1 123 ? 1.699   -2.029  -21.311 1.00 20.87 ? 129 VAL B CG2 1 
ATOM   1078 N N   . PRO A 1 124 ? -1.917  -2.358  -18.010 1.00 15.42 ? 130 PRO B N   1 
ATOM   1079 C CA  . PRO A 1 124 ? -2.388  -2.558  -16.637 1.00 15.68 ? 130 PRO B CA  1 
ATOM   1080 C C   . PRO A 1 124 ? -1.396  -3.410  -15.876 1.00 14.74 ? 130 PRO B C   1 
ATOM   1081 O O   . PRO A 1 124 ? -1.013  -4.495  -16.285 1.00 14.95 ? 130 PRO B O   1 
ATOM   1082 C CB  . PRO A 1 124 ? -3.742  -3.274  -16.846 1.00 18.08 ? 130 PRO B CB  1 
ATOM   1083 C CG  . PRO A 1 124 ? -4.221  -2.698  -18.178 1.00 18.69 ? 130 PRO B CG  1 
ATOM   1084 C CD  . PRO A 1 124 ? -2.993  -2.586  -19.014 1.00 17.48 ? 130 PRO B CD  1 
ATOM   1085 N N   . PRO A 1 125 ? -0.860  -2.938  -14.735 1.00 13.36 ? 131 PRO B N   1 
ATOM   1086 C CA  . PRO A 1 125 ? 0.143   -3.685  -14.006 1.00 13.03 ? 131 PRO B CA  1 
ATOM   1087 C C   . PRO A 1 125 ? -0.398  -4.906  -13.256 1.00 11.61 ? 131 PRO B C   1 
ATOM   1088 O O   . PRO A 1 125 ? -1.477  -4.822  -12.682 1.00 13.40 ? 131 PRO B O   1 
ATOM   1089 C CB  . PRO A 1 125 ? 0.755   -2.639  -13.052 1.00 13.21 ? 131 PRO B CB  1 
ATOM   1090 C CG  . PRO A 1 125 ? -0.257  -1.575  -12.953 1.00 15.17 ? 131 PRO B CG  1 
ATOM   1091 C CD  . PRO A 1 125 ? -1.080  -1.587  -14.217 1.00 13.98 ? 131 PRO B CD  1 
ATOM   1092 N N   . CYS A 1 126 ? 0.381   -5.986  -13.300 1.00 12.52 ? 132 CYS B N   1 
ATOM   1093 C CA  . CYS A 1 126 ? 0.150   -7.182  -12.445 1.00 14.10 ? 132 CYS B CA  1 
ATOM   1094 C C   . CYS A 1 126 ? 1.029   -7.123  -11.194 1.00 12.38 ? 132 CYS B C   1 
ATOM   1095 O O   . CYS A 1 126 ? 0.709   -7.766  -10.196 1.00 11.56 ? 132 CYS B O   1 
ATOM   1096 C CB  . CYS A 1 126 ? 0.370   -8.490  -13.189 1.00 17.50 ? 132 CYS B CB  1 
ATOM   1097 S SG  . CYS A 1 126 ? -0.840  -8.697  -14.537 1.00 24.53 ? 132 CYS B SG  1 
ATOM   1098 N N   A GLN A 1 127 ? 2.170   -6.417  -11.241 0.25 12.81 ? 133 GLN B N   1 
ATOM   1099 N N   B GLN A 1 127 ? 2.073   -6.292  -11.248 0.25 13.20 ? 133 GLN B N   1 
ATOM   1100 C CA  A GLN A 1 127 ? 3.015   -6.170  -10.038 0.25 12.52 ? 133 GLN B CA  1 
ATOM   1101 C CA  B GLN A 1 127 ? 3.046   -6.125  -10.146 0.25 13.40 ? 133 GLN B CA  1 
ATOM   1102 C C   A GLN A 1 127 ? 3.515   -4.721  -10.069 0.25 11.84 ? 133 GLN B C   1 
ATOM   1103 C C   B GLN A 1 127 ? 3.438   -4.646  -10.100 0.25 12.37 ? 133 GLN B C   1 
ATOM   1104 O O   A GLN A 1 127 ? 3.872   -4.221  -11.163 0.25 10.80 ? 133 GLN B O   1 
ATOM   1105 O O   B GLN A 1 127 ? 3.568   -4.013  -11.180 0.25 11.17 ? 133 GLN B O   1 
ATOM   1106 C CB  A GLN A 1 127 ? 4.228   -7.101  -9.903  0.25 13.94 ? 133 GLN B CB  1 
ATOM   1107 C CB  B GLN A 1 127 ? 4.250   -7.050  -10.337 0.25 15.82 ? 133 GLN B CB  1 
ATOM   1108 C CG  A GLN A 1 127 ? 3.891   -8.574  -9.773  0.25 14.98 ? 133 GLN B CG  1 
ATOM   1109 C CG  B GLN A 1 127 ? 3.879   -8.520  -10.414 0.25 17.54 ? 133 GLN B CG  1 
ATOM   1110 C CD  A GLN A 1 127 ? 3.814   -9.222  -11.130 0.25 16.22 ? 133 GLN B CD  1 
ATOM   1111 C CD  B GLN A 1 127 ? 5.031   -9.423  -10.051 0.25 18.72 ? 133 GLN B CD  1 
ATOM   1112 O OE1 A GLN A 1 127 ? 4.543   -8.856  -12.054 0.25 16.61 ? 133 GLN B OE1 1 
ATOM   1113 O OE1 B GLN A 1 127 ? 6.136   -8.975  -9.750  0.25 24.07 ? 133 GLN B OE1 1 
ATOM   1114 N NE2 A GLN A 1 127 ? 2.921   -10.189 -11.255 0.25 16.45 ? 133 GLN B NE2 1 
ATOM   1115 N NE2 B GLN A 1 127 ? 4.765   -10.712 -10.069 0.25 20.61 ? 133 GLN B NE2 1 
ATOM   1116 N N   . ILE A 1 128 ? 3.514   -4.104  -8.882  1.00 10.90 ? 134 ILE B N   1 
ATOM   1117 C CA  . ILE A 1 128 ? 3.859   -2.680  -8.632  1.00 10.63 ? 134 ILE B CA  1 
ATOM   1118 C C   . ILE A 1 128 ? 5.159   -2.706  -7.821  1.00 10.55 ? 134 ILE B C   1 
ATOM   1119 O O   . ILE A 1 128 ? 5.259   -3.408  -6.795  1.00 10.72 ? 134 ILE B O   1 
ATOM   1120 C CB  . ILE A 1 128 ? 2.738   -1.968  -7.872  1.00 10.85 ? 134 ILE B CB  1 
ATOM   1121 C CG1 . ILE A 1 128 ? 1.371   -1.963  -8.581  1.00 13.36 ? 134 ILE B CG1 1 
ATOM   1122 C CG2 . ILE A 1 128 ? 3.213   -0.560  -7.453  1.00 10.81 ? 134 ILE B CG2 1 
ATOM   1123 C CD1 . ILE A 1 128 ? 1.342   -1.127  -9.759  1.00 13.06 ? 134 ILE B CD1 1 
ATOM   1124 N N   . GLY A 1 129 ? 6.135   -1.888  -8.220  1.00 10.42 ? 135 GLY B N   1 
ATOM   1125 C CA  . GLY A 1 129 ? 7.329   -1.630  -7.392  1.00 9.52  ? 135 GLY B CA  1 
ATOM   1126 C C   . GLY A 1 129 ? 7.224   -0.290  -6.693  1.00 9.61  ? 135 GLY B C   1 
ATOM   1127 O O   . GLY A 1 129 ? 6.740   0.670   -7.276  1.00 9.22  ? 135 GLY B O   1 
ATOM   1128 N N   . ILE A 1 130 ? 7.601   -0.261  -5.423  1.00 9.67  ? 136 ILE B N   1 
ATOM   1129 C CA  . ILE A 1 130 ? 7.515   0.949   -4.550  1.00 8.98  ? 136 ILE B CA  1 
ATOM   1130 C C   . ILE A 1 130 ? 8.917   1.264   -4.021  1.00 9.71  ? 136 ILE B C   1 
ATOM   1131 O O   . ILE A 1 130 ? 9.576   0.386   -3.465  1.00 9.63  ? 136 ILE B O   1 
ATOM   1132 C CB  . ILE A 1 130 ? 6.530   0.726   -3.384  1.00 10.65 ? 136 ILE B CB  1 
ATOM   1133 C CG1 . ILE A 1 130 ? 5.150   0.386   -3.939  1.00 12.19 ? 136 ILE B CG1 1 
ATOM   1134 C CG2 . ILE A 1 130 ? 6.500   1.940   -2.454  1.00 11.19 ? 136 ILE B CG2 1 
ATOM   1135 C CD1 . ILE A 1 130 ? 4.151   0.009   -2.924  1.00 14.22 ? 136 ILE B CD1 1 
ATOM   1136 N N   . PHE A 1 131 ? 9.375   2.480   -4.307  1.00 9.33  ? 137 PHE B N   1 
ATOM   1137 C CA  . PHE A 1 131 ? 10.714  2.962   -3.900  1.00 9.73  ? 137 PHE B CA  1 
ATOM   1138 C C   . PHE A 1 131 ? 10.537  4.146   -2.970  1.00 9.11  ? 137 PHE B C   1 
ATOM   1139 O O   . PHE A 1 131 ? 9.807   5.098   -3.312  1.00 9.18  ? 137 PHE B O   1 
ATOM   1140 C CB  . PHE A 1 131 ? 11.529  3.366   -5.122  1.00 11.61 ? 137 PHE B CB  1 
ATOM   1141 C CG  . PHE A 1 131 ? 12.863  3.994   -4.786  1.00 11.95 ? 137 PHE B CG  1 
ATOM   1142 C CD1 . PHE A 1 131 ? 13.864  3.219   -4.237  1.00 12.35 ? 137 PHE B CD1 1 
ATOM   1143 C CD2 . PHE A 1 131 ? 13.138  5.323   -5.070  1.00 13.30 ? 137 PHE B CD2 1 
ATOM   1144 C CE1 . PHE A 1 131 ? 15.115  3.789   -3.963  1.00 15.29 ? 137 PHE B CE1 1 
ATOM   1145 C CE2 . PHE A 1 131 ? 14.372  5.894   -4.758  1.00 14.55 ? 137 PHE B CE2 1 
ATOM   1146 C CZ  . PHE A 1 131 ? 15.358  5.115   -4.221  1.00 13.78 ? 137 PHE B CZ  1 
ATOM   1147 N N   . VAL A 1 132 ? 11.208  4.113   -1.815  1.00 8.91  ? 138 VAL B N   1 
ATOM   1148 C CA  . VAL A 1 132 ? 11.233  5.240   -0.853  1.00 9.15  ? 138 VAL B CA  1 
ATOM   1149 C C   . VAL A 1 132 ? 12.681  5.671   -0.617  1.00 8.65  ? 138 VAL B C   1 
ATOM   1150 O O   . VAL A 1 132 ? 13.509  4.848   -0.283  1.00 10.35 ? 138 VAL B O   1 
ATOM   1151 C CB  . VAL A 1 132 ? 10.566  4.853   0.493   1.00 9.65  ? 138 VAL B CB  1 
ATOM   1152 C CG1 . VAL A 1 132 ? 10.633  6.029   1.454   1.00 10.75 ? 138 VAL B CG1 1 
ATOM   1153 C CG2 . VAL A 1 132 ? 9.124   4.373   0.266   1.00 10.59 ? 138 VAL B CG2 1 
ATOM   1154 N N   . ASP A 1 133 ? 12.932  6.944   -0.838  1.00 9.11  ? 139 ASP B N   1 
ATOM   1155 C CA  . ASP A 1 133 ? 14.211  7.607   -0.434  1.00 10.26 ? 139 ASP B CA  1 
ATOM   1156 C C   . ASP A 1 133 ? 13.873  8.580   0.698   1.00 9.25  ? 139 ASP B C   1 
ATOM   1157 O O   . ASP A 1 133 ? 13.312  9.649   0.466   1.00 9.42  ? 139 ASP B O   1 
ATOM   1158 C CB  . ASP A 1 133 ? 14.909  8.239   -1.624  1.00 10.44 ? 139 ASP B CB  1 
ATOM   1159 C CG  . ASP A 1 133 ? 16.265  8.833   -1.296  1.00 13.41 ? 139 ASP B CG  1 
ATOM   1160 O OD1 . ASP A 1 133 ? 16.514  9.160   -0.105  1.00 13.59 ? 139 ASP B OD1 1 
ATOM   1161 O OD2 . ASP A 1 133 ? 17.026  8.982   -2.306  1.00 16.59 ? 139 ASP B OD2 1 
ATOM   1162 N N   . TYR A 1 134 ? 14.156  8.139   1.936   1.00 10.73 ? 140 TYR B N   1 
ATOM   1163 C CA  . TYR A 1 134 ? 13.763  8.921   3.117   1.00 10.15 ? 140 TYR B CA  1 
ATOM   1164 C C   . TYR A 1 134 ? 14.424  10.318  3.089   1.00 11.06 ? 140 TYR B C   1 
ATOM   1165 O O   . TYR A 1 134 ? 13.783  11.325  3.174   1.00 11.83 ? 140 TYR B O   1 
ATOM   1166 C CB  . TYR A 1 134 ? 14.074  8.143   4.413   1.00 10.50 ? 140 TYR B CB  1 
ATOM   1167 C CG  . TYR A 1 134 ? 13.281  8.727   5.561   1.00 10.62 ? 140 TYR B CG  1 
ATOM   1168 C CD1 . TYR A 1 134 ? 13.619  9.936   6.145   1.00 10.95 ? 140 TYR B CD1 1 
ATOM   1169 C CD2 . TYR A 1 134 ? 12.111  8.130   6.001   1.00 10.39 ? 140 TYR B CD2 1 
ATOM   1170 C CE1 . TYR A 1 134 ? 12.860  10.524  7.116   1.00 10.54 ? 140 TYR B CE1 1 
ATOM   1171 C CE2 . TYR A 1 134 ? 11.326  8.712   6.979   1.00 9.88  ? 140 TYR B CE2 1 
ATOM   1172 C CZ  . TYR A 1 134 ? 11.700  9.903   7.582   1.00 10.11 ? 140 TYR B CZ  1 
ATOM   1173 O OH  . TYR A 1 134 ? 10.944  10.532  8.522   1.00 10.94 ? 140 TYR B OH  1 
ATOM   1174 N N   . GLU A 1 135 ? 15.728  10.348  2.898   1.00 13.79 ? 141 GLU B N   1 
ATOM   1175 C CA  . GLU A 1 135 ? 16.502  11.617  2.981   1.00 14.05 ? 141 GLU B CA  1 
ATOM   1176 C C   . GLU A 1 135 ? 16.072  12.558  1.866   1.00 12.95 ? 141 GLU B C   1 
ATOM   1177 O O   . GLU A 1 135 ? 15.843  13.741  2.134   1.00 14.73 ? 141 GLU B O   1 
ATOM   1178 C CB  . GLU A 1 135 ? 17.988  11.334  2.944   1.00 15.87 ? 141 GLU B CB  1 
ATOM   1179 C CG  . GLU A 1 135 ? 18.508  10.928  4.336   1.00 21.16 ? 141 GLU B CG  1 
ATOM   1180 C CD  . GLU A 1 135 ? 18.001  9.639   4.879   1.00 24.38 ? 141 GLU B CD  1 
ATOM   1181 O OE1 . GLU A 1 135 ? 17.885  9.560   6.066   1.00 22.16 ? 141 GLU B OE1 1 
ATOM   1182 O OE2 . GLU A 1 135 ? 17.767  8.686   4.074   1.00 27.11 ? 141 GLU B OE2 1 
ATOM   1183 N N   . ALA A 1 136 ? 15.856  12.040  0.660   1.00 11.85 ? 142 ALA B N   1 
ATOM   1184 C CA  . ALA A 1 136 ? 15.451  12.853  -0.492  1.00 12.88 ? 142 ALA B CA  1 
ATOM   1185 C C   . ALA A 1 136 ? 13.993  13.296  -0.425  1.00 11.69 ? 142 ALA B C   1 
ATOM   1186 O O   . ALA A 1 136 ? 13.622  14.271  -1.107  1.00 13.32 ? 142 ALA B O   1 
ATOM   1187 C CB  . ALA A 1 136 ? 15.702  12.112  -1.778  1.00 14.46 ? 142 ALA B CB  1 
ATOM   1188 N N   . GLY A 1 137 ? 13.140  12.686  0.394   1.00 9.54  ? 143 GLY B N   1 
ATOM   1189 C CA  . GLY A 1 137 ? 11.714  12.986  0.401   1.00 9.29  ? 143 GLY B CA  1 
ATOM   1190 C C   . GLY A 1 137 ? 11.001  12.496  -0.869  1.00 8.35  ? 143 GLY B C   1 
ATOM   1191 O O   . GLY A 1 137 ? 10.263  13.299  -1.418  1.00 9.41  ? 143 GLY B O   1 
ATOM   1192 N N   . VAL A 1 138 ? 11.260  11.272  -1.276  1.00 9.62  ? 144 VAL B N   1 
ATOM   1193 C CA  . VAL A 1 138 ? 10.719  10.731  -2.555  1.00 9.50  ? 144 VAL B CA  1 
ATOM   1194 C C   . VAL A 1 138 ? 10.010  9.416   -2.284  1.00 8.98  ? 144 VAL B C   1 
ATOM   1195 O O   . VAL A 1 138 ? 10.562  8.534   -1.614  1.00 9.93  ? 144 VAL B O   1 
ATOM   1196 C CB  . VAL A 1 138 ? 11.869  10.553  -3.560  1.00 10.42 ? 144 VAL B CB  1 
ATOM   1197 C CG1 . VAL A 1 138 ? 11.418  9.691   -4.757  1.00 11.30 ? 144 VAL B CG1 1 
ATOM   1198 C CG2 . VAL A 1 138 ? 12.394  11.912  -3.980  1.00 11.15 ? 144 VAL B CG2 1 
ATOM   1199 N N   . VAL A 1 139 ? 8.834   9.265   -2.908  1.00 8.89  ? 145 VAL B N   1 
ATOM   1200 C CA  . VAL A 1 139 ? 8.159   7.949   -3.052  1.00 8.16  ? 145 VAL B CA  1 
ATOM   1201 C C   . VAL A 1 139 ? 7.827   7.727   -4.537  1.00 7.93  ? 145 VAL B C   1 
ATOM   1202 O O   . VAL A 1 139 ? 7.078   8.566   -5.084  1.00 8.98  ? 145 VAL B O   1 
ATOM   1203 C CB  . VAL A 1 139 ? 6.864   7.871   -2.222  1.00 8.54  ? 145 VAL B CB  1 
ATOM   1204 C CG1 . VAL A 1 139 ? 6.261   6.471   -2.304  1.00 9.06  ? 145 VAL B CG1 1 
ATOM   1205 C CG2 . VAL A 1 139 ? 7.158   8.279   -0.788  1.00 9.15  ? 145 VAL B CG2 1 
ATOM   1206 N N   . SER A 1 140 ? 8.327   6.656   -5.128  1.00 8.24  ? 146 SER B N   1 
ATOM   1207 C CA  . SER A 1 140 ? 8.078   6.386   -6.561  1.00 8.93  ? 146 SER B CA  1 
ATOM   1208 C C   . SER A 1 140 ? 7.453   5.015   -6.743  1.00 8.68  ? 146 SER B C   1 
ATOM   1209 O O   . SER A 1 140 ? 7.743   4.106   -5.997  1.00 9.56  ? 146 SER B O   1 
ATOM   1210 C CB  . SER A 1 140 ? 9.364   6.510   -7.341  1.00 8.64  ? 146 SER B CB  1 
ATOM   1211 O OG  . SER A 1 140 ? 9.829   7.872   -7.376  1.00 10.06 ? 146 SER B OG  1 
ATOM   1212 N N   . PHE A 1 141 ? 6.646   4.905   -7.788  1.00 8.03  ? 147 PHE B N   1 
ATOM   1213 C CA  . PHE A 1 141 ? 5.871   3.705   -8.138  1.00 7.89  ? 147 PHE B CA  1 
ATOM   1214 C C   . PHE A 1 141 ? 6.272   3.309   -9.547  1.00 8.28  ? 147 PHE B C   1 
ATOM   1215 O O   . PHE A 1 141 ? 6.250   4.193   -10.436 1.00 8.65  ? 147 PHE B O   1 
ATOM   1216 C CB  . PHE A 1 141 ? 4.353   3.954   -8.014  1.00 8.11  ? 147 PHE B CB  1 
ATOM   1217 C CG  . PHE A 1 141 ? 3.913   4.285   -6.610  1.00 8.16  ? 147 PHE B CG  1 
ATOM   1218 C CD1 . PHE A 1 141 ? 4.018   5.587   -6.128  1.00 7.80  ? 147 PHE B CD1 1 
ATOM   1219 C CD2 . PHE A 1 141 ? 3.393   3.296   -5.783  1.00 7.87  ? 147 PHE B CD2 1 
ATOM   1220 C CE1 . PHE A 1 141 ? 3.647   5.891   -4.821  1.00 7.89  ? 147 PHE B CE1 1 
ATOM   1221 C CE2 . PHE A 1 141 ? 3.008   3.618   -4.480  1.00 7.75  ? 147 PHE B CE2 1 
ATOM   1222 C CZ  . PHE A 1 141 ? 3.118   4.907   -4.008  1.00 7.57  ? 147 PHE B CZ  1 
ATOM   1223 N N   . TYR A 1 142 ? 6.447   2.012   -9.744  1.00 8.82  ? 148 TYR B N   1 
ATOM   1224 C CA  . TYR A 1 142 ? 6.936   1.449   -11.028 1.00 10.34 ? 148 TYR B CA  1 
ATOM   1225 C C   . TYR A 1 142 ? 6.037   0.305   -11.479 1.00 10.63 ? 148 TYR B C   1 
ATOM   1226 O O   . TYR A 1 142 ? 5.551   -0.505  -10.704 1.00 10.54 ? 148 TYR B O   1 
ATOM   1227 C CB  . TYR A 1 142 ? 8.389   1.000   -10.915 1.00 10.86 ? 148 TYR B CB  1 
ATOM   1228 C CG  . TYR A 1 142 ? 9.326   2.136   -10.605 1.00 11.35 ? 148 TYR B CG  1 
ATOM   1229 C CD1 . TYR A 1 142 ? 9.849   2.935   -11.602 1.00 11.74 ? 148 TYR B CD1 1 
ATOM   1230 C CD2 . TYR A 1 142 ? 9.682   2.448   -9.306  1.00 11.48 ? 148 TYR B CD2 1 
ATOM   1231 C CE1 . TYR A 1 142 ? 10.666  4.016   -11.313 1.00 12.97 ? 148 TYR B CE1 1 
ATOM   1232 C CE2 . TYR A 1 142 ? 10.527  3.506   -9.005  1.00 12.05 ? 148 TYR B CE2 1 
ATOM   1233 C CZ  . TYR A 1 142 ? 11.060  4.288   -10.014 1.00 12.29 ? 148 TYR B CZ  1 
ATOM   1234 O OH  . TYR A 1 142 ? 11.828  5.404   -9.703  1.00 14.25 ? 148 TYR B OH  1 
ATOM   1235 N N   . ASN A 1 143 ? 5.879   0.193   -12.799 1.00 11.04 ? 149 ASN B N   1 
ATOM   1236 C CA  . ASN A 1 143 ? 5.006   -0.831  -13.458 1.00 11.21 ? 149 ASN B CA  1 
ATOM   1237 C C   . ASN A 1 143 ? 5.904   -2.017  -13.820 1.00 12.20 ? 149 ASN B C   1 
ATOM   1238 O O   . ASN A 1 143 ? 6.601   -1.951  -14.863 1.00 13.30 ? 149 ASN B O   1 
ATOM   1239 C CB  . ASN A 1 143 ? 4.321   -0.206  -14.669 1.00 11.79 ? 149 ASN B CB  1 
ATOM   1240 C CG  . ASN A 1 143 ? 3.350   -1.151  -15.346 1.00 11.77 ? 149 ASN B CG  1 
ATOM   1241 O OD1 . ASN A 1 143 ? 3.453   -2.367  -15.114 1.00 12.64 ? 149 ASN B OD1 1 
ATOM   1242 N ND2 . ASN A 1 143 ? 2.448   -0.611  -16.123 1.00 13.05 ? 149 ASN B ND2 1 
ATOM   1243 N N   . ILE A 1 144 ? 5.956   -3.079  -13.016 1.00 12.70 ? 150 ILE B N   1 
ATOM   1244 C CA  . ILE A 1 144 ? 6.921   -4.178  -13.224 1.00 13.92 ? 150 ILE B CA  1 
ATOM   1245 C C   . ILE A 1 144 ? 6.526   -4.903  -14.524 1.00 14.86 ? 150 ILE B C   1 
ATOM   1246 O O   . ILE A 1 144 ? 7.436   -5.408  -15.226 1.00 17.56 ? 150 ILE B O   1 
ATOM   1247 C CB  . ILE A 1 144 ? 6.940   -5.099  -12.000 1.00 14.14 ? 150 ILE B CB  1 
ATOM   1248 C CG1 . ILE A 1 144 ? 7.302   -4.346  -10.703 1.00 15.51 ? 150 ILE B CG1 1 
ATOM   1249 C CG2 . ILE A 1 144 ? 7.852   -6.285  -12.240 1.00 16.07 ? 150 ILE B CG2 1 
ATOM   1250 C CD1 . ILE A 1 144 ? 8.422   -3.383  -10.840 1.00 18.98 ? 150 ILE B CD1 1 
ATOM   1251 N N   . THR A 1 145 ? 5.229   -4.988  -14.797 1.00 14.82 ? 151 THR B N   1 
ATOM   1252 C CA  . THR A 1 145 ? 4.677   -5.701  -16.005 1.00 15.54 ? 151 THR B CA  1 
ATOM   1253 C C   . THR A 1 145 ? 5.169   -4.997  -17.269 1.00 18.72 ? 151 THR B C   1 
ATOM   1254 O O   . THR A 1 145 ? 5.425   -5.701  -18.266 1.00 22.96 ? 151 THR B O   1 
ATOM   1255 C CB  . THR A 1 145 ? 3.148   -5.698  -15.972 1.00 14.79 ? 151 THR B CB  1 
ATOM   1256 O OG1 . THR A 1 145 ? 2.731   -6.187  -14.698 1.00 14.99 ? 151 THR B OG1 1 
ATOM   1257 C CG2 . THR A 1 145 ? 2.538   -6.539  -17.067 1.00 16.66 ? 151 THR B CG2 1 
ATOM   1258 N N   . ASP A 1 146 ? 5.372   -3.682  -17.240 1.00 17.47 ? 152 ASP B N   1 
ATOM   1259 C CA  . ASP A 1 146 ? 5.858   -2.882  -18.396 1.00 18.67 ? 152 ASP B CA  1 
ATOM   1260 C C   . ASP A 1 146 ? 7.336   -2.505  -18.237 1.00 18.57 ? 152 ASP B C   1 
ATOM   1261 O O   . ASP A 1 146 ? 7.650   -1.293  -18.306 1.00 18.54 ? 152 ASP B O   1 
ATOM   1262 C CB  . ASP A 1 146 ? 4.923   -1.719  -18.615 1.00 17.36 ? 152 ASP B CB  1 
ATOM   1263 C CG  . ASP A 1 146 ? 5.318   -0.862  -19.789 1.00 21.43 ? 152 ASP B CG  1 
ATOM   1264 O OD1 . ASP A 1 146 ? 5.667   -1.452  -20.841 1.00 21.35 ? 152 ASP B OD1 1 
ATOM   1265 O OD2 . ASP A 1 146 ? 5.261   0.361   -19.626 1.00 21.15 ? 152 ASP B OD2 1 
ATOM   1266 N N   . HIS A 1 147 ? 8.194   -3.483  -17.976 1.00 20.63 ? 153 HIS B N   1 
ATOM   1267 C CA  . HIS A 1 147 ? 9.671   -3.321  -17.918 1.00 25.19 ? 153 HIS B CA  1 
ATOM   1268 C C   . HIS A 1 147 ? 10.025  -2.224  -16.904 1.00 22.09 ? 153 HIS B C   1 
ATOM   1269 O O   . HIS A 1 147 ? 10.971  -1.491  -17.135 1.00 23.77 ? 153 HIS B O   1 
ATOM   1270 C CB  . HIS A 1 147 ? 10.242  -2.895  -19.283 1.00 30.12 ? 153 HIS B CB  1 
ATOM   1271 C CG  . HIS A 1 147 ? 9.817   -3.692  -20.474 1.00 37.16 ? 153 HIS B CG  1 
ATOM   1272 N ND1 . HIS A 1 147 ? 10.241  -4.993  -20.688 1.00 44.52 ? 153 HIS B ND1 1 
ATOM   1273 C CD2 . HIS A 1 147 ? 9.077   -3.344  -21.550 1.00 41.85 ? 153 HIS B CD2 1 
ATOM   1274 C CE1 . HIS A 1 147 ? 9.738   -5.433  -21.827 1.00 48.33 ? 153 HIS B CE1 1 
ATOM   1275 N NE2 . HIS A 1 147 ? 9.023   -4.433  -22.385 1.00 45.33 ? 153 HIS B NE2 1 
ATOM   1276 N N   . GLY A 1 148 ? 9.246   -2.046  -15.840 1.00 18.20 ? 154 GLY B N   1 
ATOM   1277 C CA  . GLY A 1 148 ? 9.688   -1.135  -14.761 1.00 15.57 ? 154 GLY B CA  1 
ATOM   1278 C C   . GLY A 1 148 ? 9.385   0.329   -15.032 1.00 13.14 ? 154 GLY B C   1 
ATOM   1279 O O   . GLY A 1 148 ? 10.054  1.150   -14.425 1.00 13.88 ? 154 GLY B O   1 
ATOM   1280 N N   . SER A 1 149 ? 8.506   0.645   -15.968 1.00 12.74 ? 155 SER B N   1 
ATOM   1281 C CA  . SER A 1 149 ? 8.222   2.034   -16.377 1.00 10.93 ? 155 SER B CA  1 
ATOM   1282 C C   . SER A 1 149 ? 7.692   2.838   -15.177 1.00 11.80 ? 155 SER B C   1 
ATOM   1283 O O   . SER A 1 149 ? 6.932   2.315   -14.347 1.00 11.92 ? 155 SER B O   1 
ATOM   1284 C CB  . SER A 1 149 ? 7.253   2.110   -17.535 1.00 12.18 ? 155 SER B CB  1 
ATOM   1285 O OG  . SER A 1 149 ? 6.011   1.453   -17.303 1.00 13.45 ? 155 SER B OG  1 
ATOM   1286 N N   . LEU A 1 150 ? 8.040   4.108   -15.081 1.00 11.26 ? 156 LEU B N   1 
ATOM   1287 C CA  . LEU A 1 150 ? 7.564   4.980   -13.980 1.00 10.71 ? 156 LEU B CA  1 
ATOM   1288 C C   . LEU A 1 150 ? 6.056   5.168   -14.087 1.00 10.03 ? 156 LEU B C   1 
ATOM   1289 O O   . LEU A 1 150 ? 5.495   5.548   -15.155 1.00 10.91 ? 156 LEU B O   1 
ATOM   1290 C CB  . LEU A 1 150 ? 8.286   6.327   -14.048 1.00 10.83 ? 156 LEU B CB  1 
ATOM   1291 C CG  . LEU A 1 150 ? 7.901   7.341   -12.966 1.00 11.43 ? 156 LEU B CG  1 
ATOM   1292 C CD1 . LEU A 1 150 ? 8.362   6.871   -11.592 1.00 11.57 ? 156 LEU B CD1 1 
ATOM   1293 C CD2 . LEU A 1 150 ? 8.540   8.713   -13.318 1.00 11.56 ? 156 LEU B CD2 1 
ATOM   1294 N N   . ILE A 1 151 ? 5.371   5.009   -12.944 1.00 8.93  ? 157 ILE B N   1 
ATOM   1295 C CA  . ILE A 1 151 ? 3.963   5.362   -12.799 1.00 9.63  ? 157 ILE B CA  1 
ATOM   1296 C C   . ILE A 1 151 ? 3.790   6.757   -12.194 1.00 8.45  ? 157 ILE B C   1 
ATOM   1297 O O   . ILE A 1 151 ? 3.013   7.574   -12.680 1.00 8.71  ? 157 ILE B O   1 
ATOM   1298 C CB  . ILE A 1 151 ? 3.251   4.274   -11.975 1.00 10.22 ? 157 ILE B CB  1 
ATOM   1299 C CG1 . ILE A 1 151 ? 3.241   2.932   -12.690 1.00 10.15 ? 157 ILE B CG1 1 
ATOM   1300 C CG2 . ILE A 1 151 ? 1.847   4.731   -11.619 1.00 9.71  ? 157 ILE B CG2 1 
ATOM   1301 C CD1 . ILE A 1 151 ? 2.729   1.789   -11.828 1.00 11.03 ? 157 ILE B CD1 1 
ATOM   1302 N N   . TYR A 1 152 ? 4.483   7.035   -11.079 1.00 8.22  ? 158 TYR B N   1 
ATOM   1303 C CA  . TYR A 1 152 ? 4.248   8.302   -10.361 1.00 7.49  ? 158 TYR B CA  1 
ATOM   1304 C C   . TYR A 1 152 ? 5.378   8.509   -9.353  1.00 7.41  ? 158 TYR B C   1 
ATOM   1305 O O   . TYR A 1 152 ? 5.851   7.529   -8.739  1.00 8.40  ? 158 TYR B O   1 
ATOM   1306 C CB  . TYR A 1 152 ? 2.934   8.270   -9.543  1.00 8.12  ? 158 TYR B CB  1 
ATOM   1307 C CG  . TYR A 1 152 ? 2.559   9.630   -9.045  1.00 7.98  ? 158 TYR B CG  1 
ATOM   1308 C CD1 . TYR A 1 152 ? 1.925   10.559  -9.857  1.00 8.32  ? 158 TYR B CD1 1 
ATOM   1309 C CD2 . TYR A 1 152 ? 2.841   10.051  -7.749  1.00 7.57  ? 158 TYR B CD2 1 
ATOM   1310 C CE1 . TYR A 1 152 ? 1.613   11.833  -9.407  1.00 9.29  ? 158 TYR B CE1 1 
ATOM   1311 C CE2 . TYR A 1 152 ? 2.520   11.319  -7.299  1.00 8.22  ? 158 TYR B CE2 1 
ATOM   1312 C CZ  . TYR A 1 152 ? 1.947   12.237  -8.130  1.00 9.17  ? 158 TYR B CZ  1 
ATOM   1313 O OH  . TYR A 1 152 ? 1.689   13.520  -7.734  1.00 11.34 ? 158 TYR B OH  1 
ATOM   1314 N N   . THR A 1 153 ? 5.807   9.775   -9.199  1.00 8.35  ? 159 THR B N   1 
ATOM   1315 C CA  . THR A 1 153 ? 6.765   10.232  -8.170  1.00 8.69  ? 159 THR B CA  1 
ATOM   1316 C C   . THR A 1 153 ? 6.159   11.326  -7.326  1.00 8.33  ? 159 THR B C   1 
ATOM   1317 O O   . THR A 1 153 ? 5.835   12.402  -7.805  1.00 8.64  ? 159 THR B O   1 
ATOM   1318 C CB  . THR A 1 153 ? 8.098   10.676  -8.806  1.00 8.80  ? 159 THR B CB  1 
ATOM   1319 O OG1 . THR A 1 153 ? 8.752   9.516   -9.333  1.00 9.44  ? 159 THR B OG1 1 
ATOM   1320 C CG2 . THR A 1 153 ? 9.021   11.305  -7.775  1.00 9.76  ? 159 THR B CG2 1 
ATOM   1321 N N   . PHE A 1 154 ? 6.032   11.065  -6.018  1.00 8.72  ? 160 PHE B N   1 
ATOM   1322 C CA  . PHE A 1 154 ? 5.830   12.109  -4.989  1.00 7.91  ? 160 PHE B CA  1 
ATOM   1323 C C   . PHE A 1 154 ? 7.218   12.631  -4.593  1.00 8.12  ? 160 PHE B C   1 
ATOM   1324 O O   . PHE A 1 154 ? 8.068   11.851  -4.171  1.00 8.89  ? 160 PHE B O   1 
ATOM   1325 C CB  . PHE A 1 154 ? 5.182   11.552  -3.718  1.00 8.67  ? 160 PHE B CB  1 
ATOM   1326 C CG  . PHE A 1 154 ? 3.766   11.071  -3.798  1.00 7.53  ? 160 PHE B CG  1 
ATOM   1327 C CD1 . PHE A 1 154 ? 3.446   9.757   -4.146  1.00 7.79  ? 160 PHE B CD1 1 
ATOM   1328 C CD2 . PHE A 1 154 ? 2.736   11.911  -3.452  1.00 8.07  ? 160 PHE B CD2 1 
ATOM   1329 C CE1 . PHE A 1 154 ? 2.119   9.355   -4.189  1.00 8.19  ? 160 PHE B CE1 1 
ATOM   1330 C CE2 . PHE A 1 154 ? 1.407   11.504  -3.518  1.00 8.08  ? 160 PHE B CE2 1 
ATOM   1331 C CZ  . PHE A 1 154 ? 1.116   10.207  -3.855  1.00 7.72  ? 160 PHE B CZ  1 
ATOM   1332 N N   . SER A 1 155 ? 7.410   13.931  -4.800  1.00 9.70  ? 161 SER B N   1 
ATOM   1333 C CA  . SER A 1 155 ? 8.656   14.559  -4.351  1.00 10.88 ? 161 SER B CA  1 
ATOM   1334 C C   . SER A 1 155 ? 8.326   15.686  -3.374  1.00 11.18 ? 161 SER B C   1 
ATOM   1335 O O   . SER A 1 155 ? 7.156   16.043  -3.152  1.00 13.23 ? 161 SER B O   1 
ATOM   1336 C CB  . SER A 1 155 ? 9.444   14.977  -5.556  1.00 12.23 ? 161 SER B CB  1 
ATOM   1337 O OG  . SER A 1 155 ? 8.843   16.070  -6.199  1.00 15.21 ? 161 SER B OG  1 
ATOM   1338 N N   . GLU A 1 156 ? 9.392   16.185  -2.721  1.00 12.77 ? 162 GLU B N   1 
ATOM   1339 C CA  . GLU A 1 156 ? 9.229   17.197  -1.638  1.00 14.35 ? 162 GLU B CA  1 
ATOM   1340 C C   . GLU A 1 156 ? 8.305   16.641  -0.534  1.00 13.05 ? 162 GLU B C   1 
ATOM   1341 O O   . GLU A 1 156 ? 7.460   17.404  0.038   1.00 14.44 ? 162 GLU B O   1 
ATOM   1342 C CB  . GLU A 1 156 ? 8.630   18.507  -2.141  1.00 17.00 ? 162 GLU B CB  1 
ATOM   1343 C CG  . GLU A 1 156 ? 9.256   19.071  -3.406  1.00 22.58 ? 162 GLU B CG  1 
ATOM   1344 C CD  . GLU A 1 156 ? 8.735   20.482  -3.601  1.00 31.85 ? 162 GLU B CD  1 
ATOM   1345 O OE1 . GLU A 1 156 ? 7.674   20.648  -4.225  1.00 36.95 ? 162 GLU B OE1 1 
ATOM   1346 O OE2 . GLU A 1 156 ? 9.334   21.397  -3.023  1.00 37.82 ? 162 GLU B OE2 1 
ATOM   1347 N N   . CYS A 1 157 ? 8.419   15.333  -0.275  1.00 11.22 ? 163 CYS B N   1 
ATOM   1348 C CA  . CYS A 1 157 ? 7.541   14.700  0.727   1.00 10.91 ? 163 CYS B CA  1 
ATOM   1349 C C   . CYS A 1 157 ? 7.954   15.206  2.117   1.00 11.50 ? 163 CYS B C   1 
ATOM   1350 O O   . CYS A 1 157 ? 9.202   15.283  2.373   1.00 13.18 ? 163 CYS B O   1 
ATOM   1351 C CB  . CYS A 1 157 ? 7.637   13.180  0.738   1.00 10.27 ? 163 CYS B CB  1 
ATOM   1352 S SG  . CYS A 1 157 ? 7.020   12.414  -0.797  1.00 10.49 ? 163 CYS B SG  1 
ATOM   1353 N N   . VAL A 1 158 ? 6.980   15.430  2.980   1.00 11.66 ? 164 VAL B N   1 
ATOM   1354 C CA  . VAL A 1 158 ? 7.285   15.823  4.377   1.00 12.91 ? 164 VAL B CA  1 
ATOM   1355 C C   . VAL A 1 158 ? 6.840   14.636  5.248   1.00 12.04 ? 164 VAL B C   1 
ATOM   1356 O O   . VAL A 1 158 ? 5.697   14.584  5.698   1.00 13.65 ? 164 VAL B O   1 
ATOM   1357 C CB  . VAL A 1 158 ? 6.681   17.209  4.698   1.00 15.72 ? 164 VAL B CB  1 
ATOM   1358 C CG1 . VAL A 1 158 ? 6.955   17.540  6.169   1.00 16.75 ? 164 VAL B CG1 1 
ATOM   1359 C CG2 . VAL A 1 158 ? 7.280   18.288  3.796   1.00 16.97 ? 164 VAL B CG2 1 
ATOM   1360 N N   . PHE A 1 159 ? 7.677   13.620  5.424   1.00 11.25 ? 165 PHE B N   1 
ATOM   1361 C CA  . PHE A 1 159 ? 7.311   12.336  6.068   1.00 11.41 ? 165 PHE B CA  1 
ATOM   1362 C C   . PHE A 1 159 ? 6.874   12.651  7.503   1.00 13.15 ? 165 PHE B C   1 
ATOM   1363 O O   . PHE A 1 159 ? 5.835   12.143  7.974   1.00 13.53 ? 165 PHE B O   1 
ATOM   1364 C CB  . PHE A 1 159 ? 8.408   11.305  5.889   1.00 11.30 ? 165 PHE B CB  1 
ATOM   1365 C CG  . PHE A 1 159 ? 8.661   10.896  4.464   1.00 10.08 ? 165 PHE B CG  1 
ATOM   1366 C CD1 . PHE A 1 159 ? 7.599   10.591  3.629   1.00 10.87 ? 165 PHE B CD1 1 
ATOM   1367 C CD2 . PHE A 1 159 ? 9.947   10.806  3.976   1.00 11.38 ? 165 PHE B CD2 1 
ATOM   1368 C CE1 . PHE A 1 159 ? 7.853   10.205  2.319   1.00 9.39  ? 165 PHE B CE1 1 
ATOM   1369 C CE2 . PHE A 1 159 ? 10.196  10.416  2.677   1.00 11.05 ? 165 PHE B CE2 1 
ATOM   1370 C CZ  . PHE A 1 159 ? 9.151   10.087  1.855   1.00 10.50 ? 165 PHE B CZ  1 
ATOM   1371 N N   . ALA A 1 160 ? 7.702   13.408  8.219   1.00 11.94 ? 166 ALA B N   1 
ATOM   1372 C CA  . ALA A 1 160 ? 7.388   13.916  9.575   1.00 12.80 ? 166 ALA B CA  1 
ATOM   1373 C C   . ALA A 1 160 ? 7.291   12.765  10.588  1.00 12.57 ? 166 ALA B C   1 
ATOM   1374 O O   . ALA A 1 160 ? 6.581   12.938  11.651  1.00 13.34 ? 166 ALA B O   1 
ATOM   1375 C CB  . ALA A 1 160 ? 6.174   14.777  9.600   1.00 12.67 ? 166 ALA B CB  1 
ATOM   1376 N N   . GLY A 1 161 ? 7.950   11.655  10.364  1.00 13.16 ? 167 GLY B N   1 
ATOM   1377 C CA  . GLY A 1 161 ? 7.963   10.512  11.288  1.00 14.21 ? 167 GLY B CA  1 
ATOM   1378 C C   . GLY A 1 161 ? 8.395   9.240   10.608  1.00 12.67 ? 167 GLY B C   1 
ATOM   1379 O O   . GLY A 1 161 ? 8.724   9.227   9.403   1.00 12.54 ? 167 GLY B O   1 
ATOM   1380 N N   . PRO A 1 162 ? 8.463   8.148   11.357  1.00 11.14 ? 168 PRO B N   1 
ATOM   1381 C CA  . PRO A 1 162 ? 8.725   6.855   10.777  1.00 10.05 ? 168 PRO B CA  1 
ATOM   1382 C C   . PRO A 1 162 ? 7.640   6.475   9.749   1.00 9.87  ? 168 PRO B C   1 
ATOM   1383 O O   . PRO A 1 162 ? 6.467   6.842   9.902   1.00 10.11 ? 168 PRO B O   1 
ATOM   1384 C CB  . PRO A 1 162 ? 8.705   5.857   11.944  1.00 10.81 ? 168 PRO B CB  1 
ATOM   1385 C CG  . PRO A 1 162 ? 8.805   6.796   13.180  1.00 10.70 ? 168 PRO B CG  1 
ATOM   1386 C CD  . PRO A 1 162 ? 8.134   8.073   12.795  1.00 10.25 ? 168 PRO B CD  1 
ATOM   1387 N N   . LEU A 1 163 ? 8.071   5.760   8.727   1.00 9.70  ? 169 LEU B N   1 
ATOM   1388 C CA  . LEU A 1 163 ? 7.136   5.288   7.650   1.00 9.40  ? 169 LEU B CA  1 
ATOM   1389 C C   . LEU A 1 163 ? 6.906   3.797   7.775   1.00 9.36  ? 169 LEU B C   1 
ATOM   1390 O O   . LEU A 1 163 ? 7.812   3.027   8.118   1.00 10.71 ? 169 LEU B O   1 
ATOM   1391 C CB  . LEU A 1 163 ? 7.754   5.582   6.284   1.00 9.61  ? 169 LEU B CB  1 
ATOM   1392 C CG  . LEU A 1 163 ? 7.858   7.051   5.878   1.00 10.44 ? 169 LEU B CG  1 
ATOM   1393 C CD1 . LEU A 1 163 ? 8.599   7.157   4.536   1.00 10.50 ? 169 LEU B CD1 1 
ATOM   1394 C CD2 . LEU A 1 163 ? 6.481   7.684   5.830   1.00 10.69 ? 169 LEU B CD2 1 
ATOM   1395 N N   . ARG A 1 164 ? 5.692   3.383   7.380   1.00 9.47  ? 170 ARG B N   1 
ATOM   1396 C CA  . ARG A 1 164 ? 5.311   1.958   7.288   1.00 8.95  ? 170 ARG B CA  1 
ATOM   1397 C C   . ARG A 1 164 ? 4.753   1.629   5.907   1.00 7.98  ? 170 ARG B C   1 
ATOM   1398 O O   . ARG A 1 164 ? 4.028   2.449   5.372   1.00 8.54  ? 170 ARG B O   1 
ATOM   1399 C CB  . ARG A 1 164 ? 4.309   1.611   8.395   1.00 10.77 ? 170 ARG B CB  1 
ATOM   1400 C CG  . ARG A 1 164 ? 5.020   1.754   9.741   1.00 12.13 ? 170 ARG B CG  1 
ATOM   1401 C CD  . ARG A 1 164 ? 4.106   1.417   10.872  1.00 13.98 ? 170 ARG B CD  1 
ATOM   1402 N NE  . ARG A 1 164 ? 3.937   -0.017  10.882  1.00 13.24 ? 170 ARG B NE  1 
ATOM   1403 C CZ  . ARG A 1 164 ? 3.252   -0.647  11.824  1.00 14.32 ? 170 ARG B CZ  1 
ATOM   1404 N NH1 . ARG A 1 164 ? 2.791   0.035   12.849  1.00 15.33 ? 170 ARG B NH1 1 
ATOM   1405 N NH2 . ARG A 1 164 ? 3.088   -1.948  11.719  1.00 13.40 ? 170 ARG B NH2 1 
ATOM   1406 N N   . PRO A 1 165 ? 5.074   0.448   5.338   1.00 8.02  ? 171 PRO B N   1 
ATOM   1407 C CA  . PRO A 1 165 ? 4.376   -0.006  4.117   1.00 7.80  ? 171 PRO B CA  1 
ATOM   1408 C C   . PRO A 1 165 ? 2.866   -0.027  4.381   1.00 7.49  ? 171 PRO B C   1 
ATOM   1409 O O   . PRO A 1 165 ? 2.426   -0.408  5.463   1.00 8.19  ? 171 PRO B O   1 
ATOM   1410 C CB  . PRO A 1 165 ? 4.938   -1.406  3.870   1.00 7.84  ? 171 PRO B CB  1 
ATOM   1411 C CG  . PRO A 1 165 ? 6.317   -1.365  4.545   1.00 8.56  ? 171 PRO B CG  1 
ATOM   1412 C CD  . PRO A 1 165 ? 6.054   -0.538  5.790   1.00 9.22  ? 171 PRO B CD  1 
ATOM   1413 N N   . PHE A 1 166 ? 2.087   0.414   3.393   1.00 7.47  ? 172 PHE B N   1 
ATOM   1414 C CA  . PHE A 1 166 ? 0.624   0.583   3.498   1.00 7.67  ? 172 PHE B CA  1 
ATOM   1415 C C   . PHE A 1 166 ? -0.104  -0.199  2.387   1.00 7.40  ? 172 PHE B C   1 
ATOM   1416 O O   . PHE A 1 166 ? 0.326   -0.159  1.232   1.00 7.17  ? 172 PHE B O   1 
ATOM   1417 C CB  . PHE A 1 166 ? 0.260   2.059   3.408   1.00 8.12  ? 172 PHE B CB  1 
ATOM   1418 C CG  . PHE A 1 166 ? -1.229  2.297   3.347   1.00 8.06  ? 172 PHE B CG  1 
ATOM   1419 C CD1 . PHE A 1 166 ? -1.987  2.258   4.508   1.00 8.43  ? 172 PHE B CD1 1 
ATOM   1420 C CD2 . PHE A 1 166 ? -1.906  2.485   2.146   1.00 8.28  ? 172 PHE B CD2 1 
ATOM   1421 C CE1 . PHE A 1 166 ? -3.364  2.459   4.476   1.00 8.19  ? 172 PHE B CE1 1 
ATOM   1422 C CE2 . PHE A 1 166 ? -3.279  2.646   2.117   1.00 8.16  ? 172 PHE B CE2 1 
ATOM   1423 C CZ  . PHE A 1 166 ? -4.008  2.650   3.273   1.00 8.37  ? 172 PHE B CZ  1 
ATOM   1424 N N   . PHE A 1 167 ? -1.216  -0.881  2.753   1.00 7.03  ? 173 PHE B N   1 
ATOM   1425 C CA  . PHE A 1 167 ? -1.969  -1.778  1.848   1.00 7.07  ? 173 PHE B CA  1 
ATOM   1426 C C   . PHE A 1 167 ? -3.458  -1.581  2.096   1.00 7.30  ? 173 PHE B C   1 
ATOM   1427 O O   . PHE A 1 167 ? -3.882  -1.601  3.276   1.00 7.89  ? 173 PHE B O   1 
ATOM   1428 C CB  . PHE A 1 167 ? -1.623  -3.246  2.090   1.00 7.24  ? 173 PHE B CB  1 
ATOM   1429 C CG  . PHE A 1 167 ? -0.144  -3.541  2.059   1.00 7.48  ? 173 PHE B CG  1 
ATOM   1430 C CD1 . PHE A 1 167 ? 0.620   -3.401  3.204   1.00 7.34  ? 173 PHE B CD1 1 
ATOM   1431 C CD2 . PHE A 1 167 ? 0.482   -3.994  0.898   1.00 8.30  ? 173 PHE B CD2 1 
ATOM   1432 C CE1 . PHE A 1 167 ? 1.995   -3.590  3.183   1.00 7.63  ? 173 PHE B CE1 1 
ATOM   1433 C CE2 . PHE A 1 167 ? 1.843   -4.242  0.899   1.00 8.61  ? 173 PHE B CE2 1 
ATOM   1434 C CZ  . PHE A 1 167 ? 2.600   -4.036  2.036   1.00 8.43  ? 173 PHE B CZ  1 
ATOM   1435 N N   . ASN A 1 168 ? -4.224  -1.547  1.007   1.00 7.47  ? 174 ASN B N   1 
ATOM   1436 C CA  . ASN A 1 168 ? -5.699  -1.680  1.089   1.00 7.46  ? 174 ASN B CA  1 
ATOM   1437 C C   . ASN A 1 168 ? -6.097  -2.698  0.022   1.00 7.68  ? 174 ASN B C   1 
ATOM   1438 O O   . ASN A 1 168 ? -5.851  -2.455  -1.143  1.00 8.59  ? 174 ASN B O   1 
ATOM   1439 C CB  . ASN A 1 168 ? -6.399  -0.362  0.822   1.00 7.85  ? 174 ASN B CB  1 
ATOM   1440 C CG  . ASN A 1 168 ? -7.896  -0.435  1.034   1.00 8.90  ? 174 ASN B CG  1 
ATOM   1441 O OD1 . ASN A 1 168 ? -8.485  -1.453  1.324   1.00 9.13  ? 174 ASN B OD1 1 
ATOM   1442 N ND2 . ASN A 1 168 ? -8.522  0.715   0.929   1.00 9.50  ? 174 ASN B ND2 1 
ATOM   1443 N N   . VAL A 1 169 ? -6.703  -3.822  0.444   1.00 7.38  ? 175 VAL B N   1 
ATOM   1444 C CA  . VAL A 1 169 ? -7.153  -4.884  -0.514  1.00 7.70  ? 175 VAL B CA  1 
ATOM   1445 C C   . VAL A 1 169 ? -8.441  -4.464  -1.226  1.00 8.73  ? 175 VAL B C   1 
ATOM   1446 O O   . VAL A 1 169 ? -8.815  -5.193  -2.171  1.00 8.76  ? 175 VAL B O   1 
ATOM   1447 C CB  . VAL A 1 169 ? -7.290  -6.280  0.135   1.00 8.30  ? 175 VAL B CB  1 
ATOM   1448 C CG1 . VAL A 1 169 ? -5.966  -6.769  0.663   1.00 9.07  ? 175 VAL B CG1 1 
ATOM   1449 C CG2 . VAL A 1 169 ? -8.359  -6.335  1.213   1.00 8.83  ? 175 VAL B CG2 1 
ATOM   1450 N N   . GLY A 1 170 ? -9.133  -3.451  -0.687  1.00 8.56  ? 176 GLY B N   1 
ATOM   1451 C CA  . GLY A 1 170 ? -10.438 -2.989  -1.210  1.00 9.43  ? 176 GLY B CA  1 
ATOM   1452 C C   . GLY A 1 170 ? -11.579 -3.891  -0.809  1.00 9.22  ? 176 GLY B C   1 
ATOM   1453 O O   . GLY A 1 170 ? -11.392 -5.022  -0.348  1.00 8.74  ? 176 GLY B O   1 
ATOM   1454 N N   . PHE A 1 171 ? -12.787 -3.339  -0.921  1.00 9.15  ? 177 PHE B N   1 
ATOM   1455 C CA  . PHE A 1 171 ? -14.047 -4.099  -0.712  1.00 9.14  ? 177 PHE B CA  1 
ATOM   1456 C C   . PHE A 1 171 ? -14.270 -5.053  -1.866  1.00 8.90  ? 177 PHE B C   1 
ATOM   1457 O O   . PHE A 1 171 ? -13.623 -4.943  -2.909  1.00 8.47  ? 177 PHE B O   1 
ATOM   1458 C CB  . PHE A 1 171 ? -15.223 -3.151  -0.464  1.00 9.60  ? 177 PHE B CB  1 
ATOM   1459 C CG  . PHE A 1 171 ? -15.152 -2.404  0.847   1.00 10.59 ? 177 PHE B CG  1 
ATOM   1460 C CD1 . PHE A 1 171 ? -15.550 -3.022  2.027   1.00 11.25 ? 177 PHE B CD1 1 
ATOM   1461 C CD2 . PHE A 1 171 ? -14.746 -1.081  0.889   1.00 11.95 ? 177 PHE B CD2 1 
ATOM   1462 C CE1 . PHE A 1 171 ? -15.435 -2.353  3.252   1.00 13.06 ? 177 PHE B CE1 1 
ATOM   1463 C CE2 . PHE A 1 171 ? -14.690 -0.427  2.120   1.00 12.01 ? 177 PHE B CE2 1 
ATOM   1464 C CZ  . PHE A 1 171 ? -15.072 -1.045  3.270   1.00 12.25 ? 177 PHE B CZ  1 
ATOM   1465 N N   . ASN A 1 172 ? -15.193 -5.982  -1.654  1.00 8.80  ? 178 ASN B N   1 
ATOM   1466 C CA  . ASN A 1 172 ? -15.552 -6.961  -2.709  1.00 8.03  ? 178 ASN B CA  1 
ATOM   1467 C C   . ASN A 1 172 ? -17.090 -6.943  -2.829  1.00 8.06  ? 178 ASN B C   1 
ATOM   1468 O O   . ASN A 1 172 ? -17.731 -8.025  -2.784  1.00 9.55  ? 178 ASN B O   1 
ATOM   1469 C CB  . ASN A 1 172 ? -15.006 -8.330  -2.402  1.00 8.72  ? 178 ASN B CB  1 
ATOM   1470 C CG  . ASN A 1 172 ? -15.241 -9.310  -3.505  1.00 8.62  ? 178 ASN B CG  1 
ATOM   1471 O OD1 . ASN A 1 172 ? -15.354 -8.953  -4.670  1.00 8.92  ? 178 ASN B OD1 1 
ATOM   1472 N ND2 . ASN A 1 172 ? -15.297 -10.582 -3.112  1.00 10.53 ? 178 ASN B ND2 1 
ATOM   1473 N N   . TYR A 1 173 ? -17.666 -5.778  -3.027  1.00 8.64  ? 179 TYR B N   1 
ATOM   1474 C CA  . TYR A 1 173 ? -19.123 -5.667  -3.302  1.00 8.54  ? 179 TYR B CA  1 
ATOM   1475 C C   . TYR A 1 173 ? -19.465 -6.377  -4.616  1.00 8.76  ? 179 TYR B C   1 
ATOM   1476 O O   . TYR A 1 173 ? -20.621 -6.891  -4.814  1.00 9.93  ? 179 TYR B O   1 
ATOM   1477 C CB  . TYR A 1 173 ? -19.587 -4.206  -3.364  1.00 9.17  ? 179 TYR B CB  1 
ATOM   1478 C CG  . TYR A 1 173 ? -19.493 -3.429  -2.076  1.00 10.60 ? 179 TYR B CG  1 
ATOM   1479 C CD1 . TYR A 1 173 ? -20.437 -3.638  -1.086  1.00 12.66 ? 179 TYR B CD1 1 
ATOM   1480 C CD2 . TYR A 1 173 ? -18.502 -2.480  -1.876  1.00 12.46 ? 179 TYR B CD2 1 
ATOM   1481 C CE1 . TYR A 1 173 ? -20.362 -2.987  0.135   1.00 13.10 ? 179 TYR B CE1 1 
ATOM   1482 C CE2 . TYR A 1 173 ? -18.419 -1.833  -0.632  1.00 12.54 ? 179 TYR B CE2 1 
ATOM   1483 C CZ  . TYR A 1 173 ? -19.345 -2.087  0.349   1.00 12.72 ? 179 TYR B CZ  1 
ATOM   1484 O OH  . TYR A 1 173 ? -19.343 -1.396  1.552   1.00 16.81 ? 179 TYR B OH  1 
ATOM   1485 N N   . SER A 1 174 ? -18.600 -6.334  -5.616  1.00 8.63  ? 180 SER B N   1 
ATOM   1486 C CA  . SER A 1 174 ? -18.850 -6.823  -6.999  1.00 9.19  ? 180 SER B CA  1 
ATOM   1487 C C   . SER A 1 174 ? -18.725 -8.350  -7.111  1.00 9.41  ? 180 SER B C   1 
ATOM   1488 O O   . SER A 1 174 ? -19.162 -8.912  -8.171  1.00 11.07 ? 180 SER B O   1 
ATOM   1489 C CB  . SER A 1 174 ? -17.901 -6.215  -7.994  1.00 9.16  ? 180 SER B CB  1 
ATOM   1490 O OG  . SER A 1 174 ? -16.558 -6.659  -7.689  1.00 9.61  ? 180 SER B OG  1 
ATOM   1491 N N   . GLY A 1 175 ? -18.032 -9.021  -6.198  1.00 8.57  ? 181 GLY B N   1 
ATOM   1492 C CA  . GLY A 1 175 ? -17.657 -10.448 -6.384  1.00 8.96  ? 181 GLY B CA  1 
ATOM   1493 C C   . GLY A 1 175 ? -16.472 -10.622 -7.291  1.00 9.19  ? 181 GLY B C   1 
ATOM   1494 O O   . GLY A 1 175 ? -16.103 -11.773 -7.518  1.00 11.23 ? 181 GLY B O   1 
ATOM   1495 N N   . GLY A 1 176 ? -15.883 -9.528  -7.806  1.00 8.74  ? 182 GLY B N   1 
ATOM   1496 C CA  . GLY A 1 176 ? -14.730 -9.588  -8.710  1.00 8.48  ? 182 GLY B CA  1 
ATOM   1497 C C   . GLY A 1 176 ? -13.443 -9.118  -8.048  1.00 9.76  ? 182 GLY B C   1 
ATOM   1498 O O   . GLY A 1 176 ? -12.423 -9.078  -8.796  1.00 10.71 ? 182 GLY B O   1 
ATOM   1499 N N   . ASN A 1 177 ? -13.448 -8.810  -6.760  1.00 8.56  ? 183 ASN B N   1 
ATOM   1500 C CA  . ASN A 1 177 ? -12.236 -8.266  -6.102  1.00 8.31  ? 183 ASN B CA  1 
ATOM   1501 C C   . ASN A 1 177 ? -11.758 -9.122  -4.926  1.00 7.76  ? 183 ASN B C   1 
ATOM   1502 O O   . ASN A 1 177 ? -11.085 -8.573  -4.041  1.00 9.26  ? 183 ASN B O   1 
ATOM   1503 C CB  . ASN A 1 177 ? -12.432 -6.813  -5.654  1.00 8.37  ? 183 ASN B CB  1 
ATOM   1504 C CG  . ASN A 1 177 ? -11.124 -6.080  -5.406  1.00 8.02  ? 183 ASN B CG  1 
ATOM   1505 O OD1 . ASN A 1 177 ? -10.166 -6.322  -6.121  1.00 8.80  ? 183 ASN B OD1 1 
ATOM   1506 N ND2 . ASN A 1 177 ? -11.147 -5.222  -4.399  1.00 8.61  ? 183 ASN B ND2 1 
ATOM   1507 N N   . ALA A 1 178 ? -11.988 -10.424 -4.940  1.00 9.41  ? 184 ALA B N   1 
ATOM   1508 C CA  . ALA A 1 178 ? -11.576 -11.295 -3.816  1.00 9.94  ? 184 ALA B CA  1 
ATOM   1509 C C   . ALA A 1 178 ? -10.062 -11.547 -3.765  1.00 9.90  ? 184 ALA B C   1 
ATOM   1510 O O   . ALA A 1 178 ? -9.590  -11.947 -2.698  1.00 11.96 ? 184 ALA B O   1 
ATOM   1511 C CB  . ALA A 1 178 ? -12.319 -12.632 -3.888  1.00 10.91 ? 184 ALA B CB  1 
ATOM   1512 N N   . ALA A 1 179 ? -9.347  -11.384 -4.874  1.00 9.94  ? 185 ALA B N   1 
ATOM   1513 C CA  . ALA A 1 179 ? -7.947  -11.840 -4.957  1.00 9.80  ? 185 ALA B CA  1 
ATOM   1514 C C   . ALA A 1 179 ? -7.092  -11.098 -3.928  1.00 10.04 ? 185 ALA B C   1 
ATOM   1515 O O   . ALA A 1 179 ? -7.340  -9.945  -3.579  1.00 9.20  ? 185 ALA B O   1 
ATOM   1516 C CB  . ALA A 1 179 ? -7.390  -11.625 -6.331  1.00 9.73  ? 185 ALA B CB  1 
ATOM   1517 N N   . PRO A 1 180 ? -6.012  -11.750 -3.451  1.00 9.49  ? 186 PRO B N   1 
ATOM   1518 C CA  . PRO A 1 180 ? -5.122  -11.116 -2.467  1.00 9.46  ? 186 PRO B CA  1 
ATOM   1519 C C   . PRO A 1 180 ? -4.155  -10.055 -3.042  1.00 9.23  ? 186 PRO B C   1 
ATOM   1520 O O   . PRO A 1 180 ? -3.906  -10.070 -4.235  1.00 10.03 ? 186 PRO B O   1 
ATOM   1521 C CB  . PRO A 1 180 ? -4.311  -12.304 -1.931  1.00 10.32 ? 186 PRO B CB  1 
ATOM   1522 C CG  . PRO A 1 180 ? -4.214  -13.214 -3.127  1.00 11.57 ? 186 PRO B CG  1 
ATOM   1523 C CD  . PRO A 1 180 ? -5.613  -13.138 -3.747  1.00 11.68 ? 186 PRO B CD  1 
ATOM   1524 N N   . LEU A 1 181 ? -3.605  -9.219  -2.157  1.00 9.45  ? 187 LEU B N   1 
ATOM   1525 C CA  . LEU A 1 181 ? -2.317  -8.550  -2.419  1.00 9.25  ? 187 LEU B CA  1 
ATOM   1526 C C   . LEU A 1 181 ? -1.225  -9.497  -1.932  1.00 9.72  ? 187 LEU B C   1 
ATOM   1527 O O   . LEU A 1 181 ? -1.365  -10.075 -0.822  1.00 11.19 ? 187 LEU B O   1 
ATOM   1528 C CB  . LEU A 1 181 ? -2.290  -7.218  -1.686  1.00 9.14  ? 187 LEU B CB  1 
ATOM   1529 C CG  . LEU A 1 181 ? -3.279  -6.146  -2.164  1.00 9.70  ? 187 LEU B CG  1 
ATOM   1530 C CD1 . LEU A 1 181 ? -3.240  -4.912  -1.275  1.00 10.71 ? 187 LEU B CD1 1 
ATOM   1531 C CD2 . LEU A 1 181 ? -2.958  -5.745  -3.591  1.00 11.06 ? 187 LEU B CD2 1 
ATOM   1532 N N   . LYS A 1 182 ? -0.139  -9.623  -2.698  1.00 9.67  ? 188 LYS B N   1 
ATOM   1533 C CA  . LYS A 1 182 ? 0.955   -10.537 -2.294  1.00 10.36 ? 188 LYS B CA  1 
ATOM   1534 C C   . LYS A 1 182 ? 2.274   -9.798  -2.377  1.00 10.90 ? 188 LYS B C   1 
ATOM   1535 O O   . LYS A 1 182 ? 2.570   -9.213  -3.456  1.00 11.17 ? 188 LYS B O   1 
ATOM   1536 C CB  . LYS A 1 182 ? 1.043   -11.778 -3.183  1.00 11.68 ? 188 LYS B CB  1 
ATOM   1537 C CG  . LYS A 1 182 ? -0.245  -12.572 -3.358  1.00 14.42 ? 188 LYS B CG  1 
ATOM   1538 C CD  . LYS A 1 182 ? 0.002   -13.868 -4.144  1.00 17.84 ? 188 LYS B CD  1 
ATOM   1539 C CE  . LYS A 1 182 ? -1.228  -14.643 -4.531  1.00 21.39 ? 188 LYS B CE  1 
ATOM   1540 N NZ  . LYS A 1 182 ? -0.854  -15.737 -5.465  1.00 27.02 ? 188 LYS B NZ  1 
ATOM   1541 N N   . LEU A 1 183 ? 3.074   -9.905  -1.341  1.00 11.19 ? 189 LEU B N   1 
ATOM   1542 C CA  . LEU A 1 183 ? 4.472   -9.390  -1.384  1.00 11.67 ? 189 LEU B CA  1 
ATOM   1543 C C   . LEU A 1 183 ? 5.312   -10.365 -2.197  1.00 12.40 ? 189 LEU B C   1 
ATOM   1544 O O   . LEU A 1 183 ? 5.380   -11.546 -1.782  1.00 15.86 ? 189 LEU B O   1 
ATOM   1545 C CB  . LEU A 1 183 ? 4.996   -9.155  0.034   1.00 11.97 ? 189 LEU B CB  1 
ATOM   1546 C CG  . LEU A 1 183 ? 4.401   -7.878  0.639   1.00 12.33 ? 189 LEU B CG  1 
ATOM   1547 C CD1 . LEU A 1 183 ? 4.326   -7.858  2.158   1.00 16.30 ? 189 LEU B CD1 1 
ATOM   1548 C CD2 . LEU A 1 183 ? 5.128   -6.648  0.086   1.00 10.95 ? 189 LEU B CD2 1 
ATOM   1549 N N   . CYS A 1 184 ? 5.921   -9.888  -3.281  1.00 13.69 ? 190 CYS B N   1 
ATOM   1550 C CA  . CYS A 1 184 ? 6.660   -10.747 -4.260  1.00 16.80 ? 190 CYS B CA  1 
ATOM   1551 C C   . CYS A 1 184 ? 8.070   -10.998 -3.783  1.00 18.44 ? 190 CYS B C   1 
ATOM   1552 O O   . CYS A 1 184 ? 8.686   -10.116 -3.227  1.00 18.98 ? 190 CYS B O   1 
ATOM   1553 C CB  . CYS A 1 184 ? 6.953   -10.047 -5.569  1.00 19.54 ? 190 CYS B CB  1 
ATOM   1554 S SG  . CYS A 1 184 ? 5.559   -9.232  -6.324  1.00 20.08 ? 190 CYS B SG  1 
ATOM   1555 N N   . PRO A 1 185 ? 8.622   -12.199 -4.044  1.00 24.57 ? 191 PRO B N   1 
ATOM   1556 C CA  . PRO A 1 185 ? 9.973   -12.536 -3.645  1.00 30.44 ? 191 PRO B CA  1 
ATOM   1557 C C   . PRO A 1 185 ? 10.977  -11.644 -4.376  1.00 31.28 ? 191 PRO B C   1 
ATOM   1558 O O   . PRO A 1 185 ? 10.713  -11.256 -5.523  1.00 33.35 ? 191 PRO B O   1 
ATOM   1559 C CB  . PRO A 1 185 ? 10.101  -14.026 -4.037  1.00 27.34 ? 191 PRO B CB  1 
ATOM   1560 C CG  . PRO A 1 185 ? 9.037   -14.266 -5.068  1.00 27.58 ? 191 PRO B CG  1 
ATOM   1561 C CD  . PRO A 1 185 ? 7.921   -13.321 -4.679  1.00 24.91 ? 191 PRO B CD  1 
ATOM   1562 N N   . LEU A 1 186 ? 12.029  -11.303 -3.624  1.00 35.79 ? 192 LEU B N   1 
ATOM   1563 C CA  . LEU A 1 186 ? 13.323  -10.691 -4.018  1.00 37.41 ? 192 LEU B CA  1 
ATOM   1564 C C   . LEU A 1 186 ? 13.996  -11.554 -5.083  1.00 42.88 ? 192 LEU B C   1 
ATOM   1565 O O   . LEU A 1 186 ? 14.816  -10.984 -5.808  1.00 48.31 ? 192 LEU B O   1 
ATOM   1566 C CB  . LEU A 1 186 ? 14.209  -10.603 -2.767  1.00 36.60 ? 192 LEU B CB  1 
HETATM 1567 C C4  . O1J B 2 .   ? -15.852 -4.534  7.131   0.56 9.70  ? 201 O1J B C4  1 
HETATM 1568 C C5  . O1J B 2 .   ? -14.614 -3.915  7.054   0.56 9.86  ? 201 O1J B C5  1 
HETATM 1569 C C6  . O1J B 2 .   ? -14.526 -2.539  7.080   0.56 10.06 ? 201 O1J B C6  1 
HETATM 1570 C C7  . O1J B 2 .   ? -15.673 -1.787  7.174   0.56 10.10 ? 201 O1J B C7  1 
HETATM 1571 C C8  . O1J B 2 .   ? -16.911 -2.405  7.252   0.56 10.10 ? 201 O1J B C8  1 
HETATM 1572 C C   . O1J B 2 .   ? -18.761 -5.286  3.739   0.56 10.59 ? 201 O1J B C   1 
HETATM 1573 O O   . O1J B 2 .   ? -18.252 -6.133  2.933   0.56 12.99 ? 201 O1J B O   1 
HETATM 1574 C C1  . O1J B 2 .   ? -18.315 -5.383  5.182   0.56 10.61 ? 201 O1J B C1  1 
HETATM 1575 C C2  . O1J B 2 .   ? -18.371 -4.444  7.326   0.56 10.16 ? 201 O1J B C2  1 
HETATM 1576 C C3  . O1J B 2 .   ? -17.014 -3.783  7.242   0.56 9.89  ? 201 O1J B C3  1 
HETATM 1577 O O1  . O1J B 2 .   ? -19.617 -4.407  3.446   0.56 10.94 ? 201 O1J B O1  1 
HETATM 1578 O O2  . O1J B 2 .   ? -18.979 -4.473  6.038   0.56 10.43 ? 201 O1J B O2  1 
HETATM 1579 C C1  . EDO C 3 .   ? -20.599 6.922   12.279  1.00 39.67 ? 202 EDO B C1  1 
HETATM 1580 O O1  . EDO C 3 .   ? -19.348 6.303   12.020  1.00 34.65 ? 202 EDO B O1  1 
HETATM 1581 C C2  . EDO C 3 .   ? -21.342 7.292   11.050  1.00 36.96 ? 202 EDO B C2  1 
HETATM 1582 O O2  . EDO C 3 .   ? -21.518 6.192   10.196  1.00 41.49 ? 202 EDO B O2  1 
HETATM 1583 S S   . SO4 D 4 .   ? -10.305 14.063  5.274   1.00 34.57 ? 203 SO4 B S   1 
HETATM 1584 O O1  . SO4 D 4 .   ? -9.610  12.983  5.881   1.00 22.67 ? 203 SO4 B O1  1 
HETATM 1585 O O2  . SO4 D 4 .   ? -11.146 14.717  6.238   1.00 39.89 ? 203 SO4 B O2  1 
HETATM 1586 O O3  . SO4 D 4 .   ? -9.315  14.994  4.765   1.00 40.74 ? 203 SO4 B O3  1 
HETATM 1587 O O4  . SO4 D 4 .   ? -11.135 13.609  4.171   1.00 37.97 ? 203 SO4 B O4  1 
HETATM 1588 O O   . HOH E 5 .   ? 3.606   16.593  5.966   1.00 20.95 ? 301 HOH B O   1 
HETATM 1589 O O   . HOH E 5 .   ? -17.250 6.402   10.945  1.00 19.13 ? 302 HOH B O   1 
HETATM 1590 O O   . HOH E 5 .   ? 3.888   -8.672  -14.443 1.00 24.35 ? 303 HOH B O   1 
HETATM 1591 O O   . HOH E 5 .   ? -17.738 -14.100 11.237  1.00 15.89 ? 304 HOH B O   1 
HETATM 1592 O O   . HOH E 5 .   ? 16.766  10.160  8.229   1.00 12.45 ? 305 HOH B O   1 
HETATM 1593 O O   . HOH E 5 .   ? -10.562 6.036   -10.250 1.00 28.05 ? 306 HOH B O   1 
HETATM 1594 O O   . HOH E 5 .   ? -18.918 -8.666  -10.687 1.00 16.09 ? 307 HOH B O   1 
HETATM 1595 O O   . HOH E 5 .   ? -12.114 -10.048 -11.125 1.00 29.13 ? 308 HOH B O   1 
HETATM 1596 O O   . HOH E 5 .   ? 11.780  8.766   12.709  1.00 13.74 ? 309 HOH B O   1 
HETATM 1597 O O   . HOH E 5 .   ? -13.522 -7.824  -13.160 1.00 21.05 ? 310 HOH B O   1 
HETATM 1598 O O   . HOH E 5 .   ? -5.806  7.915   8.624   1.00 24.81 ? 311 HOH B O   1 
HETATM 1599 O O   . HOH E 5 .   ? -14.299 -0.432  -18.722 1.00 37.42 ? 312 HOH B O   1 
HETATM 1600 O O   . HOH E 5 .   ? -6.476  4.384   17.299  1.00 25.83 ? 313 HOH B O   1 
HETATM 1601 O O   . HOH E 5 .   ? -4.854  -12.699 9.814   1.00 17.20 ? 314 HOH B O   1 
HETATM 1602 O O   . HOH E 5 .   ? -2.585  6.262   14.917  1.00 31.80 ? 315 HOH B O   1 
HETATM 1603 O O   . HOH E 5 .   ? -6.495  12.203  -2.000  1.00 21.95 ? 316 HOH B O   1 
HETATM 1604 O O   . HOH E 5 .   ? 16.360  8.985   -4.846  1.00 26.09 ? 317 HOH B O   1 
HETATM 1605 O O   . HOH E 5 .   ? -10.900 -12.948 -0.568  1.00 14.10 ? 318 HOH B O   1 
HETATM 1606 O O   . HOH E 5 .   ? 11.484  -5.960  -10.969 1.00 26.35 ? 319 HOH B O   1 
HETATM 1607 O O   . HOH E 5 .   ? 10.217  18.248  -6.744  1.00 24.63 ? 320 HOH B O   1 
HETATM 1608 O O   . HOH E 5 .   ? -3.579  -3.225  -11.817 1.00 13.12 ? 321 HOH B O   1 
HETATM 1609 O O   . HOH E 5 .   ? 5.701   19.389  0.109   1.00 34.53 ? 322 HOH B O   1 
HETATM 1610 O O   . HOH E 5 .   ? 20.109  5.117   5.917   1.00 43.78 ? 323 HOH B O   1 
HETATM 1611 O O   . HOH E 5 .   ? -3.775  -11.438 -6.768  1.00 26.43 ? 324 HOH B O   1 
HETATM 1612 O O   . HOH E 5 .   ? 1.806   -15.733 10.801  1.00 28.03 ? 325 HOH B O   1 
HETATM 1613 O O   . HOH E 5 .   ? 4.673   10.095  13.363  1.00 28.63 ? 326 HOH B O   1 
HETATM 1614 O O   . HOH E 5 .   ? 11.026  9.972   -10.658 1.00 15.62 ? 327 HOH B O   1 
HETATM 1615 O O   . HOH E 5 .   ? -6.289  11.811  9.195   1.00 33.59 ? 328 HOH B O   1 
HETATM 1616 O O   . HOH E 5 .   ? -11.204 -1.620  -11.711 1.00 13.86 ? 329 HOH B O   1 
HETATM 1617 O O   . HOH E 5 .   ? -6.728  15.360  2.534   1.00 29.92 ? 330 HOH B O   1 
HETATM 1618 O O   . HOH E 5 .   ? -8.189  16.087  -9.795  1.00 38.37 ? 331 HOH B O   1 
HETATM 1619 O O   . HOH E 5 .   ? 18.433  8.146   1.477   1.00 26.74 ? 332 HOH B O   1 
HETATM 1620 O O   . HOH E 5 .   ? 3.734   -16.036 -0.062  1.00 21.24 ? 333 HOH B O   1 
HETATM 1621 O O   . HOH E 5 .   ? 0.286   0.066   14.740  1.00 19.86 ? 334 HOH B O   1 
HETATM 1622 O O   . HOH E 5 .   ? -1.553  9.458   -0.806  1.00 9.39  ? 335 HOH B O   1 
HETATM 1623 O O   . HOH E 5 .   ? -0.239  -12.207 -13.066 1.00 28.80 ? 336 HOH B O   1 
HETATM 1624 O O   . HOH E 5 .   ? 19.715  0.262   0.730   1.00 29.22 ? 337 HOH B O   1 
HETATM 1625 O O   . HOH E 5 .   ? 20.143  7.366   4.972   1.00 41.20 ? 338 HOH B O   1 
HETATM 1626 O O   . HOH E 5 .   ? 10.134  -5.405  -15.052 1.00 27.27 ? 339 HOH B O   1 
HETATM 1627 O O   . HOH E 5 .   ? 12.515  7.935   -7.708  1.00 21.05 ? 340 HOH B O   1 
HETATM 1628 O O   . HOH E 5 .   ? 2.852   14.848  -5.678  1.00 14.60 ? 341 HOH B O   1 
HETATM 1629 O O   . HOH E 5 .   ? -19.416 -10.756 2.857   1.00 23.88 ? 342 HOH B O   1 
HETATM 1630 O O   . HOH E 5 .   ? -18.333 -17.210 1.600   1.00 24.29 ? 343 HOH B O   1 
HETATM 1631 O O   . HOH E 5 .   ? -11.397 -1.726  14.574  1.00 23.07 ? 344 HOH B O   1 
HETATM 1632 O O   . HOH E 5 .   ? -16.202 2.355   4.950   1.00 23.67 ? 345 HOH B O   1 
HETATM 1633 O O   . HOH E 5 .   ? -14.900 6.582   -11.522 1.00 22.22 ? 346 HOH B O   1 
HETATM 1634 O O   . HOH E 5 .   ? -11.337 -7.561  -1.517  1.00 11.93 ? 347 HOH B O   1 
HETATM 1635 O O   . HOH E 5 .   ? 1.597   4.549   -19.822 1.00 25.90 ? 348 HOH B O   1 
HETATM 1636 O O   . HOH E 5 .   ? 12.198  15.646  -2.998  1.00 14.95 ? 349 HOH B O   1 
HETATM 1637 O O   . HOH E 5 .   ? 9.381   -7.538  0.224   1.00 15.07 ? 350 HOH B O   1 
HETATM 1638 O O   . HOH E 5 .   ? 2.454   -11.633 -13.542 1.00 28.86 ? 351 HOH B O   1 
HETATM 1639 O O   . HOH E 5 .   ? -22.379 -6.768  -2.709  1.00 23.75 ? 352 HOH B O   1 
HETATM 1640 O O   . HOH E 5 .   ? -14.519 -11.480 -0.478  1.00 29.15 ? 353 HOH B O   1 
HETATM 1641 O O   . HOH E 5 .   ? 0.078   11.584  -13.191 1.00 15.35 ? 354 HOH B O   1 
HETATM 1642 O O   . HOH E 5 .   ? 0.394   11.900  11.969  1.00 22.53 ? 355 HOH B O   1 
HETATM 1643 O O   . HOH E 5 .   ? 8.262   -7.555  -2.303  1.00 12.96 ? 356 HOH B O   1 
HETATM 1644 O O   . HOH E 5 .   ? -9.251  4.341   -0.668  1.00 28.66 ? 357 HOH B O   1 
HETATM 1645 O O   . HOH E 5 .   ? -15.349 -3.188  -10.058 1.00 17.44 ? 358 HOH B O   1 
HETATM 1646 O O   . HOH E 5 .   ? 1.020   10.371  -15.304 1.00 12.94 ? 359 HOH B O   1 
HETATM 1647 O O   . HOH E 5 .   ? 7.859   -14.363 5.603   1.00 29.75 ? 360 HOH B O   1 
HETATM 1648 O O   . HOH E 5 .   ? 19.149  10.700  -1.838  1.00 24.87 ? 361 HOH B O   1 
HETATM 1649 O O   . HOH E 5 .   ? 12.520  6.427   14.183  1.00 23.94 ? 362 HOH B O   1 
HETATM 1650 O O   . HOH E 5 .   ? -11.814 -1.924  21.533  1.00 20.95 ? 363 HOH B O   1 
HETATM 1651 O O   . HOH E 5 .   ? -3.879  10.488  9.588   1.00 15.80 ? 364 HOH B O   1 
HETATM 1652 O O   . HOH E 5 .   ? -12.865 5.582   -13.385 1.00 27.38 ? 365 HOH B O   1 
HETATM 1653 O O   . HOH E 5 .   ? -10.086 -15.576 18.702  1.00 22.40 ? 366 HOH B O   1 
HETATM 1654 O O   . HOH E 5 .   ? -6.208  -7.586  18.985  1.00 19.13 ? 367 HOH B O   1 
HETATM 1655 O O   . HOH E 5 .   ? 2.450   15.949  3.956   1.00 25.58 ? 368 HOH B O   1 
HETATM 1656 O O   . HOH E 5 .   ? -7.469  7.821   -13.834 1.00 31.51 ? 369 HOH B O   1 
HETATM 1657 O O   . HOH E 5 .   ? 8.622   -6.177  -18.745 1.00 38.06 ? 370 HOH B O   1 
HETATM 1658 O O   . HOH E 5 .   ? 1.235   7.620   -14.836 1.00 12.80 ? 371 HOH B O   1 
HETATM 1659 O O   . HOH E 5 .   ? -10.744 3.534   9.527   1.00 10.70 ? 372 HOH B O   1 
HETATM 1660 O O   . HOH E 5 .   ? -11.917 -5.182  15.431  1.00 19.66 ? 373 HOH B O   1 
HETATM 1661 O O   . HOH E 5 .   ? 6.732   5.980   -17.632 1.00 15.71 ? 374 HOH B O   1 
HETATM 1662 O O   . HOH E 5 .   ? 3.829   -13.867 -1.538  1.00 27.86 ? 375 HOH B O   1 
HETATM 1663 O O   . HOH E 5 .   ? 16.727  7.452   11.598  1.00 27.56 ? 376 HOH B O   1 
HETATM 1664 O O   . HOH E 5 .   ? -7.790  -9.522  10.653  1.00 16.18 ? 377 HOH B O   1 
HETATM 1665 O O   . HOH E 5 .   ? -9.106  -9.258  -1.060  1.00 10.74 ? 378 HOH B O   1 
HETATM 1666 O O   . HOH E 5 .   ? -15.641 9.186   10.533  1.00 25.49 ? 379 HOH B O   1 
HETATM 1667 O O   . HOH E 5 .   ? -5.101  -4.918  -10.250 1.00 11.92 ? 380 HOH B O   1 
HETATM 1668 O O   . HOH E 5 .   ? -13.152 -7.299  16.745  1.00 16.56 ? 381 HOH B O   1 
HETATM 1669 O O   . HOH E 5 .   ? 3.082   -1.017  0.212   1.00 9.68  ? 382 HOH B O   1 
HETATM 1670 O O   . HOH E 5 .   ? 11.018  17.032  1.043   1.00 22.49 ? 383 HOH B O   1 
HETATM 1671 O O   . HOH E 5 .   ? 3.325   2.210   -16.714 1.00 15.68 ? 384 HOH B O   1 
HETATM 1672 O O   . HOH E 5 .   ? 4.348   15.354  1.860   1.00 14.78 ? 385 HOH B O   1 
HETATM 1673 O O   . HOH E 5 .   ? -10.213 -10.505 -7.664  1.00 13.03 ? 386 HOH B O   1 
HETATM 1674 O O   . HOH E 5 .   ? -17.201 -6.260  11.718  1.00 15.59 ? 387 HOH B O   1 
HETATM 1675 O O   . HOH E 5 .   ? -7.713  -0.226  -16.616 1.00 39.54 ? 388 HOH B O   1 
HETATM 1676 O O   . HOH E 5 .   ? -12.212 0.213   16.928  1.00 26.33 ? 389 HOH B O   1 
HETATM 1677 O O   . HOH E 5 .   ? 15.403  6.126   13.968  1.00 21.79 ? 390 HOH B O   1 
HETATM 1678 O O   . HOH E 5 .   ? 17.392  4.818   10.881  1.00 33.45 ? 391 HOH B O   1 
HETATM 1679 O O   . HOH E 5 .   ? -16.324 4.773   6.214   1.00 28.92 ? 392 HOH B O   1 
HETATM 1680 O O   . HOH E 5 .   ? -5.643  5.513   -15.286 1.00 18.54 ? 393 HOH B O   1 
HETATM 1681 O O   . HOH E 5 .   ? -4.738  -10.133 14.895  1.00 24.24 ? 394 HOH B O   1 
HETATM 1682 O O   . HOH E 5 .   ? 2.787   4.906   -16.108 1.00 13.56 ? 395 HOH B O   1 
HETATM 1683 O O   . HOH E 5 .   ? 15.246  3.209   9.286   1.00 25.88 ? 396 HOH B O   1 
HETATM 1684 O O   . HOH E 5 .   ? -9.024  -6.398  -12.867 1.00 44.52 ? 397 HOH B O   1 
HETATM 1685 O O   . HOH E 5 .   ? 5.468   15.588  -6.212  1.00 19.79 ? 398 HOH B O   1 
HETATM 1686 O O   . HOH E 5 .   ? -13.885 -0.656  -8.932  1.00 17.06 ? 399 HOH B O   1 
HETATM 1687 O O   . HOH E 5 .   ? -3.388  9.912   14.746  1.00 33.84 ? 400 HOH B O   1 
HETATM 1688 O O   . HOH E 5 .   ? -13.228 -12.095 -7.039  1.00 14.09 ? 401 HOH B O   1 
HETATM 1689 O O   . HOH E 5 .   ? 11.705  4.021   12.815  1.00 22.82 ? 402 HOH B O   1 
HETATM 1690 O O   . HOH E 5 .   ? -1.649  -19.428 5.409   1.00 30.37 ? 403 HOH B O   1 
HETATM 1691 O O   . HOH E 5 .   ? -16.100 -9.236  1.741   1.00 22.53 ? 404 HOH B O   1 
HETATM 1692 O O   . HOH E 5 .   ? -4.198  -14.580 2.831   1.00 20.90 ? 405 HOH B O   1 
HETATM 1693 O O   . HOH E 5 .   ? -7.553  -11.858 18.471  1.00 32.76 ? 406 HOH B O   1 
HETATM 1694 O O   . HOH E 5 .   ? -14.030 -15.587 5.070   1.00 19.21 ? 407 HOH B O   1 
HETATM 1695 O O   . HOH E 5 .   ? 11.601  3.596   -15.101 1.00 28.75 ? 408 HOH B O   1 
HETATM 1696 O O   . HOH E 5 .   ? 4.483   -8.506  12.819  1.00 33.18 ? 409 HOH B O   1 
HETATM 1697 O O   . HOH E 5 .   ? 2.147   1.214   -19.066 1.00 20.91 ? 410 HOH B O   1 
HETATM 1698 O O   . HOH E 5 .   ? 19.707  2.683   2.241   1.00 23.56 ? 411 HOH B O   1 
HETATM 1699 O O   . HOH E 5 .   ? 15.074  -6.813  4.460   1.00 26.80 ? 412 HOH B O   1 
HETATM 1700 O O   . HOH E 5 .   ? 9.711   5.299   -17.255 1.00 22.02 ? 413 HOH B O   1 
HETATM 1701 O O   . HOH E 5 .   ? 11.434  -2.094  11.572  1.00 22.82 ? 414 HOH B O   1 
HETATM 1702 O O   . HOH E 5 .   ? -12.886 -6.664  21.167  1.00 17.68 ? 415 HOH B O   1 
HETATM 1703 O O   . HOH E 5 .   ? -23.196 4.763   8.144   1.00 40.95 ? 416 HOH B O   1 
HETATM 1704 O O   . HOH E 5 .   ? -3.949  -14.993 0.226   1.00 21.97 ? 417 HOH B O   1 
HETATM 1705 O O   . HOH E 5 .   ? -16.573 -13.130 -4.169  1.00 17.58 ? 418 HOH B O   1 
HETATM 1706 O O   . HOH E 5 .   ? -11.471 1.383   0.599   1.00 29.38 ? 419 HOH B O   1 
HETATM 1707 O O   . HOH E 5 .   ? -7.284  -2.181  -14.789 1.00 28.09 ? 420 HOH B O   1 
HETATM 1708 O O   . HOH E 5 .   ? -13.058 -0.947  -2.793  1.00 13.26 ? 421 HOH B O   1 
HETATM 1709 O O   . HOH E 5 .   ? -13.319 -17.063 9.625   1.00 29.50 ? 422 HOH B O   1 
HETATM 1710 O O   . HOH E 5 .   ? -11.203 -3.668  12.473  1.00 15.15 ? 423 HOH B O   1 
HETATM 1711 O O   . HOH E 5 .   ? 2.006   -18.878 4.109   1.00 24.93 ? 424 HOH B O   1 
HETATM 1712 O O   . HOH E 5 .   ? 7.127   -14.215 -0.875  1.00 32.93 ? 425 HOH B O   1 
HETATM 1713 O O   . HOH E 5 .   ? 11.333  1.441   -18.229 1.00 42.49 ? 426 HOH B O   1 
HETATM 1714 O O   . HOH E 5 .   ? -0.291  4.855   20.141  1.00 30.16 ? 427 HOH B O   1 
HETATM 1715 O O   . HOH E 5 .   ? -12.322 -13.493 -9.580  1.00 27.27 ? 428 HOH B O   1 
HETATM 1716 O O   . HOH E 5 .   ? 11.110  -3.791  -12.930 1.00 23.17 ? 429 HOH B O   1 
HETATM 1717 O O   . HOH E 5 .   ? -19.512 -10.128 10.316  0.50 22.01 ? 430 HOH B O   1 
HETATM 1718 O O   . HOH E 5 .   ? -9.576  -2.642  -13.725 1.00 23.14 ? 431 HOH B O   1 
HETATM 1719 O O   . HOH E 5 .   ? -7.747  -15.674 -5.648  1.00 30.98 ? 432 HOH B O   1 
HETATM 1720 O O   . HOH E 5 .   ? -2.117  11.985  11.343  1.00 31.70 ? 433 HOH B O   1 
HETATM 1721 O O   . HOH E 5 .   ? 3.806   16.856  -0.510  1.00 32.86 ? 434 HOH B O   1 
HETATM 1722 O O   . HOH E 5 .   ? 21.667  9.400   6.288   1.00 27.86 ? 435 HOH B O   1 
HETATM 1723 O O   . HOH E 5 .   ? 5.671   -19.356 7.224   1.00 28.55 ? 436 HOH B O   1 
HETATM 1724 O O   . HOH E 5 .   ? -13.444 -14.899 -1.296  1.00 22.85 ? 437 HOH B O   1 
HETATM 1725 O O   . HOH E 5 .   ? 3.975   -14.725 -4.027  1.00 34.96 ? 438 HOH B O   1 
HETATM 1726 O O   . HOH E 5 .   ? -8.260  4.692   19.029  1.00 33.35 ? 439 HOH B O   1 
HETATM 1727 O O   . HOH E 5 .   ? -8.010  -14.196 19.615  1.00 34.98 ? 440 HOH B O   1 
HETATM 1728 O O   . HOH E 5 .   ? 12.950  10.639  -8.656  1.00 27.60 ? 441 HOH B O   1 
HETATM 1729 O O   . HOH E 5 .   ? 1.286   16.972  -4.889  1.00 21.70 ? 442 HOH B O   1 
HETATM 1730 O O   . HOH E 5 .   ? 13.492  14.973  -5.567  1.00 32.63 ? 443 HOH B O   1 
HETATM 1731 O O   . HOH E 5 .   ? 4.112   19.518  2.220   1.00 23.83 ? 444 HOH B O   1 
HETATM 1732 O O   . HOH E 5 .   ? -13.598 2.926   0.682   1.00 26.54 ? 445 HOH B O   1 
# 
